data_2MNJ
#
_entry.id   2MNJ
#
loop_
_entity.id
_entity.type
_entity.pdbx_description
1 polymer 'TPR repeat-containing protein associated with Hsp90'
2 polymer 'Protein interacting with Hsp90 1'
#
loop_
_entity_poly.entity_id
_entity_poly.type
_entity_poly.pdbx_seq_one_letter_code
_entity_poly.pdbx_strand_id
1 'polypeptide(L)' GPHMSVQIPVVEVDELPEGYDRS A
2 'polypeptide(L)'
;PHEQQEDVPEYEVKMKRFKGAAYKLRILIENKAPNSKPDRFSPSYNFAENILYINGKLSIPLPRDIVVNAADIKIFHIRK
ERTLYIYI
;
B
#
# COMPACT_ATOMS: atom_id res chain seq x y z
N GLY A 1 24.52 1.23 8.68
CA GLY A 1 23.84 1.69 7.45
C GLY A 1 22.77 2.72 7.75
N PRO A 2 22.03 3.17 6.73
CA PRO A 2 20.98 4.17 6.89
C PRO A 2 19.70 3.57 7.46
N HIS A 3 19.75 3.20 8.73
CA HIS A 3 18.62 2.56 9.38
C HIS A 3 17.57 3.59 9.79
N MET A 4 16.89 4.14 8.81
CA MET A 4 15.80 5.07 9.05
C MET A 4 14.52 4.54 8.42
N SER A 5 13.47 4.46 9.23
CA SER A 5 12.18 4.00 8.74
C SER A 5 11.07 4.83 9.39
N VAL A 6 10.14 5.29 8.58
CA VAL A 6 9.06 6.14 9.05
C VAL A 6 7.71 5.49 8.82
N GLN A 7 6.80 5.68 9.75
CA GLN A 7 5.47 5.10 9.63
C GLN A 7 4.59 6.01 8.80
N ILE A 8 3.81 5.44 7.90
CA ILE A 8 2.95 6.23 7.05
C ILE A 8 1.51 6.11 7.51
N PRO A 9 0.88 7.23 7.87
CA PRO A 9 -0.52 7.24 8.29
C PRO A 9 -1.47 6.92 7.14
N VAL A 10 -2.31 5.93 7.35
CA VAL A 10 -3.25 5.52 6.32
C VAL A 10 -4.65 6.02 6.67
N VAL A 11 -5.26 6.68 5.70
CA VAL A 11 -6.61 7.20 5.87
C VAL A 11 -7.61 6.20 5.31
N GLU A 12 -8.57 5.79 6.12
CA GLU A 12 -9.60 4.87 5.67
C GLU A 12 -10.81 5.62 5.17
N VAL A 13 -10.85 5.80 3.88
CA VAL A 13 -11.90 6.54 3.22
C VAL A 13 -12.81 5.59 2.46
N ASP A 14 -13.86 6.12 1.86
CA ASP A 14 -14.75 5.33 1.05
C ASP A 14 -14.32 5.43 -0.40
N GLU A 15 -13.46 6.41 -0.65
CA GLU A 15 -12.82 6.61 -1.94
C GLU A 15 -11.87 7.79 -1.88
N LEU A 16 -11.02 7.93 -2.89
CA LEU A 16 -10.05 9.02 -2.93
C LEU A 16 -10.74 10.33 -3.25
N PRO A 17 -10.20 11.45 -2.75
CA PRO A 17 -10.72 12.78 -3.06
C PRO A 17 -10.43 13.16 -4.51
N GLU A 18 -11.06 14.23 -4.97
CA GLU A 18 -10.89 14.68 -6.34
C GLU A 18 -9.44 15.01 -6.63
N GLY A 19 -8.99 14.64 -7.82
CA GLY A 19 -7.60 14.84 -8.19
C GLY A 19 -6.86 13.53 -8.29
N TYR A 20 -7.36 12.52 -7.59
CA TYR A 20 -6.75 11.19 -7.61
C TYR A 20 -7.29 10.36 -8.78
N ASP A 21 -6.59 9.29 -9.09
CA ASP A 21 -6.99 8.40 -10.18
C ASP A 21 -7.43 7.06 -9.63
N ARG A 22 -8.73 6.90 -9.44
CA ARG A 22 -9.29 5.66 -8.96
C ARG A 22 -9.89 4.88 -10.12
N SER A 23 -9.83 3.56 -10.02
CA SER A 23 -10.37 2.70 -11.06
C SER A 23 -11.45 1.81 -10.47
N PRO B 1 -10.72 -31.33 5.95
CA PRO B 1 -10.20 -30.11 6.61
C PRO B 1 -9.29 -30.47 7.78
N HIS B 2 -8.00 -30.26 7.60
CA HIS B 2 -7.03 -30.53 8.66
C HIS B 2 -6.16 -29.32 8.90
N GLU B 3 -5.68 -28.70 7.83
CA GLU B 3 -4.78 -27.56 7.93
C GLU B 3 -5.06 -26.56 6.83
N GLN B 4 -6.32 -26.44 6.45
CA GLN B 4 -6.73 -25.48 5.45
C GLN B 4 -7.27 -24.23 6.13
N GLN B 5 -7.05 -23.08 5.52
CA GLN B 5 -7.52 -21.83 6.10
C GLN B 5 -8.22 -20.98 5.06
N GLU B 6 -9.12 -20.14 5.56
CA GLU B 6 -9.87 -19.21 4.73
C GLU B 6 -9.78 -17.81 5.33
N ASP B 7 -9.29 -17.75 6.56
CA ASP B 7 -9.13 -16.49 7.27
C ASP B 7 -7.85 -15.79 6.83
N VAL B 8 -7.03 -16.51 6.07
CA VAL B 8 -5.81 -15.95 5.51
C VAL B 8 -6.15 -14.91 4.45
N PRO B 9 -5.65 -13.69 4.64
CA PRO B 9 -5.87 -12.60 3.69
C PRO B 9 -5.10 -12.81 2.40
N GLU B 10 -5.80 -12.69 1.29
CA GLU B 10 -5.21 -12.82 -0.02
C GLU B 10 -5.24 -11.47 -0.72
N TYR B 11 -4.13 -10.77 -0.69
CA TYR B 11 -4.03 -9.47 -1.32
C TYR B 11 -3.57 -9.59 -2.77
N GLU B 12 -3.95 -8.63 -3.58
CA GLU B 12 -3.54 -8.61 -4.97
C GLU B 12 -2.98 -7.23 -5.31
N VAL B 13 -1.72 -7.22 -5.70
CA VAL B 13 -0.99 -5.98 -5.97
C VAL B 13 -0.98 -5.66 -7.47
N LYS B 14 -1.30 -4.42 -7.80
CA LYS B 14 -1.25 -3.94 -9.18
C LYS B 14 -0.39 -2.69 -9.22
N MET B 15 0.53 -2.63 -10.17
CA MET B 15 1.46 -1.51 -10.24
C MET B 15 1.29 -0.74 -11.54
N LYS B 16 1.36 0.58 -11.47
CA LYS B 16 1.10 1.42 -12.64
C LYS B 16 2.00 2.65 -12.62
N ARG B 17 2.63 2.93 -13.76
CA ARG B 17 3.57 4.04 -13.86
C ARG B 17 2.89 5.31 -14.37
N PHE B 18 3.17 6.42 -13.72
CA PHE B 18 2.61 7.71 -14.10
C PHE B 18 3.72 8.72 -14.43
N LYS B 19 3.55 9.44 -15.52
CA LYS B 19 4.51 10.45 -15.92
C LYS B 19 3.88 11.83 -15.90
N GLY B 20 4.42 12.72 -15.07
CA GLY B 20 3.96 14.09 -15.05
C GLY B 20 2.72 14.29 -14.18
N ALA B 21 2.46 13.37 -13.28
CA ALA B 21 1.31 13.46 -12.41
C ALA B 21 1.75 13.77 -10.99
N ALA B 22 0.80 14.05 -10.11
CA ALA B 22 1.10 14.29 -8.70
C ALA B 22 1.73 13.06 -8.07
N TYR B 23 1.51 11.92 -8.71
CA TYR B 23 2.08 10.67 -8.29
C TYR B 23 2.77 10.01 -9.47
N LYS B 24 3.90 9.38 -9.22
CA LYS B 24 4.69 8.79 -10.29
C LYS B 24 4.40 7.31 -10.38
N LEU B 25 3.89 6.76 -9.29
CA LEU B 25 3.57 5.36 -9.24
C LEU B 25 2.26 5.14 -8.50
N ARG B 26 1.38 4.32 -9.08
CA ARG B 26 0.14 3.95 -8.42
C ARG B 26 0.16 2.46 -8.12
N ILE B 27 0.01 2.10 -6.85
CA ILE B 27 0.03 0.70 -6.45
C ILE B 27 -1.30 0.37 -5.81
N LEU B 28 -1.93 -0.69 -6.28
CA LEU B 28 -3.23 -1.10 -5.80
C LEU B 28 -3.13 -2.45 -5.09
N ILE B 29 -3.52 -2.48 -3.84
CA ILE B 29 -3.50 -3.73 -3.08
C ILE B 29 -4.87 -3.98 -2.47
N GLU B 30 -5.61 -4.91 -3.06
CA GLU B 30 -6.94 -5.22 -2.57
C GLU B 30 -6.94 -6.56 -1.86
N ASN B 31 -7.86 -6.72 -0.93
CA ASN B 31 -8.01 -7.95 -0.17
C ASN B 31 -9.11 -8.78 -0.78
N LYS B 32 -8.72 -9.86 -1.45
CA LYS B 32 -9.69 -10.72 -2.11
C LYS B 32 -9.43 -12.18 -1.73
N ALA B 33 -10.14 -12.63 -0.71
CA ALA B 33 -9.99 -13.99 -0.22
C ALA B 33 -11.38 -14.56 0.08
N PRO B 34 -11.50 -15.88 0.31
CA PRO B 34 -12.79 -16.48 0.68
C PRO B 34 -13.40 -15.76 1.87
N ASN B 35 -12.58 -15.58 2.89
CA ASN B 35 -13.01 -14.87 4.09
C ASN B 35 -12.05 -13.74 4.42
N SER B 36 -10.90 -14.11 4.95
CA SER B 36 -9.88 -13.18 5.39
C SER B 36 -10.33 -12.38 6.61
N LYS B 37 -9.43 -12.20 7.54
CA LYS B 37 -9.72 -11.46 8.76
C LYS B 37 -8.66 -10.38 9.04
N PRO B 38 -8.68 -9.27 8.28
CA PRO B 38 -7.78 -8.16 8.52
C PRO B 38 -8.10 -7.44 9.82
N ASP B 39 -7.08 -7.02 10.53
CA ASP B 39 -7.26 -6.34 11.80
C ASP B 39 -6.93 -4.86 11.67
N ARG B 40 -5.65 -4.58 11.49
CA ARG B 40 -5.20 -3.20 11.40
C ARG B 40 -4.37 -3.00 10.13
N PHE B 41 -4.15 -1.74 9.80
CA PHE B 41 -3.26 -1.38 8.71
C PHE B 41 -2.24 -0.38 9.20
N SER B 42 -0.99 -0.83 9.28
CA SER B 42 0.08 0.03 9.74
C SER B 42 1.24 -0.01 8.76
N PRO B 43 1.13 0.73 7.66
CA PRO B 43 2.17 0.81 6.65
C PRO B 43 3.29 1.76 7.06
N SER B 44 4.49 1.47 6.60
CA SER B 44 5.65 2.27 6.95
C SER B 44 6.71 2.18 5.87
N TYR B 45 7.38 3.30 5.61
CA TYR B 45 8.40 3.37 4.59
C TYR B 45 9.78 3.38 5.22
N ASN B 46 10.56 2.38 4.91
CA ASN B 46 11.93 2.30 5.39
C ASN B 46 12.91 2.76 4.32
N PHE B 47 13.60 3.87 4.60
CA PHE B 47 14.54 4.47 3.66
C PHE B 47 15.71 3.53 3.41
N ALA B 48 16.00 2.69 4.40
CA ALA B 48 17.10 1.74 4.33
C ALA B 48 16.99 0.87 3.09
N GLU B 49 15.80 0.35 2.84
CA GLU B 49 15.59 -0.55 1.71
C GLU B 49 14.70 0.11 0.67
N ASN B 50 14.33 1.36 0.93
CA ASN B 50 13.41 2.15 0.10
C ASN B 50 12.13 1.37 -0.23
N ILE B 51 11.57 0.72 0.79
CA ILE B 51 10.39 -0.09 0.60
C ILE B 51 9.25 0.35 1.53
N LEU B 52 8.05 0.39 1.00
CA LEU B 52 6.86 0.73 1.75
C LEU B 52 6.09 -0.54 2.08
N TYR B 53 6.18 -1.00 3.32
CA TYR B 53 5.49 -2.22 3.70
C TYR B 53 4.12 -1.87 4.27
N ILE B 54 3.14 -2.71 3.95
CA ILE B 54 1.77 -2.48 4.38
C ILE B 54 1.52 -3.12 5.74
N ASN B 55 1.83 -4.40 5.83
CA ASN B 55 1.70 -5.15 7.06
C ASN B 55 2.70 -6.30 7.01
N GLY B 56 2.77 -7.07 8.08
CA GLY B 56 3.70 -8.18 8.14
C GLY B 56 3.22 -9.38 7.34
N LYS B 57 2.65 -9.11 6.18
CA LYS B 57 2.15 -10.14 5.31
C LYS B 57 2.68 -9.86 3.90
N LEU B 58 2.78 -8.57 3.55
CA LEU B 58 3.35 -8.16 2.27
C LEU B 58 3.90 -6.74 2.34
N SER B 59 4.89 -6.47 1.50
CA SER B 59 5.49 -5.16 1.42
C SER B 59 5.55 -4.70 -0.05
N ILE B 60 5.46 -3.40 -0.26
CA ILE B 60 5.52 -2.84 -1.60
C ILE B 60 6.84 -2.12 -1.82
N PRO B 61 7.77 -2.76 -2.54
CA PRO B 61 9.07 -2.16 -2.83
C PRO B 61 8.98 -1.10 -3.91
N LEU B 62 9.64 0.01 -3.68
CA LEU B 62 9.66 1.09 -4.65
C LEU B 62 10.93 1.01 -5.48
N PRO B 63 10.83 1.28 -6.77
CA PRO B 63 12.00 1.31 -7.65
C PRO B 63 12.95 2.42 -7.25
N ARG B 64 14.24 2.12 -7.29
CA ARG B 64 15.26 3.06 -6.83
C ARG B 64 15.39 4.24 -7.79
N ASP B 65 14.60 4.20 -8.86
CA ASP B 65 14.56 5.26 -9.84
C ASP B 65 13.73 6.42 -9.33
N ILE B 66 12.94 6.15 -8.31
CA ILE B 66 12.04 7.12 -7.73
C ILE B 66 12.52 7.53 -6.34
N VAL B 67 12.47 8.82 -6.06
CA VAL B 67 12.73 9.31 -4.72
C VAL B 67 11.42 9.41 -3.95
N VAL B 68 11.27 8.58 -2.94
CA VAL B 68 10.02 8.49 -2.22
C VAL B 68 10.22 8.79 -0.74
N ASN B 69 9.28 9.53 -0.19
CA ASN B 69 9.32 9.93 1.21
C ASN B 69 7.92 9.86 1.81
N ALA B 70 7.85 9.89 3.14
CA ALA B 70 6.58 9.76 3.86
C ALA B 70 5.61 10.87 3.47
N ALA B 71 6.15 11.97 3.00
CA ALA B 71 5.34 13.13 2.64
C ALA B 71 4.77 13.00 1.23
N ASP B 72 5.35 12.10 0.47
CA ASP B 72 4.97 11.91 -0.92
C ASP B 72 4.09 10.68 -1.05
N ILE B 73 4.25 9.78 -0.09
CA ILE B 73 3.46 8.56 0.00
C ILE B 73 2.03 8.85 0.43
N LYS B 74 1.08 8.58 -0.45
CA LYS B 74 -0.33 8.79 -0.16
C LYS B 74 -1.04 7.44 -0.01
N ILE B 75 -1.37 7.07 1.22
CA ILE B 75 -2.00 5.79 1.50
C ILE B 75 -3.45 5.95 1.94
N PHE B 76 -4.36 5.34 1.18
CA PHE B 76 -5.79 5.42 1.48
C PHE B 76 -6.42 4.05 1.36
N HIS B 77 -7.07 3.61 2.43
CA HIS B 77 -7.72 2.31 2.45
C HIS B 77 -9.23 2.46 2.34
N ILE B 78 -9.79 2.01 1.22
CA ILE B 78 -11.23 2.01 1.04
C ILE B 78 -11.82 0.70 1.57
N ARG B 79 -12.68 0.80 2.56
CA ARG B 79 -13.27 -0.38 3.19
C ARG B 79 -14.45 -0.89 2.37
N LYS B 80 -15.04 0.01 1.59
CA LYS B 80 -16.18 -0.32 0.74
C LYS B 80 -15.84 -1.45 -0.23
N GLU B 81 -14.66 -1.38 -0.83
CA GLU B 81 -14.21 -2.40 -1.77
C GLU B 81 -13.08 -3.23 -1.20
N ARG B 82 -12.70 -2.92 0.04
CA ARG B 82 -11.58 -3.59 0.72
C ARG B 82 -10.29 -3.43 -0.09
N THR B 83 -10.10 -2.25 -0.68
CA THR B 83 -8.96 -2.02 -1.54
C THR B 83 -8.08 -0.92 -0.96
N LEU B 84 -6.77 -1.13 -1.01
CA LEU B 84 -5.84 -0.15 -0.50
C LEU B 84 -5.14 0.56 -1.66
N TYR B 85 -5.40 1.86 -1.79
CA TYR B 85 -4.80 2.66 -2.85
C TYR B 85 -3.52 3.33 -2.38
N ILE B 86 -2.44 3.10 -3.13
CA ILE B 86 -1.15 3.72 -2.86
C ILE B 86 -0.77 4.65 -4.00
N TYR B 87 -0.55 5.92 -3.69
CA TYR B 87 -0.09 6.88 -4.67
C TYR B 87 1.23 7.49 -4.23
N ILE B 88 2.21 7.46 -5.11
CA ILE B 88 3.52 8.02 -4.82
C ILE B 88 4.02 8.82 -6.00
N GLY A 1 17.30 -0.34 9.77
CA GLY A 1 17.96 -0.03 8.48
C GLY A 1 18.90 1.15 8.59
N PRO A 2 20.01 1.15 7.84
CA PRO A 2 21.02 2.21 7.90
C PRO A 2 20.60 3.50 7.17
N HIS A 3 19.46 4.03 7.55
CA HIS A 3 18.98 5.29 6.99
C HIS A 3 17.90 5.87 7.89
N MET A 4 16.69 5.32 7.80
CA MET A 4 15.58 5.67 8.68
C MET A 4 14.30 5.01 8.16
N SER A 5 13.35 4.86 9.05
CA SER A 5 12.07 4.25 8.71
C SER A 5 10.93 5.06 9.32
N VAL A 6 9.97 5.44 8.50
CA VAL A 6 8.86 6.27 8.95
C VAL A 6 7.53 5.59 8.70
N GLN A 7 6.61 5.72 9.63
CA GLN A 7 5.31 5.08 9.49
C GLN A 7 4.36 6.01 8.74
N ILE A 8 3.59 5.45 7.83
CA ILE A 8 2.71 6.26 7.01
C ILE A 8 1.27 6.07 7.44
N PRO A 9 0.60 7.15 7.84
CA PRO A 9 -0.79 7.08 8.29
C PRO A 9 -1.76 6.75 7.17
N VAL A 10 -2.62 5.77 7.41
CA VAL A 10 -3.60 5.36 6.42
C VAL A 10 -4.89 6.16 6.57
N VAL A 11 -5.39 6.69 5.47
CA VAL A 11 -6.69 7.34 5.46
C VAL A 11 -7.74 6.36 4.98
N GLU A 12 -8.62 5.95 5.87
CA GLU A 12 -9.65 4.99 5.52
C GLU A 12 -10.93 5.71 5.10
N VAL A 13 -11.17 5.66 3.81
CA VAL A 13 -12.32 6.33 3.21
C VAL A 13 -13.01 5.40 2.21
N ASP A 14 -14.00 5.93 1.50
CA ASP A 14 -14.72 5.15 0.51
C ASP A 14 -14.31 5.58 -0.90
N GLU A 15 -13.55 6.66 -0.98
CA GLU A 15 -13.06 7.18 -2.25
C GLU A 15 -11.95 8.19 -2.00
N LEU A 16 -11.08 8.38 -2.97
CA LEU A 16 -9.98 9.31 -2.83
C LEU A 16 -10.42 10.73 -3.18
N PRO A 17 -9.70 11.72 -2.65
CA PRO A 17 -9.90 13.13 -3.00
C PRO A 17 -9.79 13.40 -4.50
N GLU A 18 -10.14 14.61 -4.89
CA GLU A 18 -10.07 15.01 -6.29
C GLU A 18 -8.63 15.01 -6.77
N GLY A 19 -8.43 14.59 -8.01
CA GLY A 19 -7.09 14.55 -8.57
C GLY A 19 -6.46 13.19 -8.47
N TYR A 20 -7.11 12.29 -7.72
CA TYR A 20 -6.62 10.93 -7.58
C TYR A 20 -7.16 10.03 -8.67
N ASP A 21 -6.35 9.05 -9.07
CA ASP A 21 -6.72 8.12 -10.13
C ASP A 21 -7.17 6.80 -9.55
N ARG A 22 -8.48 6.59 -9.53
CA ARG A 22 -9.07 5.44 -8.86
C ARG A 22 -9.53 4.37 -9.84
N SER A 23 -9.36 3.13 -9.43
CA SER A 23 -9.80 1.98 -10.20
C SER A 23 -10.64 1.07 -9.31
N PRO B 1 -1.92 -30.90 11.24
CA PRO B 1 -2.59 -29.99 12.20
C PRO B 1 -1.63 -28.93 12.75
N HIS B 2 -0.54 -28.68 12.02
CA HIS B 2 0.42 -27.65 12.39
C HIS B 2 0.90 -26.96 11.13
N GLU B 3 -0.05 -26.64 10.28
CA GLU B 3 0.23 -26.17 8.93
C GLU B 3 0.30 -24.65 8.90
N GLN B 4 0.01 -24.08 7.74
CA GLN B 4 0.02 -22.63 7.56
C GLN B 4 -1.17 -22.00 8.27
N GLN B 5 -1.20 -20.67 8.28
CA GLN B 5 -2.27 -19.93 8.94
C GLN B 5 -3.53 -19.95 8.09
N GLU B 6 -4.67 -19.73 8.74
CA GLU B 6 -5.96 -19.78 8.07
C GLU B 6 -6.56 -18.38 7.95
N ASP B 7 -5.97 -17.42 8.65
CA ASP B 7 -6.45 -16.04 8.64
C ASP B 7 -5.93 -15.30 7.43
N VAL B 8 -5.06 -15.96 6.67
CA VAL B 8 -4.33 -15.34 5.58
C VAL B 8 -5.26 -14.67 4.57
N PRO B 9 -5.20 -13.34 4.49
CA PRO B 9 -5.93 -12.57 3.50
C PRO B 9 -5.23 -12.59 2.15
N GLU B 10 -5.98 -12.90 1.10
CA GLU B 10 -5.43 -12.94 -0.24
C GLU B 10 -5.54 -11.57 -0.87
N TYR B 11 -4.46 -10.81 -0.77
CA TYR B 11 -4.38 -9.51 -1.40
C TYR B 11 -3.96 -9.64 -2.85
N GLU B 12 -4.35 -8.66 -3.65
CA GLU B 12 -3.88 -8.56 -5.01
C GLU B 12 -3.22 -7.20 -5.21
N VAL B 13 -1.93 -7.23 -5.45
CA VAL B 13 -1.16 -6.02 -5.65
C VAL B 13 -1.01 -5.71 -7.15
N LYS B 14 -1.30 -4.47 -7.51
CA LYS B 14 -1.16 -4.01 -8.88
C LYS B 14 -0.27 -2.77 -8.90
N MET B 15 0.55 -2.64 -9.92
CA MET B 15 1.50 -1.54 -9.97
C MET B 15 1.33 -0.76 -11.27
N LYS B 16 1.43 0.56 -11.17
CA LYS B 16 1.18 1.41 -12.33
C LYS B 16 2.11 2.63 -12.32
N ARG B 17 2.70 2.91 -13.48
CA ARG B 17 3.61 4.05 -13.62
C ARG B 17 2.87 5.26 -14.17
N PHE B 18 3.15 6.41 -13.61
CA PHE B 18 2.55 7.65 -14.07
C PHE B 18 3.60 8.62 -14.58
N LYS B 19 3.20 9.45 -15.53
CA LYS B 19 4.07 10.46 -16.11
C LYS B 19 3.43 11.83 -15.99
N GLY B 20 4.00 12.67 -15.15
CA GLY B 20 3.47 14.00 -14.95
C GLY B 20 2.19 14.01 -14.14
N ALA B 21 2.23 13.41 -12.97
CA ALA B 21 1.12 13.43 -12.05
C ALA B 21 1.62 13.69 -10.64
N ALA B 22 0.72 13.91 -9.71
CA ALA B 22 1.10 14.13 -8.31
C ALA B 22 1.81 12.88 -7.78
N TYR B 23 1.51 11.76 -8.40
CA TYR B 23 2.07 10.49 -8.02
C TYR B 23 2.74 9.86 -9.23
N LYS B 24 3.92 9.32 -9.03
CA LYS B 24 4.71 8.77 -10.10
C LYS B 24 4.49 7.27 -10.18
N LEU B 25 4.07 6.71 -9.05
CA LEU B 25 3.82 5.29 -8.96
C LEU B 25 2.52 5.05 -8.19
N ARG B 26 1.65 4.23 -8.76
CA ARG B 26 0.38 3.89 -8.14
C ARG B 26 0.31 2.40 -7.87
N ILE B 27 0.10 2.03 -6.62
CA ILE B 27 0.03 0.62 -6.24
C ILE B 27 -1.34 0.32 -5.65
N LEU B 28 -1.97 -0.73 -6.12
CA LEU B 28 -3.29 -1.12 -5.66
C LEU B 28 -3.22 -2.45 -4.95
N ILE B 29 -3.60 -2.48 -3.69
CA ILE B 29 -3.61 -3.73 -2.93
C ILE B 29 -4.99 -3.98 -2.36
N GLU B 30 -5.73 -4.88 -2.96
CA GLU B 30 -7.07 -5.18 -2.50
C GLU B 30 -7.12 -6.55 -1.85
N ASN B 31 -8.06 -6.72 -0.94
CA ASN B 31 -8.21 -7.97 -0.21
C ASN B 31 -9.35 -8.77 -0.82
N LYS B 32 -9.01 -9.92 -1.39
CA LYS B 32 -10.00 -10.79 -2.00
C LYS B 32 -9.74 -12.25 -1.65
N ALA B 33 -10.34 -12.71 -0.58
CA ALA B 33 -10.23 -14.10 -0.18
C ALA B 33 -11.57 -14.64 0.28
N PRO B 34 -11.78 -15.96 0.15
CA PRO B 34 -13.02 -16.62 0.56
C PRO B 34 -13.20 -16.64 2.08
N ASN B 35 -12.20 -16.15 2.78
CA ASN B 35 -12.20 -16.08 4.22
C ASN B 35 -11.65 -14.73 4.69
N SER B 36 -10.32 -14.64 4.73
CA SER B 36 -9.58 -13.42 5.10
C SER B 36 -10.04 -12.80 6.42
N LYS B 37 -9.15 -12.85 7.39
CA LYS B 37 -9.43 -12.29 8.70
C LYS B 37 -8.41 -11.20 9.03
N PRO B 38 -8.54 -10.01 8.41
CA PRO B 38 -7.64 -8.88 8.63
C PRO B 38 -7.76 -8.33 10.05
N ASP B 39 -6.63 -7.88 10.58
CA ASP B 39 -6.60 -7.32 11.92
C ASP B 39 -6.64 -5.80 11.84
N ARG B 40 -5.60 -5.23 11.22
CA ARG B 40 -5.49 -3.79 11.09
C ARG B 40 -4.46 -3.45 10.02
N PHE B 41 -4.35 -2.18 9.69
CA PHE B 41 -3.36 -1.74 8.71
C PHE B 41 -2.37 -0.80 9.35
N SER B 42 -1.11 -1.22 9.40
CA SER B 42 -0.06 -0.40 9.99
C SER B 42 1.17 -0.42 9.09
N PRO B 43 1.15 0.39 8.03
CA PRO B 43 2.23 0.46 7.05
C PRO B 43 3.32 1.47 7.44
N SER B 44 4.49 1.29 6.85
CA SER B 44 5.61 2.18 7.10
C SER B 44 6.66 2.05 6.01
N TYR B 45 7.29 3.16 5.69
CA TYR B 45 8.28 3.22 4.63
C TYR B 45 9.68 3.28 5.20
N ASN B 46 10.47 2.28 4.86
CA ASN B 46 11.87 2.24 5.27
C ASN B 46 12.77 2.69 4.12
N PHE B 47 13.45 3.81 4.34
CA PHE B 47 14.31 4.41 3.31
C PHE B 47 15.51 3.52 3.02
N ALA B 48 15.87 2.70 4.00
CA ALA B 48 17.03 1.82 3.88
C ALA B 48 16.89 0.88 2.68
N GLU B 49 15.70 0.32 2.50
CA GLU B 49 15.46 -0.58 1.37
C GLU B 49 14.49 0.06 0.40
N ASN B 50 14.15 1.31 0.69
CA ASN B 50 13.17 2.10 -0.08
C ASN B 50 11.89 1.29 -0.33
N ILE B 51 11.44 0.61 0.72
CA ILE B 51 10.26 -0.25 0.61
C ILE B 51 9.16 0.21 1.57
N LEU B 52 7.94 0.26 1.04
CA LEU B 52 6.78 0.62 1.84
C LEU B 52 6.00 -0.66 2.15
N TYR B 53 6.12 -1.12 3.38
CA TYR B 53 5.46 -2.36 3.76
C TYR B 53 4.06 -2.03 4.28
N ILE B 54 3.12 -2.92 4.00
CA ILE B 54 1.73 -2.70 4.39
C ILE B 54 1.40 -3.44 5.67
N ASN B 55 1.61 -4.75 5.65
CA ASN B 55 1.34 -5.60 6.79
C ASN B 55 2.33 -6.75 6.81
N GLY B 56 2.23 -7.62 7.81
CA GLY B 56 3.13 -8.75 7.90
C GLY B 56 2.84 -9.80 6.85
N LYS B 57 1.91 -9.48 5.96
CA LYS B 57 1.52 -10.38 4.89
C LYS B 57 2.31 -10.06 3.63
N LEU B 58 2.41 -8.77 3.33
CA LEU B 58 3.09 -8.33 2.12
C LEU B 58 3.68 -6.92 2.27
N SER B 59 4.73 -6.67 1.51
CA SER B 59 5.37 -5.38 1.48
C SER B 59 5.47 -4.87 0.05
N ILE B 60 5.37 -3.56 -0.13
CA ILE B 60 5.40 -2.97 -1.47
C ILE B 60 6.74 -2.28 -1.72
N PRO B 61 7.57 -2.85 -2.59
CA PRO B 61 8.86 -2.27 -2.94
C PRO B 61 8.73 -1.17 -3.98
N LEU B 62 9.45 -0.09 -3.78
CA LEU B 62 9.42 1.02 -4.72
C LEU B 62 10.64 0.99 -5.61
N PRO B 63 10.51 1.47 -6.85
CA PRO B 63 11.63 1.57 -7.78
C PRO B 63 12.71 2.52 -7.25
N ARG B 64 13.97 2.16 -7.48
CA ARG B 64 15.08 2.94 -6.96
C ARG B 64 15.34 4.18 -7.83
N ASP B 65 14.57 4.32 -8.90
CA ASP B 65 14.70 5.46 -9.79
C ASP B 65 13.75 6.57 -9.39
N ILE B 66 13.02 6.37 -8.30
CA ILE B 66 12.07 7.36 -7.81
C ILE B 66 12.41 7.75 -6.38
N VAL B 67 12.31 9.04 -6.09
CA VAL B 67 12.53 9.56 -4.75
C VAL B 67 11.24 9.46 -3.95
N VAL B 68 11.30 8.76 -2.82
CA VAL B 68 10.11 8.49 -2.04
C VAL B 68 10.28 8.94 -0.59
N ASN B 69 9.31 9.70 -0.11
CA ASN B 69 9.28 10.16 1.27
C ASN B 69 7.86 10.12 1.81
N ALA B 70 7.74 10.15 3.13
CA ALA B 70 6.44 10.01 3.80
C ALA B 70 5.51 11.18 3.50
N ALA B 71 6.07 12.24 2.93
CA ALA B 71 5.28 13.41 2.56
C ALA B 71 4.76 13.29 1.13
N ASP B 72 5.24 12.27 0.44
CA ASP B 72 4.84 12.04 -0.95
C ASP B 72 4.02 10.77 -1.04
N ILE B 73 4.24 9.89 -0.07
CA ILE B 73 3.49 8.64 0.03
C ILE B 73 2.06 8.90 0.52
N LYS B 74 1.10 8.62 -0.34
CA LYS B 74 -0.30 8.82 -0.02
C LYS B 74 -1.01 7.48 0.12
N ILE B 75 -1.24 7.05 1.35
CA ILE B 75 -1.89 5.77 1.60
C ILE B 75 -3.37 5.95 1.98
N PHE B 76 -4.24 5.33 1.20
CA PHE B 76 -5.67 5.42 1.40
C PHE B 76 -6.31 4.03 1.34
N HIS B 77 -6.92 3.61 2.43
CA HIS B 77 -7.57 2.30 2.46
C HIS B 77 -9.07 2.46 2.28
N ILE B 78 -9.56 2.06 1.12
CA ILE B 78 -10.99 2.09 0.86
C ILE B 78 -11.62 0.80 1.34
N ARG B 79 -12.28 0.86 2.48
CA ARG B 79 -12.94 -0.29 3.06
C ARG B 79 -14.17 -0.69 2.24
N LYS B 80 -14.62 0.25 1.41
CA LYS B 80 -15.79 0.02 0.57
C LYS B 80 -15.51 -1.04 -0.49
N GLU B 81 -14.40 -0.89 -1.18
CA GLU B 81 -14.03 -1.81 -2.26
C GLU B 81 -12.98 -2.80 -1.78
N ARG B 82 -12.69 -2.72 -0.48
CA ARG B 82 -11.65 -3.54 0.14
C ARG B 82 -10.32 -3.36 -0.57
N THR B 83 -10.05 -2.14 -1.01
CA THR B 83 -8.88 -1.88 -1.81
C THR B 83 -8.03 -0.78 -1.21
N LEU B 84 -6.74 -1.04 -1.09
CA LEU B 84 -5.80 -0.08 -0.54
C LEU B 84 -5.07 0.63 -1.69
N TYR B 85 -5.26 1.93 -1.76
CA TYR B 85 -4.65 2.75 -2.80
C TYR B 85 -3.35 3.39 -2.30
N ILE B 86 -2.27 3.13 -3.02
CA ILE B 86 -0.98 3.72 -2.71
C ILE B 86 -0.56 4.65 -3.85
N TYR B 87 -0.44 5.93 -3.55
CA TYR B 87 0.03 6.90 -4.53
C TYR B 87 1.35 7.50 -4.07
N ILE B 88 2.36 7.43 -4.92
CA ILE B 88 3.65 8.02 -4.61
C ILE B 88 4.14 8.83 -5.81
N GLY A 1 21.46 2.03 2.16
CA GLY A 1 20.80 3.35 2.20
C GLY A 1 20.70 3.88 3.61
N PRO A 2 20.18 5.10 3.81
CA PRO A 2 20.03 5.70 5.13
C PRO A 2 19.13 4.84 6.02
N HIS A 3 19.67 4.38 7.15
CA HIS A 3 18.95 3.48 8.03
C HIS A 3 17.93 4.23 8.87
N MET A 4 16.95 4.77 8.19
CA MET A 4 15.85 5.48 8.82
C MET A 4 14.54 4.98 8.21
N SER A 5 13.56 4.74 9.05
CA SER A 5 12.27 4.25 8.59
C SER A 5 11.15 5.03 9.26
N VAL A 6 10.08 5.28 8.53
CA VAL A 6 8.97 6.07 9.06
C VAL A 6 7.64 5.36 8.81
N GLN A 7 6.72 5.53 9.74
CA GLN A 7 5.40 4.91 9.62
C GLN A 7 4.46 5.83 8.85
N ILE A 8 3.69 5.26 7.93
CA ILE A 8 2.79 6.07 7.13
C ILE A 8 1.35 5.87 7.60
N PRO A 9 0.68 6.95 8.01
CA PRO A 9 -0.72 6.89 8.45
C PRO A 9 -1.68 6.69 7.28
N VAL A 10 -2.57 5.72 7.42
CA VAL A 10 -3.55 5.42 6.40
C VAL A 10 -4.79 6.29 6.57
N VAL A 11 -5.25 6.88 5.48
CA VAL A 11 -6.51 7.60 5.50
C VAL A 11 -7.61 6.70 4.97
N GLU A 12 -8.62 6.45 5.78
CA GLU A 12 -9.72 5.61 5.36
C GLU A 12 -10.84 6.44 4.78
N VAL A 13 -11.04 6.29 3.49
CA VAL A 13 -12.04 7.05 2.75
C VAL A 13 -12.90 6.12 1.92
N ASP A 14 -13.97 6.67 1.35
CA ASP A 14 -14.86 5.90 0.51
C ASP A 14 -14.40 6.01 -0.94
N GLU A 15 -13.63 7.05 -1.19
CA GLU A 15 -13.07 7.32 -2.50
C GLU A 15 -12.02 8.41 -2.39
N LEU A 16 -11.09 8.44 -3.32
CA LEU A 16 -10.03 9.44 -3.30
C LEU A 16 -10.56 10.76 -3.82
N PRO A 17 -10.01 11.89 -3.32
CA PRO A 17 -10.41 13.22 -3.79
C PRO A 17 -9.98 13.45 -5.23
N GLU A 18 -10.41 14.56 -5.80
CA GLU A 18 -10.16 14.87 -7.20
C GLU A 18 -8.66 15.04 -7.47
N GLY A 19 -8.20 14.44 -8.55
CA GLY A 19 -6.79 14.44 -8.86
C GLY A 19 -6.18 13.05 -8.73
N TYR A 20 -6.88 12.17 -8.03
CA TYR A 20 -6.44 10.80 -7.86
C TYR A 20 -7.05 9.89 -8.91
N ASP A 21 -6.28 8.89 -9.31
CA ASP A 21 -6.73 7.93 -10.32
C ASP A 21 -7.19 6.64 -9.64
N ARG A 22 -8.49 6.55 -9.41
CA ARG A 22 -9.06 5.39 -8.74
C ARG A 22 -9.47 4.33 -9.75
N SER A 23 -9.35 3.09 -9.35
CA SER A 23 -9.75 1.97 -10.18
C SER A 23 -10.34 0.87 -9.29
N PRO B 1 6.41 -24.10 9.75
CA PRO B 1 6.54 -24.97 8.56
C PRO B 1 5.33 -25.90 8.45
N HIS B 2 4.93 -26.19 7.20
CA HIS B 2 3.77 -27.04 6.91
C HIS B 2 2.45 -26.39 7.30
N GLU B 3 2.36 -25.93 8.53
CA GLU B 3 1.17 -25.25 9.02
C GLU B 3 0.88 -24.02 8.18
N GLN B 4 -0.31 -23.99 7.59
CA GLN B 4 -0.75 -22.85 6.81
C GLN B 4 -2.16 -22.45 7.24
N GLN B 5 -2.45 -21.18 7.17
CA GLN B 5 -3.74 -20.66 7.60
C GLN B 5 -4.77 -20.82 6.50
N GLU B 6 -6.03 -20.89 6.91
CA GLU B 6 -7.14 -21.03 5.98
C GLU B 6 -7.84 -19.68 5.81
N ASP B 7 -7.78 -18.88 6.87
CA ASP B 7 -8.33 -17.53 6.84
C ASP B 7 -7.24 -16.54 6.44
N VAL B 8 -6.26 -17.03 5.71
CA VAL B 8 -5.16 -16.23 5.23
C VAL B 8 -5.62 -15.25 4.15
N PRO B 9 -5.39 -13.95 4.39
CA PRO B 9 -5.80 -12.91 3.48
C PRO B 9 -5.08 -12.99 2.13
N GLU B 10 -5.85 -12.93 1.06
CA GLU B 10 -5.31 -12.92 -0.28
C GLU B 10 -5.40 -11.51 -0.84
N TYR B 11 -4.28 -10.83 -0.84
CA TYR B 11 -4.20 -9.49 -1.37
C TYR B 11 -3.84 -9.53 -2.84
N GLU B 12 -4.45 -8.63 -3.60
CA GLU B 12 -4.14 -8.50 -5.00
C GLU B 12 -3.46 -7.16 -5.23
N VAL B 13 -2.16 -7.22 -5.50
CA VAL B 13 -1.36 -6.03 -5.71
C VAL B 13 -1.24 -5.70 -7.20
N LYS B 14 -1.57 -4.46 -7.53
CA LYS B 14 -1.48 -3.98 -8.91
C LYS B 14 -0.61 -2.73 -8.95
N MET B 15 0.46 -2.77 -9.71
CA MET B 15 1.42 -1.67 -9.74
C MET B 15 1.31 -0.91 -11.05
N LYS B 16 1.38 0.41 -10.99
CA LYS B 16 1.17 1.24 -12.18
C LYS B 16 2.08 2.46 -12.15
N ARG B 17 2.71 2.75 -13.27
CA ARG B 17 3.64 3.88 -13.39
C ARG B 17 2.92 5.12 -13.93
N PHE B 18 3.16 6.26 -13.30
CA PHE B 18 2.58 7.52 -13.75
C PHE B 18 3.66 8.52 -14.13
N LYS B 19 3.43 9.24 -15.20
CA LYS B 19 4.33 10.29 -15.65
C LYS B 19 3.53 11.56 -15.92
N GLY B 20 3.81 12.60 -15.15
CA GLY B 20 3.07 13.83 -15.27
C GLY B 20 1.86 13.85 -14.35
N ALA B 21 1.99 13.21 -13.20
CA ALA B 21 0.94 13.24 -12.20
C ALA B 21 1.53 13.61 -10.84
N ALA B 22 0.67 13.87 -9.87
CA ALA B 22 1.14 14.19 -8.52
C ALA B 22 1.87 13.00 -7.91
N TYR B 23 1.63 11.83 -8.49
CA TYR B 23 2.24 10.60 -8.06
C TYR B 23 2.90 9.93 -9.25
N LYS B 24 3.98 9.23 -9.00
CA LYS B 24 4.75 8.61 -10.06
C LYS B 24 4.49 7.11 -10.07
N LEU B 25 3.98 6.63 -8.96
CA LEU B 25 3.69 5.22 -8.82
C LEU B 25 2.36 5.02 -8.10
N ARG B 26 1.53 4.14 -8.65
CA ARG B 26 0.28 3.77 -8.00
C ARG B 26 0.27 2.28 -7.72
N ILE B 27 -0.07 1.91 -6.51
CA ILE B 27 -0.13 0.51 -6.13
C ILE B 27 -1.48 0.20 -5.50
N LEU B 28 -2.14 -0.82 -5.99
CA LEU B 28 -3.45 -1.21 -5.49
C LEU B 28 -3.35 -2.54 -4.77
N ILE B 29 -3.69 -2.55 -3.50
CA ILE B 29 -3.66 -3.77 -2.72
C ILE B 29 -5.01 -4.00 -2.05
N GLU B 30 -5.80 -4.91 -2.58
CA GLU B 30 -7.10 -5.20 -1.99
C GLU B 30 -7.11 -6.59 -1.38
N ASN B 31 -7.96 -6.78 -0.40
CA ASN B 31 -8.07 -8.05 0.30
C ASN B 31 -9.25 -8.82 -0.25
N LYS B 32 -8.95 -9.77 -1.12
CA LYS B 32 -9.98 -10.55 -1.78
C LYS B 32 -9.68 -12.04 -1.65
N ALA B 33 -10.23 -12.66 -0.63
CA ALA B 33 -10.08 -14.10 -0.46
C ALA B 33 -11.41 -14.75 -0.11
N PRO B 34 -11.55 -16.06 -0.36
CA PRO B 34 -12.71 -16.83 0.09
C PRO B 34 -12.83 -16.79 1.61
N ASN B 35 -11.70 -16.92 2.26
CA ASN B 35 -11.63 -16.91 3.71
C ASN B 35 -10.42 -16.10 4.14
N SER B 36 -10.66 -14.85 4.48
CA SER B 36 -9.59 -13.97 4.92
C SER B 36 -10.01 -13.18 6.17
N LYS B 37 -9.11 -13.13 7.14
CA LYS B 37 -9.34 -12.38 8.36
C LYS B 37 -8.18 -11.44 8.65
N PRO B 38 -8.11 -10.30 7.93
CA PRO B 38 -7.07 -9.29 8.17
C PRO B 38 -7.25 -8.60 9.51
N ASP B 39 -6.13 -8.26 10.13
CA ASP B 39 -6.15 -7.63 11.44
C ASP B 39 -6.31 -6.13 11.30
N ARG B 40 -5.32 -5.51 10.68
CA ARG B 40 -5.33 -4.07 10.47
C ARG B 40 -4.27 -3.70 9.43
N PHE B 41 -4.19 -2.43 9.09
CA PHE B 41 -3.19 -1.95 8.17
C PHE B 41 -2.23 -1.01 8.87
N SER B 42 -0.96 -1.38 8.92
CA SER B 42 0.06 -0.53 9.51
C SER B 42 1.27 -0.47 8.57
N PRO B 43 1.17 0.35 7.52
CA PRO B 43 2.24 0.48 6.53
C PRO B 43 3.33 1.47 6.98
N SER B 44 4.52 1.27 6.47
CA SER B 44 5.65 2.11 6.84
C SER B 44 6.72 2.06 5.74
N TYR B 45 7.39 3.18 5.55
CA TYR B 45 8.40 3.30 4.52
C TYR B 45 9.79 3.34 5.13
N ASN B 46 10.65 2.44 4.70
CA ASN B 46 12.03 2.44 5.16
C ASN B 46 12.95 2.95 4.07
N PHE B 47 13.61 4.08 4.36
CA PHE B 47 14.49 4.75 3.40
C PHE B 47 15.71 3.89 3.11
N ALA B 48 16.06 3.04 4.07
CA ALA B 48 17.22 2.17 3.96
C ALA B 48 17.17 1.33 2.69
N GLU B 49 16.05 0.65 2.48
CA GLU B 49 15.90 -0.23 1.33
C GLU B 49 14.86 0.33 0.36
N ASN B 50 14.42 1.57 0.64
CA ASN B 50 13.44 2.29 -0.17
C ASN B 50 12.21 1.43 -0.45
N ILE B 51 11.75 0.74 0.58
CA ILE B 51 10.61 -0.14 0.45
C ILE B 51 9.44 0.30 1.33
N LEU B 52 8.25 0.22 0.76
CA LEU B 52 7.03 0.57 1.48
C LEU B 52 6.31 -0.72 1.84
N TYR B 53 6.36 -1.10 3.11
CA TYR B 53 5.72 -2.33 3.54
C TYR B 53 4.31 -2.03 4.03
N ILE B 54 3.38 -2.91 3.71
CA ILE B 54 1.98 -2.71 4.05
C ILE B 54 1.64 -3.37 5.37
N ASN B 55 1.88 -4.67 5.45
CA ASN B 55 1.58 -5.46 6.64
C ASN B 55 2.53 -6.63 6.72
N GLY B 56 2.36 -7.47 7.73
CA GLY B 56 3.16 -8.67 7.84
C GLY B 56 2.67 -9.76 6.90
N LYS B 57 1.95 -9.34 5.86
CA LYS B 57 1.44 -10.26 4.86
C LYS B 57 2.18 -10.02 3.55
N LEU B 58 2.45 -8.75 3.26
CA LEU B 58 3.18 -8.38 2.06
C LEU B 58 3.78 -6.98 2.18
N SER B 59 4.86 -6.77 1.45
CA SER B 59 5.51 -5.48 1.39
C SER B 59 5.70 -5.06 -0.07
N ILE B 60 5.69 -3.76 -0.32
CA ILE B 60 5.75 -3.25 -1.69
C ILE B 60 7.04 -2.47 -1.93
N PRO B 61 8.03 -3.11 -2.59
CA PRO B 61 9.29 -2.47 -2.93
C PRO B 61 9.12 -1.38 -3.97
N LEU B 62 9.79 -0.26 -3.75
CA LEU B 62 9.69 0.87 -4.65
C LEU B 62 10.93 0.97 -5.51
N PRO B 63 10.81 1.57 -6.70
CA PRO B 63 11.96 1.79 -7.58
C PRO B 63 12.88 2.87 -7.05
N ARG B 64 14.17 2.64 -7.15
CA ARG B 64 15.18 3.54 -6.65
C ARG B 64 15.33 4.76 -7.54
N ASP B 65 14.53 4.83 -8.58
CA ASP B 65 14.55 5.95 -9.51
C ASP B 65 13.66 7.07 -9.00
N ILE B 66 12.76 6.72 -8.09
CA ILE B 66 11.78 7.66 -7.58
C ILE B 66 12.17 8.10 -6.17
N VAL B 67 12.10 9.40 -5.93
CA VAL B 67 12.39 9.95 -4.62
C VAL B 67 11.16 9.82 -3.74
N VAL B 68 11.25 8.98 -2.73
CA VAL B 68 10.09 8.65 -1.92
C VAL B 68 10.29 9.04 -0.47
N ASN B 69 9.31 9.74 0.06
CA ASN B 69 9.28 10.11 1.47
C ASN B 69 7.86 10.01 1.99
N ALA B 70 7.72 9.99 3.31
CA ALA B 70 6.40 9.83 3.94
C ALA B 70 5.48 10.99 3.62
N ALA B 71 6.06 12.09 3.19
CA ALA B 71 5.30 13.28 2.84
C ALA B 71 4.77 13.19 1.41
N ASP B 72 5.30 12.23 0.67
CA ASP B 72 4.93 12.06 -0.73
C ASP B 72 4.09 10.81 -0.90
N ILE B 73 4.21 9.92 0.08
CA ILE B 73 3.46 8.67 0.10
C ILE B 73 2.02 8.91 0.51
N LYS B 74 1.11 8.63 -0.39
CA LYS B 74 -0.32 8.81 -0.14
C LYS B 74 -1.01 7.46 -0.01
N ILE B 75 -1.32 7.08 1.20
CA ILE B 75 -1.98 5.80 1.47
C ILE B 75 -3.44 6.02 1.87
N PHE B 76 -4.34 5.42 1.11
CA PHE B 76 -5.77 5.54 1.34
C PHE B 76 -6.44 4.17 1.32
N HIS B 77 -7.07 3.80 2.41
CA HIS B 77 -7.74 2.52 2.50
C HIS B 77 -9.24 2.68 2.38
N ILE B 78 -9.81 2.16 1.31
CA ILE B 78 -11.25 2.12 1.15
C ILE B 78 -11.77 0.82 1.73
N ARG B 79 -12.30 0.90 2.94
CA ARG B 79 -12.81 -0.27 3.64
C ARG B 79 -14.08 -0.80 2.99
N LYS B 80 -14.79 0.07 2.28
CA LYS B 80 -15.99 -0.32 1.55
C LYS B 80 -15.66 -1.39 0.51
N GLU B 81 -14.60 -1.14 -0.24
CA GLU B 81 -14.22 -2.02 -1.34
C GLU B 81 -13.06 -2.93 -0.93
N ARG B 82 -12.64 -2.77 0.33
CA ARG B 82 -11.53 -3.54 0.88
C ARG B 82 -10.27 -3.36 0.04
N THR B 83 -10.11 -2.15 -0.52
CA THR B 83 -9.02 -1.89 -1.43
C THR B 83 -8.13 -0.77 -0.89
N LEU B 84 -6.83 -1.02 -0.87
CA LEU B 84 -5.87 -0.04 -0.40
C LEU B 84 -5.18 0.63 -1.59
N TYR B 85 -5.31 1.94 -1.68
CA TYR B 85 -4.69 2.72 -2.74
C TYR B 85 -3.39 3.36 -2.26
N ILE B 86 -2.33 3.13 -3.01
CA ILE B 86 -1.04 3.74 -2.73
C ILE B 86 -0.64 4.66 -3.88
N TYR B 87 -0.43 5.92 -3.58
CA TYR B 87 0.04 6.87 -4.59
C TYR B 87 1.35 7.50 -4.13
N ILE B 88 2.38 7.40 -4.94
CA ILE B 88 3.68 7.97 -4.61
C ILE B 88 4.22 8.75 -5.79
N GLY A 1 23.74 -0.89 6.99
CA GLY A 1 23.72 0.56 7.28
C GLY A 1 22.61 0.94 8.23
N PRO A 2 22.26 2.23 8.30
CA PRO A 2 21.16 2.71 9.15
C PRO A 2 19.81 2.29 8.61
N HIS A 3 18.90 1.94 9.50
CA HIS A 3 17.59 1.46 9.09
C HIS A 3 16.54 2.56 9.26
N MET A 4 16.82 3.71 8.65
CA MET A 4 15.92 4.85 8.70
C MET A 4 14.53 4.45 8.20
N SER A 5 13.54 4.68 9.01
CA SER A 5 12.19 4.24 8.71
C SER A 5 11.14 5.19 9.27
N VAL A 6 10.15 5.50 8.45
CA VAL A 6 9.06 6.36 8.87
C VAL A 6 7.72 5.68 8.63
N GLN A 7 6.78 5.87 9.53
CA GLN A 7 5.47 5.23 9.42
C GLN A 7 4.52 6.13 8.65
N ILE A 8 3.71 5.54 7.79
CA ILE A 8 2.80 6.31 6.97
C ILE A 8 1.36 6.08 7.41
N PRO A 9 0.64 7.16 7.76
CA PRO A 9 -0.75 7.06 8.15
C PRO A 9 -1.66 6.73 6.98
N VAL A 10 -2.43 5.66 7.13
CA VAL A 10 -3.36 5.26 6.09
C VAL A 10 -4.75 5.77 6.41
N VAL A 11 -5.28 6.58 5.50
CA VAL A 11 -6.59 7.17 5.70
C VAL A 11 -7.66 6.28 5.09
N GLU A 12 -8.55 5.78 5.93
CA GLU A 12 -9.65 4.97 5.44
C GLU A 12 -10.80 5.87 5.01
N VAL A 13 -11.04 5.88 3.71
CA VAL A 13 -12.09 6.68 3.12
C VAL A 13 -13.04 5.81 2.30
N ASP A 14 -13.98 6.43 1.61
CA ASP A 14 -14.89 5.70 0.75
C ASP A 14 -14.34 5.70 -0.66
N GLU A 15 -13.56 6.74 -0.96
CA GLU A 15 -12.87 6.86 -2.23
C GLU A 15 -11.90 8.03 -2.17
N LEU A 16 -11.01 8.11 -3.14
CA LEU A 16 -10.00 9.16 -3.16
C LEU A 16 -10.63 10.51 -3.48
N PRO A 17 -10.12 11.58 -2.85
CA PRO A 17 -10.57 12.95 -3.10
C PRO A 17 -10.12 13.46 -4.47
N GLU A 18 -10.59 14.65 -4.82
CA GLU A 18 -10.22 15.29 -6.07
C GLU A 18 -8.70 15.30 -6.27
N GLY A 19 -8.29 15.05 -7.51
CA GLY A 19 -6.87 15.05 -7.83
C GLY A 19 -6.31 13.64 -7.92
N TYR A 20 -7.11 12.66 -7.53
CA TYR A 20 -6.67 11.27 -7.55
C TYR A 20 -7.26 10.51 -8.73
N ASP A 21 -6.72 9.33 -8.99
CA ASP A 21 -7.16 8.49 -10.09
C ASP A 21 -7.51 7.09 -9.61
N ARG A 22 -8.79 6.84 -9.41
CA ARG A 22 -9.25 5.53 -8.97
C ARG A 22 -9.63 4.67 -10.16
N SER A 23 -9.29 3.40 -10.09
CA SER A 23 -9.55 2.49 -11.18
C SER A 23 -9.88 1.10 -10.64
N PRO B 1 2.91 -20.59 12.39
CA PRO B 1 4.27 -20.50 11.82
C PRO B 1 4.36 -21.26 10.49
N HIS B 2 4.27 -22.58 10.55
CA HIS B 2 4.30 -23.39 9.34
C HIS B 2 3.06 -24.26 9.25
N GLU B 3 1.93 -23.63 8.98
CA GLU B 3 0.67 -24.35 8.85
C GLU B 3 -0.14 -23.76 7.71
N GLN B 4 -0.91 -24.60 7.04
CA GLN B 4 -1.78 -24.15 5.96
C GLN B 4 -3.02 -23.51 6.55
N GLN B 5 -3.54 -22.49 5.88
CA GLN B 5 -4.70 -21.78 6.38
C GLN B 5 -5.64 -21.37 5.27
N GLU B 6 -6.85 -21.06 5.66
CA GLU B 6 -7.87 -20.60 4.72
C GLU B 6 -8.34 -19.21 5.10
N ASP B 7 -8.01 -18.81 6.32
CA ASP B 7 -8.36 -17.48 6.82
C ASP B 7 -7.30 -16.47 6.41
N VAL B 8 -6.24 -16.98 5.78
CA VAL B 8 -5.16 -16.15 5.29
C VAL B 8 -5.68 -15.23 4.19
N PRO B 9 -5.61 -13.92 4.42
CA PRO B 9 -6.10 -12.93 3.47
C PRO B 9 -5.30 -12.93 2.17
N GLU B 10 -6.00 -12.98 1.05
CA GLU B 10 -5.36 -12.95 -0.25
C GLU B 10 -5.40 -11.54 -0.79
N TYR B 11 -4.29 -10.85 -0.66
CA TYR B 11 -4.16 -9.53 -1.23
C TYR B 11 -3.71 -9.64 -2.68
N GLU B 12 -4.19 -8.72 -3.49
CA GLU B 12 -3.83 -8.67 -4.89
C GLU B 12 -3.26 -7.29 -5.19
N VAL B 13 -1.97 -7.27 -5.49
CA VAL B 13 -1.25 -6.01 -5.68
C VAL B 13 -1.07 -5.69 -7.16
N LYS B 14 -1.40 -4.47 -7.52
CA LYS B 14 -1.25 -3.98 -8.88
C LYS B 14 -0.31 -2.78 -8.85
N MET B 15 0.41 -2.56 -9.93
CA MET B 15 1.39 -1.49 -9.97
C MET B 15 1.28 -0.74 -11.28
N LYS B 16 1.30 0.58 -11.22
CA LYS B 16 1.05 1.40 -12.41
C LYS B 16 1.92 2.64 -12.40
N ARG B 17 2.56 2.91 -13.54
CA ARG B 17 3.43 4.07 -13.66
C ARG B 17 2.68 5.26 -14.26
N PHE B 18 2.85 6.40 -13.63
CA PHE B 18 2.26 7.64 -14.12
C PHE B 18 3.36 8.58 -14.61
N LYS B 19 3.09 9.26 -15.71
CA LYS B 19 4.03 10.23 -16.24
C LYS B 19 3.39 11.61 -16.26
N GLY B 20 4.04 12.56 -15.57
CA GLY B 20 3.53 13.91 -15.51
C GLY B 20 2.28 14.02 -14.65
N ALA B 21 2.31 13.41 -13.47
CA ALA B 21 1.19 13.47 -12.54
C ALA B 21 1.68 13.82 -11.15
N ALA B 22 0.75 14.09 -10.24
CA ALA B 22 1.08 14.40 -8.85
C ALA B 22 1.63 13.18 -8.15
N TYR B 23 1.44 12.03 -8.77
CA TYR B 23 1.95 10.77 -8.28
C TYR B 23 2.57 10.01 -9.44
N LYS B 24 3.72 9.42 -9.21
CA LYS B 24 4.47 8.77 -10.27
C LYS B 24 4.16 7.29 -10.29
N LEU B 25 3.71 6.79 -9.17
CA LEU B 25 3.44 5.36 -9.04
C LEU B 25 2.13 5.14 -8.29
N ARG B 26 1.30 4.25 -8.83
CA ARG B 26 0.08 3.87 -8.15
C ARG B 26 0.10 2.38 -7.87
N ILE B 27 -0.04 2.02 -6.61
CA ILE B 27 -0.03 0.62 -6.20
C ILE B 27 -1.38 0.28 -5.59
N LEU B 28 -1.96 -0.82 -6.02
CA LEU B 28 -3.28 -1.22 -5.57
C LEU B 28 -3.21 -2.56 -4.84
N ILE B 29 -3.57 -2.56 -3.58
CA ILE B 29 -3.57 -3.78 -2.81
C ILE B 29 -4.97 -4.04 -2.23
N GLU B 30 -5.70 -4.95 -2.83
CA GLU B 30 -7.03 -5.27 -2.35
C GLU B 30 -7.06 -6.65 -1.73
N ASN B 31 -7.98 -6.84 -0.80
CA ASN B 31 -8.11 -8.12 -0.11
C ASN B 31 -9.26 -8.92 -0.68
N LYS B 32 -8.93 -9.97 -1.39
CA LYS B 32 -9.92 -10.82 -2.01
C LYS B 32 -9.61 -12.29 -1.76
N ALA B 33 -10.19 -12.83 -0.71
CA ALA B 33 -10.07 -14.25 -0.42
C ALA B 33 -11.41 -14.84 0.00
N PRO B 34 -11.57 -16.18 -0.07
CA PRO B 34 -12.79 -16.86 0.40
C PRO B 34 -13.07 -16.51 1.85
N ASN B 35 -12.02 -16.56 2.64
CA ASN B 35 -12.11 -16.25 4.06
C ASN B 35 -10.97 -15.33 4.44
N SER B 36 -11.21 -14.05 4.31
CA SER B 36 -10.16 -13.07 4.54
C SER B 36 -10.22 -12.54 5.95
N LYS B 37 -9.21 -12.88 6.73
CA LYS B 37 -9.11 -12.42 8.11
C LYS B 37 -7.80 -11.67 8.31
N PRO B 38 -7.73 -10.41 7.82
CA PRO B 38 -6.57 -9.55 8.02
C PRO B 38 -6.50 -9.02 9.44
N ASP B 39 -5.29 -8.73 9.89
CA ASP B 39 -5.07 -8.27 11.26
C ASP B 39 -5.27 -6.77 11.36
N ARG B 40 -4.59 -6.01 10.50
CA ARG B 40 -4.65 -4.56 10.54
C ARG B 40 -4.00 -3.96 9.31
N PHE B 41 -3.98 -2.64 9.26
CA PHE B 41 -3.21 -1.92 8.25
C PHE B 41 -2.31 -0.90 8.92
N SER B 42 -1.02 -1.18 8.91
CA SER B 42 -0.03 -0.27 9.48
C SER B 42 1.19 -0.19 8.57
N PRO B 43 1.09 0.61 7.51
CA PRO B 43 2.16 0.77 6.53
C PRO B 43 3.24 1.73 6.98
N SER B 44 4.45 1.53 6.48
CA SER B 44 5.56 2.41 6.78
C SER B 44 6.64 2.28 5.72
N TYR B 45 7.36 3.37 5.50
CA TYR B 45 8.40 3.41 4.49
C TYR B 45 9.77 3.43 5.13
N ASN B 46 10.63 2.53 4.71
CA ASN B 46 12.00 2.51 5.19
C ASN B 46 12.93 2.98 4.09
N PHE B 47 13.77 3.95 4.42
CA PHE B 47 14.71 4.52 3.45
C PHE B 47 15.87 3.58 3.19
N ALA B 48 16.17 2.72 4.17
CA ALA B 48 17.32 1.84 4.07
C ALA B 48 17.22 0.92 2.88
N GLU B 49 16.09 0.24 2.75
CA GLU B 49 15.86 -0.61 1.60
C GLU B 49 14.91 0.07 0.63
N ASN B 50 14.32 1.18 1.11
CA ASN B 50 13.35 1.99 0.34
C ASN B 50 12.15 1.15 -0.05
N ILE B 51 11.67 0.41 0.93
CA ILE B 51 10.50 -0.45 0.77
C ILE B 51 9.33 0.18 1.53
N LEU B 52 8.13 0.05 0.98
CA LEU B 52 6.92 0.50 1.64
C LEU B 52 6.11 -0.72 2.05
N TYR B 53 6.23 -1.13 3.29
CA TYR B 53 5.54 -2.33 3.75
C TYR B 53 4.14 -1.97 4.23
N ILE B 54 3.20 -2.86 3.98
CA ILE B 54 1.79 -2.57 4.21
C ILE B 54 1.30 -3.08 5.56
N ASN B 55 1.47 -4.38 5.83
CA ASN B 55 0.91 -4.94 7.06
C ASN B 55 1.56 -6.26 7.46
N GLY B 56 2.78 -6.51 7.01
CA GLY B 56 3.46 -7.72 7.42
C GLY B 56 3.06 -8.93 6.60
N LYS B 57 1.86 -8.87 6.01
CA LYS B 57 1.39 -9.94 5.15
C LYS B 57 2.05 -9.79 3.80
N LEU B 58 2.37 -8.53 3.50
CA LEU B 58 3.11 -8.20 2.30
C LEU B 58 3.70 -6.80 2.38
N SER B 59 4.78 -6.61 1.65
CA SER B 59 5.41 -5.30 1.56
C SER B 59 5.52 -4.90 0.09
N ILE B 60 5.48 -3.61 -0.19
CA ILE B 60 5.60 -3.11 -1.54
C ILE B 60 6.97 -2.47 -1.76
N PRO B 61 7.89 -3.21 -2.40
CA PRO B 61 9.23 -2.70 -2.71
C PRO B 61 9.18 -1.57 -3.73
N LEU B 62 9.88 -0.49 -3.42
CA LEU B 62 9.89 0.66 -4.30
C LEU B 62 11.18 0.70 -5.10
N PRO B 63 11.13 1.29 -6.32
CA PRO B 63 12.32 1.44 -7.17
C PRO B 63 13.26 2.53 -6.66
N ARG B 64 14.56 2.30 -6.80
CA ARG B 64 15.56 3.24 -6.33
C ARG B 64 15.74 4.38 -7.32
N ASP B 65 15.03 4.28 -8.43
CA ASP B 65 15.09 5.29 -9.48
C ASP B 65 14.16 6.45 -9.12
N ILE B 66 13.36 6.25 -8.09
CA ILE B 66 12.40 7.25 -7.67
C ILE B 66 12.69 7.70 -6.24
N VAL B 67 12.62 9.00 -6.00
CA VAL B 67 12.81 9.54 -4.67
C VAL B 67 11.48 9.55 -3.92
N VAL B 68 11.38 8.76 -2.86
CA VAL B 68 10.13 8.61 -2.15
C VAL B 68 10.29 8.98 -0.67
N ASN B 69 9.32 9.71 -0.16
CA ASN B 69 9.29 10.13 1.24
C ASN B 69 7.88 10.05 1.78
N ALA B 70 7.75 10.09 3.09
CA ALA B 70 6.47 9.96 3.77
C ALA B 70 5.51 11.07 3.36
N ALA B 71 6.07 12.19 2.93
CA ALA B 71 5.27 13.35 2.53
C ALA B 71 4.78 13.20 1.10
N ASP B 72 5.35 12.23 0.40
CA ASP B 72 5.04 12.00 -1.01
C ASP B 72 4.13 10.79 -1.12
N ILE B 73 4.23 9.93 -0.12
CA ILE B 73 3.45 8.71 -0.05
C ILE B 73 2.01 8.98 0.41
N LYS B 74 1.07 8.67 -0.46
CA LYS B 74 -0.35 8.85 -0.15
C LYS B 74 -1.02 7.50 -0.03
N ILE B 75 -1.37 7.11 1.19
CA ILE B 75 -2.00 5.83 1.44
C ILE B 75 -3.46 6.01 1.89
N PHE B 76 -4.38 5.48 1.09
CA PHE B 76 -5.81 5.57 1.39
C PHE B 76 -6.46 4.20 1.23
N HIS B 77 -7.08 3.73 2.29
CA HIS B 77 -7.72 2.41 2.27
C HIS B 77 -9.23 2.54 2.23
N ILE B 78 -9.82 2.15 1.12
CA ILE B 78 -11.27 2.05 1.04
C ILE B 78 -11.69 0.69 1.57
N ARG B 79 -12.31 0.68 2.75
CA ARG B 79 -12.66 -0.56 3.42
C ARG B 79 -13.88 -1.20 2.78
N LYS B 80 -14.70 -0.38 2.14
CA LYS B 80 -15.90 -0.87 1.45
C LYS B 80 -15.51 -1.83 0.33
N GLU B 81 -14.52 -1.44 -0.46
CA GLU B 81 -14.05 -2.28 -1.55
C GLU B 81 -12.89 -3.16 -1.08
N ARG B 82 -12.52 -2.97 0.19
CA ARG B 82 -11.39 -3.66 0.81
C ARG B 82 -10.13 -3.47 -0.02
N THR B 83 -9.97 -2.26 -0.55
CA THR B 83 -8.89 -1.98 -1.49
C THR B 83 -8.03 -0.83 -0.97
N LEU B 84 -6.71 -1.03 -1.01
CA LEU B 84 -5.78 -0.02 -0.56
C LEU B 84 -5.15 0.68 -1.76
N TYR B 85 -5.43 1.98 -1.91
CA TYR B 85 -4.84 2.78 -2.96
C TYR B 85 -3.58 3.48 -2.49
N ILE B 86 -2.47 3.20 -3.16
CA ILE B 86 -1.20 3.83 -2.87
C ILE B 86 -0.80 4.77 -4.00
N TYR B 87 -0.57 6.03 -3.68
CA TYR B 87 -0.11 6.99 -4.68
C TYR B 87 1.21 7.60 -4.23
N ILE B 88 2.20 7.59 -5.11
CA ILE B 88 3.51 8.14 -4.81
C ILE B 88 3.97 9.01 -5.96
N GLY A 1 17.74 1.98 14.18
CA GLY A 1 18.51 0.82 13.66
C GLY A 1 19.02 1.04 12.25
N PRO A 2 19.69 0.04 11.65
CA PRO A 2 20.24 0.16 10.30
C PRO A 2 19.17 0.36 9.22
N HIS A 3 17.94 -0.04 9.52
CA HIS A 3 16.84 0.14 8.58
C HIS A 3 16.07 1.40 8.94
N MET A 4 16.55 2.55 8.46
CA MET A 4 15.86 3.82 8.67
C MET A 4 14.45 3.75 8.11
N SER A 5 13.47 4.06 8.93
CA SER A 5 12.09 3.91 8.54
C SER A 5 11.17 4.92 9.22
N VAL A 6 10.13 5.31 8.52
CA VAL A 6 9.10 6.19 9.05
C VAL A 6 7.72 5.56 8.82
N GLN A 7 6.84 5.73 9.79
CA GLN A 7 5.51 5.14 9.69
C GLN A 7 4.59 6.06 8.93
N ILE A 8 3.77 5.50 8.05
CA ILE A 8 2.86 6.29 7.26
C ILE A 8 1.43 6.07 7.72
N PRO A 9 0.75 7.12 8.19
CA PRO A 9 -0.64 7.02 8.60
C PRO A 9 -1.57 6.84 7.41
N VAL A 10 -2.35 5.78 7.45
CA VAL A 10 -3.26 5.45 6.36
C VAL A 10 -4.66 5.97 6.65
N VAL A 11 -5.20 6.72 5.71
CA VAL A 11 -6.53 7.27 5.84
C VAL A 11 -7.56 6.31 5.24
N GLU A 12 -8.59 5.98 6.01
CA GLU A 12 -9.61 5.08 5.53
C GLU A 12 -10.80 5.86 5.01
N VAL A 13 -10.96 5.84 3.70
CA VAL A 13 -12.02 6.59 3.04
C VAL A 13 -12.75 5.70 2.05
N ASP A 14 -13.80 6.25 1.43
CA ASP A 14 -14.59 5.50 0.46
C ASP A 14 -14.20 5.89 -0.96
N GLU A 15 -13.40 6.95 -1.07
CA GLU A 15 -12.88 7.39 -2.35
C GLU A 15 -11.71 8.35 -2.14
N LEU A 16 -10.84 8.45 -3.14
CA LEU A 16 -9.73 9.37 -3.08
C LEU A 16 -10.16 10.76 -3.52
N PRO A 17 -9.46 11.79 -3.03
CA PRO A 17 -9.67 13.17 -3.46
C PRO A 17 -9.63 13.36 -4.97
N GLU A 18 -10.06 14.51 -5.42
CA GLU A 18 -10.07 14.84 -6.84
C GLU A 18 -8.64 15.08 -7.31
N GLY A 19 -8.29 14.43 -8.41
CA GLY A 19 -6.93 14.45 -8.88
C GLY A 19 -6.26 13.11 -8.71
N TYR A 20 -6.98 12.18 -8.09
CA TYR A 20 -6.52 10.81 -7.93
C TYR A 20 -7.12 9.91 -8.98
N ASP A 21 -6.42 8.84 -9.31
CA ASP A 21 -6.86 7.90 -10.33
C ASP A 21 -7.25 6.59 -9.70
N ARG A 22 -8.54 6.40 -9.48
CA ARG A 22 -9.04 5.22 -8.80
C ARG A 22 -9.52 4.15 -9.79
N SER A 23 -9.30 2.91 -9.42
CA SER A 23 -9.78 1.78 -10.19
C SER A 23 -10.73 0.97 -9.31
N PRO B 1 3.43 -28.47 6.69
CA PRO B 1 2.50 -28.18 5.59
C PRO B 1 1.07 -28.45 6.04
N HIS B 2 0.09 -27.99 5.25
CA HIS B 2 -1.32 -28.08 5.59
C HIS B 2 -1.57 -27.44 6.96
N GLU B 3 -1.05 -26.24 7.11
CA GLU B 3 -1.14 -25.50 8.35
C GLU B 3 -1.57 -24.07 8.05
N GLN B 4 -2.30 -23.91 6.96
CA GLN B 4 -2.77 -22.60 6.54
C GLN B 4 -4.29 -22.51 6.71
N GLN B 5 -4.76 -21.30 6.98
CA GLN B 5 -6.18 -21.08 7.10
C GLN B 5 -6.74 -20.43 5.85
N GLU B 6 -8.06 -20.43 5.75
CA GLU B 6 -8.77 -19.81 4.64
C GLU B 6 -9.17 -18.40 5.00
N ASP B 7 -8.92 -18.05 6.25
CA ASP B 7 -9.17 -16.71 6.75
C ASP B 7 -7.99 -15.81 6.41
N VAL B 8 -6.90 -16.45 6.01
CA VAL B 8 -5.69 -15.76 5.62
C VAL B 8 -5.97 -14.85 4.42
N PRO B 9 -5.81 -13.53 4.61
CA PRO B 9 -6.11 -12.55 3.58
C PRO B 9 -5.22 -12.71 2.36
N GLU B 10 -5.86 -12.77 1.21
CA GLU B 10 -5.15 -12.90 -0.06
C GLU B 10 -5.23 -11.57 -0.80
N TYR B 11 -4.15 -10.81 -0.71
CA TYR B 11 -4.10 -9.52 -1.35
C TYR B 11 -3.63 -9.63 -2.80
N GLU B 12 -4.05 -8.68 -3.61
CA GLU B 12 -3.64 -8.60 -5.00
C GLU B 12 -2.95 -7.26 -5.22
N VAL B 13 -1.64 -7.29 -5.44
CA VAL B 13 -0.86 -6.07 -5.63
C VAL B 13 -0.74 -5.72 -7.12
N LYS B 14 -1.15 -4.52 -7.48
CA LYS B 14 -1.05 -4.04 -8.85
C LYS B 14 -0.21 -2.78 -8.88
N MET B 15 0.66 -2.68 -9.87
CA MET B 15 1.58 -1.55 -9.94
C MET B 15 1.37 -0.79 -11.24
N LYS B 16 1.43 0.53 -11.17
CA LYS B 16 1.18 1.36 -12.35
C LYS B 16 2.02 2.63 -12.30
N ARG B 17 2.63 2.98 -13.42
CA ARG B 17 3.49 4.15 -13.50
C ARG B 17 2.75 5.35 -14.06
N PHE B 18 2.94 6.50 -13.41
CA PHE B 18 2.34 7.75 -13.86
C PHE B 18 3.42 8.76 -14.23
N LYS B 19 3.11 9.60 -15.20
CA LYS B 19 4.06 10.60 -15.66
C LYS B 19 3.39 11.95 -15.81
N GLY B 20 3.88 12.93 -15.07
CA GLY B 20 3.29 14.25 -15.08
C GLY B 20 2.06 14.34 -14.20
N ALA B 21 2.02 13.50 -13.17
CA ALA B 21 0.91 13.49 -12.23
C ALA B 21 1.40 13.80 -10.83
N ALA B 22 0.47 13.99 -9.90
CA ALA B 22 0.82 14.28 -8.50
C ALA B 22 1.49 13.07 -7.86
N TYR B 23 1.38 11.93 -8.53
CA TYR B 23 2.03 10.70 -8.09
C TYR B 23 2.72 10.08 -9.29
N LYS B 24 3.84 9.43 -9.03
CA LYS B 24 4.64 8.83 -10.10
C LYS B 24 4.38 7.34 -10.16
N LEU B 25 3.90 6.81 -9.05
CA LEU B 25 3.62 5.38 -8.95
C LEU B 25 2.30 5.15 -8.22
N ARG B 26 1.49 4.25 -8.76
CA ARG B 26 0.26 3.85 -8.10
C ARG B 26 0.28 2.35 -7.83
N ILE B 27 -0.01 1.98 -6.60
CA ILE B 27 -0.04 0.58 -6.24
C ILE B 27 -1.41 0.25 -5.66
N LEU B 28 -2.00 -0.83 -6.13
CA LEU B 28 -3.33 -1.23 -5.69
C LEU B 28 -3.24 -2.55 -4.97
N ILE B 29 -3.59 -2.55 -3.70
CA ILE B 29 -3.58 -3.77 -2.92
C ILE B 29 -4.97 -4.05 -2.39
N GLU B 30 -5.67 -4.98 -3.00
CA GLU B 30 -7.02 -5.32 -2.60
C GLU B 30 -7.04 -6.68 -1.93
N ASN B 31 -8.01 -6.88 -1.07
CA ASN B 31 -8.13 -8.14 -0.35
C ASN B 31 -9.19 -9.01 -1.02
N LYS B 32 -8.75 -10.13 -1.59
CA LYS B 32 -9.65 -11.07 -2.23
C LYS B 32 -9.33 -12.49 -1.80
N ALA B 33 -10.02 -12.94 -0.76
CA ALA B 33 -9.84 -14.29 -0.23
C ALA B 33 -11.21 -14.89 0.09
N PRO B 34 -11.31 -16.22 0.27
CA PRO B 34 -12.59 -16.86 0.60
C PRO B 34 -13.19 -16.28 1.87
N ASN B 35 -12.34 -16.12 2.87
CA ASN B 35 -12.77 -15.60 4.17
C ASN B 35 -11.75 -14.60 4.68
N SER B 36 -11.66 -13.46 4.01
CA SER B 36 -10.65 -12.46 4.35
C SER B 36 -10.82 -11.95 5.76
N LYS B 37 -9.83 -12.22 6.60
CA LYS B 37 -9.83 -11.75 7.97
C LYS B 37 -8.55 -11.00 8.28
N PRO B 38 -8.40 -9.78 7.76
CA PRO B 38 -7.25 -8.92 8.04
C PRO B 38 -7.30 -8.40 9.48
N ASP B 39 -6.13 -8.23 10.07
CA ASP B 39 -6.03 -7.75 11.44
C ASP B 39 -6.04 -6.24 11.46
N ARG B 40 -5.13 -5.65 10.71
CA ARG B 40 -4.99 -4.21 10.65
C ARG B 40 -4.12 -3.79 9.49
N PHE B 41 -3.99 -2.50 9.31
CA PHE B 41 -3.12 -1.93 8.29
C PHE B 41 -2.16 -0.95 8.94
N SER B 42 -0.90 -1.31 8.97
CA SER B 42 0.10 -0.47 9.61
C SER B 42 1.30 -0.31 8.68
N PRO B 43 1.17 0.56 7.67
CA PRO B 43 2.22 0.79 6.67
C PRO B 43 3.32 1.73 7.15
N SER B 44 4.51 1.52 6.62
CA SER B 44 5.66 2.38 6.92
C SER B 44 6.67 2.31 5.78
N TYR B 45 7.40 3.39 5.59
CA TYR B 45 8.40 3.46 4.54
C TYR B 45 9.80 3.41 5.12
N ASN B 46 10.59 2.45 4.66
CA ASN B 46 11.98 2.36 5.07
C ASN B 46 12.89 2.88 3.98
N PHE B 47 13.55 4.01 4.27
CA PHE B 47 14.43 4.69 3.31
C PHE B 47 15.60 3.78 2.93
N ALA B 48 16.02 2.97 3.89
CA ALA B 48 17.16 2.09 3.72
C ALA B 48 17.01 1.21 2.48
N GLU B 49 15.85 0.58 2.36
CA GLU B 49 15.60 -0.35 1.27
C GLU B 49 14.60 0.23 0.30
N ASN B 50 14.23 1.50 0.54
CA ASN B 50 13.24 2.24 -0.26
C ASN B 50 11.96 1.43 -0.48
N ILE B 51 11.50 0.77 0.58
CA ILE B 51 10.33 -0.07 0.50
C ILE B 51 9.21 0.43 1.41
N LEU B 52 7.98 0.29 0.95
CA LEU B 52 6.79 0.68 1.70
C LEU B 52 6.06 -0.59 2.12
N TYR B 53 6.21 -0.99 3.37
CA TYR B 53 5.56 -2.21 3.84
C TYR B 53 4.17 -1.89 4.35
N ILE B 54 3.23 -2.79 4.09
CA ILE B 54 1.84 -2.60 4.48
C ILE B 54 1.56 -3.28 5.81
N ASN B 55 1.96 -4.54 5.91
CA ASN B 55 1.81 -5.31 7.14
C ASN B 55 2.67 -6.56 7.07
N GLY B 56 2.47 -7.48 7.99
CA GLY B 56 3.26 -8.71 7.99
C GLY B 56 2.89 -9.65 6.85
N LYS B 57 1.85 -9.29 6.10
CA LYS B 57 1.37 -10.14 5.03
C LYS B 57 2.15 -9.86 3.76
N LEU B 58 2.43 -8.59 3.53
CA LEU B 58 3.17 -8.18 2.34
C LEU B 58 3.77 -6.78 2.48
N SER B 59 4.84 -6.56 1.73
CA SER B 59 5.46 -5.26 1.65
C SER B 59 5.53 -4.83 0.18
N ILE B 60 5.44 -3.53 -0.07
CA ILE B 60 5.46 -3.01 -1.42
C ILE B 60 6.81 -2.36 -1.72
N PRO B 61 7.66 -3.03 -2.50
CA PRO B 61 8.96 -2.49 -2.88
C PRO B 61 8.83 -1.39 -3.92
N LEU B 62 9.51 -0.29 -3.68
CA LEU B 62 9.43 0.85 -4.56
C LEU B 62 10.65 0.89 -5.48
N PRO B 63 10.52 1.50 -6.66
CA PRO B 63 11.63 1.64 -7.59
C PRO B 63 12.71 2.58 -7.08
N ARG B 64 13.96 2.21 -7.30
CA ARG B 64 15.09 3.00 -6.81
C ARG B 64 15.32 4.22 -7.69
N ASP B 65 14.57 4.29 -8.78
CA ASP B 65 14.71 5.39 -9.73
C ASP B 65 13.85 6.57 -9.28
N ILE B 66 12.98 6.31 -8.32
CA ILE B 66 12.05 7.33 -7.85
C ILE B 66 12.35 7.73 -6.41
N VAL B 67 12.37 9.02 -6.16
CA VAL B 67 12.58 9.53 -4.82
C VAL B 67 11.24 9.56 -4.07
N VAL B 68 11.21 8.97 -2.89
CA VAL B 68 9.98 8.83 -2.14
C VAL B 68 10.19 9.13 -0.66
N ASN B 69 9.23 9.84 -0.09
CA ASN B 69 9.25 10.20 1.33
C ASN B 69 7.87 10.08 1.92
N ALA B 70 7.78 10.11 3.24
CA ALA B 70 6.52 9.95 3.95
C ALA B 70 5.53 11.06 3.60
N ALA B 71 6.08 12.17 3.13
CA ALA B 71 5.27 13.33 2.78
C ALA B 71 4.77 13.24 1.34
N ASP B 72 5.30 12.27 0.61
CA ASP B 72 4.94 12.07 -0.79
C ASP B 72 4.06 10.84 -0.92
N ILE B 73 4.20 9.95 0.06
CA ILE B 73 3.43 8.71 0.12
C ILE B 73 1.99 8.97 0.53
N LYS B 74 1.06 8.66 -0.36
CA LYS B 74 -0.36 8.83 -0.09
C LYS B 74 -1.04 7.46 0.02
N ILE B 75 -1.36 7.06 1.24
CA ILE B 75 -1.97 5.76 1.49
C ILE B 75 -3.43 5.92 1.92
N PHE B 76 -4.34 5.32 1.15
CA PHE B 76 -5.76 5.38 1.46
C PHE B 76 -6.39 4.00 1.39
N HIS B 77 -6.94 3.56 2.51
CA HIS B 77 -7.60 2.27 2.58
C HIS B 77 -9.11 2.41 2.40
N ILE B 78 -9.62 2.00 1.26
CA ILE B 78 -11.05 1.95 1.05
C ILE B 78 -11.59 0.63 1.56
N ARG B 79 -12.12 0.64 2.77
CA ARG B 79 -12.61 -0.57 3.40
C ARG B 79 -13.92 -1.04 2.76
N LYS B 80 -14.59 -0.11 2.09
CA LYS B 80 -15.83 -0.40 1.38
C LYS B 80 -15.60 -1.50 0.33
N GLU B 81 -14.55 -1.31 -0.47
CA GLU B 81 -14.20 -2.27 -1.51
C GLU B 81 -13.07 -3.16 -1.06
N ARG B 82 -12.63 -2.95 0.19
CA ARG B 82 -11.48 -3.64 0.76
C ARG B 82 -10.26 -3.46 -0.14
N THR B 83 -10.14 -2.28 -0.73
CA THR B 83 -9.08 -2.00 -1.66
C THR B 83 -8.18 -0.89 -1.12
N LEU B 84 -6.89 -1.16 -1.07
CA LEU B 84 -5.93 -0.19 -0.55
C LEU B 84 -5.19 0.49 -1.70
N TYR B 85 -5.30 1.82 -1.75
CA TYR B 85 -4.66 2.60 -2.80
C TYR B 85 -3.39 3.27 -2.29
N ILE B 86 -2.32 3.06 -3.03
CA ILE B 86 -1.05 3.70 -2.74
C ILE B 86 -0.66 4.63 -3.89
N TYR B 87 -0.47 5.91 -3.59
CA TYR B 87 -0.03 6.88 -4.58
C TYR B 87 1.26 7.52 -4.13
N ILE B 88 2.27 7.48 -4.99
CA ILE B 88 3.56 8.06 -4.66
C ILE B 88 4.06 8.88 -5.85
N GLY A 1 25.38 1.81 6.32
CA GLY A 1 24.55 2.98 5.98
C GLY A 1 23.51 3.26 7.05
N PRO A 2 22.76 4.36 6.93
CA PRO A 2 21.70 4.71 7.89
C PRO A 2 20.57 3.70 7.90
N HIS A 3 19.75 3.75 8.93
CA HIS A 3 18.62 2.84 9.06
C HIS A 3 17.34 3.63 9.22
N MET A 4 17.00 4.41 8.20
CA MET A 4 15.84 5.29 8.25
C MET A 4 14.56 4.55 7.94
N SER A 5 13.54 4.85 8.71
CA SER A 5 12.23 4.27 8.54
C SER A 5 11.17 5.16 9.19
N VAL A 6 10.16 5.52 8.42
CA VAL A 6 9.11 6.40 8.91
C VAL A 6 7.75 5.74 8.75
N GLN A 7 6.89 5.94 9.74
CA GLN A 7 5.56 5.33 9.72
C GLN A 7 4.61 6.20 8.89
N ILE A 8 3.83 5.55 8.05
CA ILE A 8 2.88 6.27 7.22
C ILE A 8 1.46 5.93 7.66
N PRO A 9 0.72 6.90 8.18
CA PRO A 9 -0.67 6.70 8.56
C PRO A 9 -1.54 6.57 7.32
N VAL A 10 -2.45 5.61 7.34
CA VAL A 10 -3.31 5.34 6.21
C VAL A 10 -4.70 5.94 6.43
N VAL A 11 -5.16 6.70 5.46
CA VAL A 11 -6.46 7.31 5.54
C VAL A 11 -7.52 6.36 5.01
N GLU A 12 -8.39 5.89 5.89
CA GLU A 12 -9.45 4.98 5.49
C GLU A 12 -10.70 5.76 5.14
N VAL A 13 -10.98 5.82 3.86
CA VAL A 13 -12.09 6.60 3.34
C VAL A 13 -12.97 5.77 2.41
N ASP A 14 -13.91 6.42 1.76
CA ASP A 14 -14.81 5.75 0.84
C ASP A 14 -14.30 5.92 -0.59
N GLU A 15 -13.63 7.05 -0.82
CA GLU A 15 -13.09 7.39 -2.13
C GLU A 15 -11.84 8.23 -1.97
N LEU A 16 -11.09 8.36 -3.05
CA LEU A 16 -9.95 9.25 -3.07
C LEU A 16 -10.40 10.68 -3.27
N PRO A 17 -9.73 11.62 -2.59
CA PRO A 17 -9.93 13.06 -2.78
C PRO A 17 -9.85 13.48 -4.24
N GLU A 18 -10.29 14.69 -4.51
CA GLU A 18 -10.24 15.22 -5.87
C GLU A 18 -8.80 15.45 -6.28
N GLY A 19 -8.46 14.99 -7.46
CA GLY A 19 -7.08 15.05 -7.91
C GLY A 19 -6.45 13.68 -7.97
N TYR A 20 -7.21 12.67 -7.57
CA TYR A 20 -6.76 11.30 -7.63
C TYR A 20 -7.37 10.56 -8.82
N ASP A 21 -6.93 9.32 -9.01
CA ASP A 21 -7.45 8.50 -10.10
C ASP A 21 -7.84 7.11 -9.58
N ARG A 22 -9.13 6.82 -9.58
CA ARG A 22 -9.62 5.53 -9.14
C ARG A 22 -10.34 4.81 -10.28
N SER A 23 -10.26 3.50 -10.29
CA SER A 23 -10.91 2.69 -11.30
C SER A 23 -11.48 1.42 -10.67
N PRO B 1 1.30 -28.55 9.30
CA PRO B 1 0.03 -27.83 9.19
C PRO B 1 -0.73 -28.27 7.95
N HIS B 2 -2.05 -28.14 8.00
CA HIS B 2 -2.89 -28.54 6.86
C HIS B 2 -3.08 -27.36 5.92
N GLU B 3 -2.07 -27.13 5.07
CA GLU B 3 -2.09 -26.05 4.09
C GLU B 3 -2.21 -24.69 4.79
N GLN B 4 -2.64 -23.67 4.06
CA GLN B 4 -2.82 -22.35 4.63
C GLN B 4 -4.05 -22.31 5.54
N GLN B 5 -4.25 -21.16 6.15
CA GLN B 5 -5.37 -20.97 7.07
C GLN B 5 -6.40 -20.03 6.47
N GLU B 6 -7.61 -20.11 7.00
CA GLU B 6 -8.74 -19.36 6.48
C GLU B 6 -8.66 -17.90 6.90
N ASP B 7 -7.82 -17.62 7.89
CA ASP B 7 -7.65 -16.25 8.38
C ASP B 7 -6.58 -15.53 7.59
N VAL B 8 -5.95 -16.25 6.67
CA VAL B 8 -4.88 -15.69 5.85
C VAL B 8 -5.46 -14.86 4.70
N PRO B 9 -5.21 -13.56 4.73
CA PRO B 9 -5.66 -12.65 3.66
C PRO B 9 -4.87 -12.83 2.37
N GLU B 10 -5.57 -12.90 1.26
CA GLU B 10 -4.93 -13.01 -0.03
C GLU B 10 -5.09 -11.71 -0.79
N TYR B 11 -4.03 -10.91 -0.76
CA TYR B 11 -4.05 -9.62 -1.41
C TYR B 11 -3.58 -9.70 -2.86
N GLU B 12 -4.02 -8.76 -3.66
CA GLU B 12 -3.59 -8.65 -5.04
C GLU B 12 -2.92 -7.30 -5.24
N VAL B 13 -1.61 -7.31 -5.42
CA VAL B 13 -0.84 -6.09 -5.63
C VAL B 13 -0.71 -5.77 -7.11
N LYS B 14 -1.04 -4.54 -7.47
CA LYS B 14 -0.90 -4.07 -8.85
C LYS B 14 -0.09 -2.79 -8.85
N MET B 15 0.75 -2.62 -9.85
CA MET B 15 1.63 -1.47 -9.90
C MET B 15 1.44 -0.68 -11.18
N LYS B 16 1.48 0.64 -11.09
CA LYS B 16 1.23 1.49 -12.25
C LYS B 16 2.18 2.68 -12.27
N ARG B 17 2.78 2.95 -13.42
CA ARG B 17 3.71 4.06 -13.57
C ARG B 17 3.03 5.28 -14.20
N PHE B 18 3.34 6.45 -13.68
CA PHE B 18 2.81 7.69 -14.22
C PHE B 18 3.95 8.58 -14.72
N LYS B 19 3.59 9.62 -15.46
CA LYS B 19 4.57 10.56 -16.00
C LYS B 19 3.98 11.97 -16.02
N GLY B 20 4.41 12.81 -15.11
CA GLY B 20 3.92 14.16 -15.05
C GLY B 20 2.57 14.25 -14.35
N ALA B 21 2.47 13.60 -13.22
CA ALA B 21 1.23 13.59 -12.45
C ALA B 21 1.53 13.88 -10.98
N ALA B 22 0.48 14.05 -10.20
CA ALA B 22 0.63 14.29 -8.77
C ALA B 22 1.36 13.12 -8.11
N TYR B 23 1.24 11.96 -8.75
CA TYR B 23 1.86 10.74 -8.29
C TYR B 23 2.57 10.09 -9.46
N LYS B 24 3.73 9.51 -9.19
CA LYS B 24 4.56 8.92 -10.24
C LYS B 24 4.36 7.42 -10.26
N LEU B 25 3.88 6.89 -9.14
CA LEU B 25 3.67 5.47 -8.99
C LEU B 25 2.36 5.23 -8.25
N ARG B 26 1.56 4.28 -8.73
CA ARG B 26 0.35 3.88 -8.05
C ARG B 26 0.37 2.39 -7.79
N ILE B 27 0.03 1.99 -6.58
CA ILE B 27 0.00 0.58 -6.22
C ILE B 27 -1.37 0.24 -5.65
N LEU B 28 -1.94 -0.85 -6.12
CA LEU B 28 -3.25 -1.28 -5.68
C LEU B 28 -3.14 -2.59 -4.92
N ILE B 29 -3.58 -2.59 -3.69
CA ILE B 29 -3.55 -3.79 -2.88
C ILE B 29 -4.94 -4.08 -2.33
N GLU B 30 -5.63 -5.03 -2.92
CA GLU B 30 -6.96 -5.37 -2.46
C GLU B 30 -6.98 -6.79 -1.91
N ASN B 31 -7.90 -7.04 -1.01
CA ASN B 31 -8.01 -8.34 -0.37
C ASN B 31 -9.05 -9.20 -1.07
N LYS B 32 -8.58 -10.22 -1.75
CA LYS B 32 -9.47 -11.14 -2.44
C LYS B 32 -9.15 -12.57 -2.09
N ALA B 33 -9.85 -13.07 -1.11
CA ALA B 33 -9.67 -14.44 -0.66
C ALA B 33 -11.01 -15.13 -0.47
N PRO B 34 -11.03 -16.48 -0.50
CA PRO B 34 -12.24 -17.26 -0.24
C PRO B 34 -12.77 -17.03 1.17
N ASN B 35 -11.87 -16.58 2.04
CA ASN B 35 -12.22 -16.30 3.43
C ASN B 35 -11.54 -15.04 3.90
N SER B 36 -10.35 -15.20 4.46
CA SER B 36 -9.53 -14.09 4.95
C SER B 36 -10.12 -13.45 6.19
N LYS B 37 -9.25 -13.13 7.12
CA LYS B 37 -9.62 -12.44 8.33
C LYS B 37 -8.58 -11.37 8.64
N PRO B 38 -8.67 -10.22 7.93
CA PRO B 38 -7.70 -9.14 8.04
C PRO B 38 -7.62 -8.57 9.46
N ASP B 39 -6.40 -8.33 9.89
CA ASP B 39 -6.11 -7.82 11.22
C ASP B 39 -6.29 -6.31 11.26
N ARG B 40 -5.34 -5.58 10.68
CA ARG B 40 -5.43 -4.13 10.56
C ARG B 40 -4.38 -3.65 9.58
N PHE B 41 -4.38 -2.36 9.29
CA PHE B 41 -3.39 -1.79 8.39
C PHE B 41 -2.50 -0.81 9.11
N SER B 42 -1.22 -1.12 9.19
CA SER B 42 -0.24 -0.23 9.79
C SER B 42 1.02 -0.19 8.93
N PRO B 43 0.98 0.57 7.83
CA PRO B 43 2.10 0.67 6.88
C PRO B 43 3.20 1.62 7.35
N SER B 44 4.39 1.43 6.80
CA SER B 44 5.52 2.31 7.10
C SER B 44 6.57 2.20 5.99
N TYR B 45 7.26 3.30 5.74
CA TYR B 45 8.24 3.35 4.67
C TYR B 45 9.66 3.36 5.24
N ASN B 46 10.40 2.33 4.89
CA ASN B 46 11.80 2.24 5.30
C ASN B 46 12.71 2.68 4.16
N PHE B 47 13.34 3.83 4.34
CA PHE B 47 14.23 4.41 3.32
C PHE B 47 15.39 3.48 3.01
N ALA B 48 15.81 2.76 4.06
CA ALA B 48 16.95 1.86 3.96
C ALA B 48 16.80 0.88 2.81
N GLU B 49 15.60 0.32 2.65
CA GLU B 49 15.34 -0.62 1.57
C GLU B 49 14.40 -0.02 0.55
N ASN B 50 14.06 1.26 0.79
CA ASN B 50 13.10 2.03 -0.03
C ASN B 50 11.83 1.24 -0.29
N ILE B 51 11.32 0.61 0.77
CA ILE B 51 10.13 -0.21 0.67
C ILE B 51 9.04 0.29 1.60
N LEU B 52 7.83 0.35 1.07
CA LEU B 52 6.65 0.73 1.85
C LEU B 52 5.89 -0.54 2.22
N TYR B 53 6.07 -1.01 3.45
CA TYR B 53 5.42 -2.23 3.87
C TYR B 53 4.01 -1.92 4.34
N ILE B 54 3.09 -2.84 4.08
CA ILE B 54 1.71 -2.67 4.47
C ILE B 54 1.43 -3.43 5.77
N ASN B 55 1.65 -4.74 5.73
CA ASN B 55 1.43 -5.59 6.88
C ASN B 55 2.47 -6.70 6.87
N GLY B 56 2.39 -7.60 7.84
CA GLY B 56 3.29 -8.74 7.87
C GLY B 56 2.94 -9.75 6.80
N LYS B 57 1.95 -9.42 5.99
CA LYS B 57 1.50 -10.28 4.91
C LYS B 57 2.28 -9.97 3.65
N LEU B 58 2.51 -8.68 3.42
CA LEU B 58 3.22 -8.24 2.24
C LEU B 58 3.78 -6.82 2.41
N SER B 59 4.85 -6.56 1.69
CA SER B 59 5.43 -5.23 1.63
C SER B 59 5.44 -4.73 0.19
N ILE B 60 5.31 -3.43 0.01
CA ILE B 60 5.29 -2.85 -1.32
C ILE B 60 6.64 -2.19 -1.63
N PRO B 61 7.46 -2.84 -2.45
CA PRO B 61 8.78 -2.32 -2.80
C PRO B 61 8.71 -1.30 -3.92
N LEU B 62 9.35 -0.18 -3.69
CA LEU B 62 9.37 0.89 -4.68
C LEU B 62 10.64 0.82 -5.50
N PRO B 63 10.57 1.21 -6.78
CA PRO B 63 11.73 1.27 -7.65
C PRO B 63 12.72 2.33 -7.18
N ARG B 64 14.00 2.00 -7.27
CA ARG B 64 15.07 2.85 -6.77
C ARG B 64 15.25 4.07 -7.69
N ASP B 65 14.52 4.05 -8.80
CA ASP B 65 14.58 5.12 -9.77
C ASP B 65 13.71 6.30 -9.34
N ILE B 66 12.89 6.06 -8.31
CA ILE B 66 11.96 7.06 -7.84
C ILE B 66 12.31 7.50 -6.42
N VAL B 67 12.24 8.81 -6.19
CA VAL B 67 12.47 9.35 -4.86
C VAL B 67 11.17 9.31 -4.05
N VAL B 68 11.15 8.48 -3.01
CA VAL B 68 9.94 8.28 -2.24
C VAL B 68 10.16 8.66 -0.77
N ASN B 69 9.23 9.45 -0.25
CA ASN B 69 9.27 9.88 1.14
C ASN B 69 7.86 9.91 1.71
N ALA B 70 7.77 9.97 3.04
CA ALA B 70 6.48 9.91 3.73
C ALA B 70 5.60 11.11 3.40
N ALA B 71 6.23 12.14 2.86
CA ALA B 71 5.52 13.36 2.47
C ALA B 71 4.91 13.22 1.08
N ASP B 72 5.37 12.21 0.37
CA ASP B 72 4.97 11.99 -1.02
C ASP B 72 4.05 10.78 -1.11
N ILE B 73 4.21 9.90 -0.12
CA ILE B 73 3.41 8.68 -0.01
C ILE B 73 1.99 9.00 0.43
N LYS B 74 1.04 8.70 -0.45
CA LYS B 74 -0.37 8.92 -0.15
C LYS B 74 -1.08 7.57 -0.01
N ILE B 75 -1.26 7.13 1.23
CA ILE B 75 -1.90 5.85 1.50
C ILE B 75 -3.37 6.05 1.86
N PHE B 76 -4.25 5.51 1.03
CA PHE B 76 -5.68 5.59 1.26
C PHE B 76 -6.31 4.22 1.11
N HIS B 77 -6.96 3.76 2.16
CA HIS B 77 -7.59 2.45 2.14
C HIS B 77 -9.10 2.57 2.11
N ILE B 78 -9.71 1.94 1.13
CA ILE B 78 -11.16 1.92 1.00
C ILE B 78 -11.69 0.56 1.44
N ARG B 79 -12.43 0.53 2.54
CA ARG B 79 -13.01 -0.71 3.04
C ARG B 79 -14.17 -1.14 2.15
N LYS B 80 -14.76 -0.19 1.45
CA LYS B 80 -15.90 -0.45 0.58
C LYS B 80 -15.53 -1.44 -0.52
N GLU B 81 -14.42 -1.18 -1.21
CA GLU B 81 -13.92 -2.08 -2.24
C GLU B 81 -12.90 -3.02 -1.66
N ARG B 82 -12.65 -2.88 -0.36
CA ARG B 82 -11.60 -3.61 0.35
C ARG B 82 -10.27 -3.45 -0.38
N THR B 83 -10.04 -2.25 -0.93
CA THR B 83 -8.90 -2.01 -1.77
C THR B 83 -8.04 -0.89 -1.19
N LEU B 84 -6.73 -1.11 -1.16
CA LEU B 84 -5.81 -0.10 -0.68
C LEU B 84 -5.16 0.61 -1.86
N TYR B 85 -5.39 1.92 -1.95
CA TYR B 85 -4.82 2.72 -3.01
C TYR B 85 -3.57 3.45 -2.53
N ILE B 86 -2.45 3.15 -3.18
CA ILE B 86 -1.18 3.82 -2.88
C ILE B 86 -0.81 4.75 -4.03
N TYR B 87 -0.61 6.02 -3.71
CA TYR B 87 -0.18 6.99 -4.71
C TYR B 87 1.12 7.64 -4.25
N ILE B 88 2.13 7.61 -5.10
CA ILE B 88 3.41 8.20 -4.78
C ILE B 88 3.89 9.06 -5.94
N GLY A 1 14.27 -1.40 8.71
CA GLY A 1 15.28 -0.98 7.72
C GLY A 1 16.44 -0.25 8.36
N PRO A 2 17.65 -0.85 8.38
CA PRO A 2 18.81 -0.28 9.06
C PRO A 2 19.35 0.98 8.38
N HIS A 3 18.72 2.11 8.67
CA HIS A 3 19.10 3.41 8.13
C HIS A 3 18.09 4.45 8.59
N MET A 4 16.83 4.16 8.30
CA MET A 4 15.72 5.03 8.68
C MET A 4 14.42 4.44 8.13
N SER A 5 13.38 4.42 8.95
CA SER A 5 12.09 3.91 8.54
C SER A 5 10.97 4.70 9.19
N VAL A 6 10.06 5.21 8.38
CA VAL A 6 8.95 6.03 8.88
C VAL A 6 7.61 5.34 8.64
N GLN A 7 6.73 5.47 9.61
CA GLN A 7 5.41 4.86 9.52
C GLN A 7 4.45 5.79 8.78
N ILE A 8 3.62 5.24 7.92
CA ILE A 8 2.68 6.03 7.16
C ILE A 8 1.25 5.75 7.61
N PRO A 9 0.55 6.77 8.15
CA PRO A 9 -0.83 6.61 8.60
C PRO A 9 -1.81 6.46 7.44
N VAL A 10 -2.66 5.44 7.50
CA VAL A 10 -3.63 5.17 6.46
C VAL A 10 -4.88 6.02 6.66
N VAL A 11 -5.40 6.57 5.57
CA VAL A 11 -6.67 7.27 5.61
C VAL A 11 -7.76 6.37 5.05
N GLU A 12 -8.68 5.94 5.90
CA GLU A 12 -9.74 5.04 5.47
C GLU A 12 -10.99 5.82 5.10
N VAL A 13 -11.24 5.87 3.80
CA VAL A 13 -12.35 6.64 3.26
C VAL A 13 -13.23 5.80 2.35
N ASP A 14 -14.20 6.44 1.68
CA ASP A 14 -15.07 5.75 0.74
C ASP A 14 -14.35 5.59 -0.57
N GLU A 15 -13.53 6.57 -0.90
CA GLU A 15 -12.80 6.60 -2.14
C GLU A 15 -11.86 7.79 -2.16
N LEU A 16 -11.07 7.89 -3.21
CA LEU A 16 -10.09 8.96 -3.32
C LEU A 16 -10.75 10.27 -3.72
N PRO A 17 -10.30 11.38 -3.14
CA PRO A 17 -10.76 12.72 -3.51
C PRO A 17 -10.27 13.12 -4.90
N GLU A 18 -10.74 14.26 -5.39
CA GLU A 18 -10.36 14.74 -6.72
C GLU A 18 -8.85 14.87 -6.83
N GLY A 19 -8.32 14.47 -7.99
CA GLY A 19 -6.89 14.52 -8.20
C GLY A 19 -6.29 13.14 -8.27
N TYR A 20 -6.98 12.17 -7.67
CA TYR A 20 -6.52 10.80 -7.63
C TYR A 20 -7.08 9.98 -8.78
N ASP A 21 -6.50 8.81 -9.00
CA ASP A 21 -6.94 7.92 -10.07
C ASP A 21 -7.29 6.55 -9.51
N ARG A 22 -8.57 6.32 -9.31
CA ARG A 22 -9.04 5.06 -8.76
C ARG A 22 -9.48 4.12 -9.86
N SER A 23 -9.29 2.82 -9.63
CA SER A 23 -9.66 1.79 -10.56
C SER A 23 -8.97 1.97 -11.92
N PRO B 1 4.95 -29.00 11.33
CA PRO B 1 3.69 -28.84 10.57
C PRO B 1 3.32 -27.35 10.46
N HIS B 2 2.25 -27.06 9.74
CA HIS B 2 1.81 -25.68 9.56
C HIS B 2 0.39 -25.49 10.10
N GLU B 3 0.25 -24.55 11.02
CA GLU B 3 -1.07 -24.19 11.53
C GLU B 3 -1.67 -23.11 10.64
N GLN B 4 -2.56 -23.53 9.73
CA GLN B 4 -3.17 -22.62 8.79
C GLN B 4 -4.40 -21.95 9.41
N GLN B 5 -4.63 -20.71 9.03
CA GLN B 5 -5.81 -19.98 9.47
C GLN B 5 -6.75 -19.71 8.33
N GLU B 6 -7.85 -19.09 8.66
CA GLU B 6 -8.90 -18.80 7.70
C GLU B 6 -9.15 -17.30 7.65
N ASP B 7 -8.45 -16.60 8.52
CA ASP B 7 -8.57 -15.15 8.63
C ASP B 7 -7.60 -14.48 7.67
N VAL B 8 -6.74 -15.29 7.08
CA VAL B 8 -5.69 -14.79 6.21
C VAL B 8 -6.25 -14.11 4.97
N PRO B 9 -6.02 -12.80 4.85
CA PRO B 9 -6.46 -12.02 3.70
C PRO B 9 -5.58 -12.24 2.48
N GLU B 10 -6.21 -12.54 1.35
CA GLU B 10 -5.50 -12.68 0.09
C GLU B 10 -5.47 -11.34 -0.64
N TYR B 11 -4.36 -10.66 -0.53
CA TYR B 11 -4.18 -9.39 -1.22
C TYR B 11 -3.66 -9.63 -2.62
N GLU B 12 -3.94 -8.69 -3.49
CA GLU B 12 -3.45 -8.73 -4.84
C GLU B 12 -2.89 -7.36 -5.20
N VAL B 13 -1.59 -7.31 -5.45
CA VAL B 13 -0.89 -6.05 -5.66
C VAL B 13 -0.63 -5.79 -7.14
N LYS B 14 -0.94 -4.57 -7.57
CA LYS B 14 -0.73 -4.14 -8.94
C LYS B 14 0.12 -2.87 -8.90
N MET B 15 0.89 -2.65 -9.95
CA MET B 15 1.78 -1.49 -9.98
C MET B 15 1.57 -0.72 -11.28
N LYS B 16 1.54 0.61 -11.19
CA LYS B 16 1.23 1.43 -12.36
C LYS B 16 2.05 2.72 -12.32
N ARG B 17 2.67 3.06 -13.45
CA ARG B 17 3.54 4.22 -13.55
C ARG B 17 2.79 5.43 -14.08
N PHE B 18 3.09 6.60 -13.53
CA PHE B 18 2.49 7.85 -14.00
C PHE B 18 3.57 8.82 -14.46
N LYS B 19 3.24 9.62 -15.46
CA LYS B 19 4.16 10.62 -15.98
C LYS B 19 3.55 12.01 -15.83
N GLY B 20 4.23 12.86 -15.06
CA GLY B 20 3.75 14.21 -14.86
C GLY B 20 2.43 14.26 -14.10
N ALA B 21 2.38 13.59 -12.98
CA ALA B 21 1.19 13.58 -12.14
C ALA B 21 1.57 13.83 -10.69
N ALA B 22 0.57 14.01 -9.83
CA ALA B 22 0.80 14.24 -8.41
C ALA B 22 1.46 13.01 -7.78
N TYR B 23 1.37 11.89 -8.49
CA TYR B 23 1.98 10.65 -8.07
C TYR B 23 2.71 10.04 -9.26
N LYS B 24 3.84 9.41 -9.00
CA LYS B 24 4.66 8.82 -10.05
C LYS B 24 4.38 7.33 -10.14
N LEU B 25 3.89 6.79 -9.04
CA LEU B 25 3.60 5.38 -8.95
C LEU B 25 2.27 5.16 -8.23
N ARG B 26 1.44 4.29 -8.79
CA ARG B 26 0.20 3.91 -8.15
C ARG B 26 0.19 2.40 -7.90
N ILE B 27 0.12 2.02 -6.65
CA ILE B 27 0.14 0.61 -6.29
C ILE B 27 -1.23 0.23 -5.74
N LEU B 28 -1.77 -0.85 -6.25
CA LEU B 28 -3.11 -1.29 -5.88
C LEU B 28 -3.03 -2.60 -5.12
N ILE B 29 -3.38 -2.56 -3.85
CA ILE B 29 -3.40 -3.77 -3.03
C ILE B 29 -4.81 -4.01 -2.52
N GLU B 30 -5.52 -4.94 -3.12
CA GLU B 30 -6.90 -5.19 -2.75
C GLU B 30 -7.04 -6.55 -2.11
N ASN B 31 -8.01 -6.67 -1.22
CA ASN B 31 -8.26 -7.92 -0.53
C ASN B 31 -9.34 -8.70 -1.25
N LYS B 32 -8.95 -9.83 -1.80
CA LYS B 32 -9.89 -10.68 -2.48
C LYS B 32 -9.64 -12.14 -2.12
N ALA B 33 -10.35 -12.61 -1.10
CA ALA B 33 -10.28 -14.01 -0.72
C ALA B 33 -11.67 -14.59 -0.54
N PRO B 34 -11.81 -15.92 -0.54
CA PRO B 34 -13.06 -16.59 -0.17
C PRO B 34 -13.44 -16.25 1.25
N ASN B 35 -12.43 -16.27 2.11
CA ASN B 35 -12.59 -15.98 3.53
C ASN B 35 -11.40 -15.18 4.02
N SER B 36 -11.59 -13.89 4.12
CA SER B 36 -10.55 -12.99 4.59
C SER B 36 -11.11 -12.03 5.63
N LYS B 37 -10.35 -11.79 6.69
CA LYS B 37 -10.78 -10.90 7.75
C LYS B 37 -9.70 -9.90 8.12
N PRO B 38 -9.49 -8.88 7.28
CA PRO B 38 -8.59 -7.79 7.61
C PRO B 38 -9.23 -6.80 8.56
N ASP B 39 -8.46 -6.35 9.51
CA ASP B 39 -8.96 -5.44 10.54
C ASP B 39 -8.41 -4.04 10.35
N ARG B 40 -7.10 -3.95 10.16
CA ARG B 40 -6.43 -2.66 10.05
C ARG B 40 -5.11 -2.81 9.34
N PHE B 41 -4.43 -1.69 9.11
CA PHE B 41 -3.16 -1.69 8.42
C PHE B 41 -2.16 -0.84 9.16
N SER B 42 -0.91 -1.26 9.14
CA SER B 42 0.17 -0.45 9.68
C SER B 42 1.33 -0.45 8.69
N PRO B 43 1.22 0.37 7.63
CA PRO B 43 2.26 0.49 6.62
C PRO B 43 3.35 1.47 7.03
N SER B 44 4.54 1.27 6.51
CA SER B 44 5.66 2.14 6.82
C SER B 44 6.69 2.07 5.72
N TYR B 45 7.28 3.21 5.42
CA TYR B 45 8.29 3.29 4.39
C TYR B 45 9.68 3.29 5.00
N ASN B 46 10.53 2.42 4.51
CA ASN B 46 11.89 2.37 4.98
C ASN B 46 12.83 2.91 3.92
N PHE B 47 13.71 3.80 4.32
CA PHE B 47 14.64 4.43 3.40
C PHE B 47 15.81 3.51 3.08
N ALA B 48 16.10 2.57 3.97
CA ALA B 48 17.24 1.68 3.80
C ALA B 48 17.08 0.82 2.56
N GLU B 49 15.94 0.16 2.46
CA GLU B 49 15.65 -0.68 1.31
C GLU B 49 14.65 0.01 0.39
N ASN B 50 14.20 1.20 0.82
CA ASN B 50 13.33 2.08 0.01
C ASN B 50 12.03 1.36 -0.33
N ILE B 51 11.54 0.60 0.64
CA ILE B 51 10.35 -0.20 0.48
C ILE B 51 9.25 0.23 1.43
N LEU B 52 8.04 0.31 0.91
CA LEU B 52 6.86 0.65 1.68
C LEU B 52 6.11 -0.63 2.03
N TYR B 53 6.28 -1.12 3.24
CA TYR B 53 5.62 -2.36 3.64
C TYR B 53 4.23 -2.05 4.17
N ILE B 54 3.28 -2.91 3.84
CA ILE B 54 1.89 -2.71 4.20
C ILE B 54 1.57 -3.36 5.54
N ASN B 55 1.96 -4.62 5.66
CA ASN B 55 1.78 -5.39 6.89
C ASN B 55 2.78 -6.53 6.89
N GLY B 56 2.64 -7.45 7.82
CA GLY B 56 3.53 -8.60 7.87
C GLY B 56 3.13 -9.68 6.88
N LYS B 57 2.37 -9.30 5.87
CA LYS B 57 1.93 -10.21 4.83
C LYS B 57 2.67 -9.95 3.55
N LEU B 58 2.75 -8.68 3.19
CA LEU B 58 3.41 -8.27 1.97
C LEU B 58 3.98 -6.86 2.10
N SER B 59 5.03 -6.59 1.34
CA SER B 59 5.66 -5.29 1.33
C SER B 59 5.76 -4.77 -0.11
N ILE B 60 5.62 -3.46 -0.28
CA ILE B 60 5.63 -2.87 -1.61
C ILE B 60 6.96 -2.15 -1.86
N PRO B 61 7.86 -2.77 -2.63
CA PRO B 61 9.15 -2.16 -2.94
C PRO B 61 9.05 -1.11 -4.03
N LEU B 62 9.69 0.02 -3.81
CA LEU B 62 9.65 1.12 -4.75
C LEU B 62 10.89 1.11 -5.64
N PRO B 63 10.78 1.66 -6.86
CA PRO B 63 11.91 1.80 -7.76
C PRO B 63 12.93 2.80 -7.21
N ARG B 64 14.20 2.48 -7.39
CA ARG B 64 15.28 3.30 -6.85
C ARG B 64 15.45 4.56 -7.68
N ASP B 65 14.76 4.59 -8.82
CA ASP B 65 14.83 5.72 -9.74
C ASP B 65 13.95 6.86 -9.24
N ILE B 66 13.10 6.55 -8.26
CA ILE B 66 12.16 7.53 -7.74
C ILE B 66 12.48 7.86 -6.29
N VAL B 67 12.46 9.15 -5.97
CA VAL B 67 12.67 9.60 -4.61
C VAL B 67 11.34 9.60 -3.87
N VAL B 68 11.24 8.75 -2.86
CA VAL B 68 10.00 8.58 -2.14
C VAL B 68 10.18 8.83 -0.65
N ASN B 69 9.25 9.58 -0.08
CA ASN B 69 9.26 9.93 1.33
C ASN B 69 7.85 9.90 1.87
N ALA B 70 7.72 9.92 3.19
CA ALA B 70 6.42 9.80 3.85
C ALA B 70 5.55 11.02 3.59
N ALA B 71 6.15 12.07 3.06
CA ALA B 71 5.43 13.29 2.72
C ALA B 71 4.89 13.22 1.29
N ASP B 72 5.34 12.21 0.57
CA ASP B 72 4.95 12.03 -0.83
C ASP B 72 4.06 10.80 -0.96
N ILE B 73 4.20 9.90 -0.01
CA ILE B 73 3.41 8.68 0.05
C ILE B 73 1.99 8.97 0.50
N LYS B 74 1.03 8.63 -0.35
CA LYS B 74 -0.38 8.83 -0.04
C LYS B 74 -1.07 7.47 0.09
N ILE B 75 -1.33 7.02 1.31
CA ILE B 75 -1.97 5.74 1.54
C ILE B 75 -3.42 5.91 1.96
N PHE B 76 -4.32 5.32 1.18
CA PHE B 76 -5.75 5.41 1.43
C PHE B 76 -6.40 4.03 1.33
N HIS B 77 -7.03 3.58 2.39
CA HIS B 77 -7.71 2.30 2.41
C HIS B 77 -9.21 2.48 2.33
N ILE B 78 -9.81 1.98 1.28
CA ILE B 78 -11.25 1.97 1.16
C ILE B 78 -11.81 0.67 1.74
N ARG B 79 -12.73 0.81 2.69
CA ARG B 79 -13.32 -0.34 3.36
C ARG B 79 -14.34 -1.03 2.47
N LYS B 80 -15.13 -0.21 1.80
CA LYS B 80 -16.24 -0.68 0.97
C LYS B 80 -15.74 -1.59 -0.15
N GLU B 81 -14.71 -1.16 -0.86
CA GLU B 81 -14.15 -1.92 -1.96
C GLU B 81 -13.10 -2.91 -1.46
N ARG B 82 -12.82 -2.85 -0.16
CA ARG B 82 -11.77 -3.66 0.48
C ARG B 82 -10.44 -3.48 -0.25
N THR B 83 -10.15 -2.26 -0.66
CA THR B 83 -9.00 -2.01 -1.50
C THR B 83 -8.10 -0.93 -0.90
N LEU B 84 -6.80 -1.16 -0.95
CA LEU B 84 -5.83 -0.20 -0.45
C LEU B 84 -5.08 0.45 -1.61
N TYR B 85 -5.19 1.76 -1.71
CA TYR B 85 -4.57 2.51 -2.78
C TYR B 85 -3.31 3.19 -2.29
N ILE B 86 -2.22 3.00 -3.02
CA ILE B 86 -0.95 3.65 -2.72
C ILE B 86 -0.57 4.59 -3.85
N TYR B 87 -0.47 5.87 -3.54
CA TYR B 87 -0.04 6.85 -4.53
C TYR B 87 1.27 7.49 -4.10
N ILE B 88 2.26 7.45 -4.96
CA ILE B 88 3.57 8.01 -4.66
C ILE B 88 4.05 8.82 -5.85
N GLY A 1 23.10 1.28 4.65
CA GLY A 1 23.38 2.65 5.12
C GLY A 1 22.48 3.06 6.27
N PRO A 2 22.01 4.32 6.29
CA PRO A 2 21.12 4.82 7.35
C PRO A 2 19.82 4.02 7.42
N HIS A 3 19.56 3.41 8.56
CA HIS A 3 18.38 2.57 8.74
C HIS A 3 17.21 3.39 9.26
N MET A 4 16.76 4.35 8.46
CA MET A 4 15.63 5.19 8.85
C MET A 4 14.34 4.60 8.32
N SER A 5 13.36 4.46 9.19
CA SER A 5 12.06 3.98 8.80
C SER A 5 10.96 4.84 9.43
N VAL A 6 10.05 5.32 8.62
CA VAL A 6 8.98 6.18 9.08
C VAL A 6 7.63 5.53 8.84
N GLN A 7 6.72 5.72 9.76
CA GLN A 7 5.40 5.12 9.67
C GLN A 7 4.46 6.03 8.88
N ILE A 8 3.66 5.43 8.00
CA ILE A 8 2.71 6.20 7.22
C ILE A 8 1.28 5.89 7.68
N PRO A 9 0.58 6.88 8.24
CA PRO A 9 -0.80 6.70 8.69
C PRO A 9 -1.78 6.59 7.52
N VAL A 10 -2.60 5.55 7.54
CA VAL A 10 -3.55 5.32 6.47
C VAL A 10 -4.81 6.17 6.66
N VAL A 11 -5.24 6.81 5.59
CA VAL A 11 -6.48 7.56 5.60
C VAL A 11 -7.60 6.68 5.06
N GLU A 12 -8.56 6.35 5.92
CA GLU A 12 -9.68 5.53 5.50
C GLU A 12 -10.83 6.39 5.00
N VAL A 13 -11.06 6.31 3.71
CA VAL A 13 -12.08 7.11 3.06
C VAL A 13 -13.02 6.25 2.23
N ASP A 14 -13.99 6.90 1.61
CA ASP A 14 -14.96 6.22 0.77
C ASP A 14 -14.43 6.18 -0.67
N GLU A 15 -13.61 7.17 -0.99
CA GLU A 15 -12.98 7.28 -2.29
C GLU A 15 -11.92 8.38 -2.23
N LEU A 16 -11.03 8.40 -3.22
CA LEU A 16 -9.96 9.37 -3.24
C LEU A 16 -10.47 10.71 -3.72
N PRO A 17 -9.95 11.81 -3.14
CA PRO A 17 -10.36 13.17 -3.51
C PRO A 17 -9.85 13.57 -4.89
N GLU A 18 -10.27 14.76 -5.34
CA GLU A 18 -9.86 15.30 -6.63
C GLU A 18 -8.36 15.22 -6.83
N GLY A 19 -7.95 14.85 -8.04
CA GLY A 19 -6.54 14.74 -8.36
C GLY A 19 -6.04 13.31 -8.26
N TYR A 20 -6.91 12.42 -7.82
CA TYR A 20 -6.56 11.02 -7.69
C TYR A 20 -7.20 10.17 -8.76
N ASP A 21 -6.51 9.11 -9.15
CA ASP A 21 -6.99 8.18 -10.16
C ASP A 21 -7.36 6.85 -9.53
N ARG A 22 -8.65 6.66 -9.27
CA ARG A 22 -9.13 5.45 -8.65
C ARG A 22 -9.26 4.33 -9.69
N SER A 23 -8.96 3.11 -9.27
CA SER A 23 -8.97 1.99 -10.18
C SER A 23 -10.37 1.40 -10.27
N PRO B 1 -0.65 -32.84 1.58
CA PRO B 1 0.01 -31.76 0.84
C PRO B 1 0.13 -30.52 1.73
N HIS B 2 0.51 -29.39 1.15
CA HIS B 2 0.64 -28.15 1.89
C HIS B 2 -0.73 -27.67 2.36
N GLU B 3 -1.65 -27.53 1.40
CA GLU B 3 -3.04 -27.16 1.69
C GLU B 3 -3.13 -25.78 2.34
N GLN B 4 -3.50 -24.78 1.56
CA GLN B 4 -3.62 -23.42 2.06
C GLN B 4 -4.90 -23.25 2.87
N GLN B 5 -4.90 -22.24 3.71
CA GLN B 5 -6.02 -21.96 4.60
C GLN B 5 -6.92 -20.90 3.99
N GLU B 6 -8.18 -20.91 4.38
CA GLU B 6 -9.18 -20.05 3.77
C GLU B 6 -9.37 -18.76 4.55
N ASP B 7 -8.86 -18.74 5.77
CA ASP B 7 -8.92 -17.55 6.61
C ASP B 7 -7.78 -16.62 6.26
N VAL B 8 -6.83 -17.15 5.50
CA VAL B 8 -5.69 -16.37 5.02
C VAL B 8 -6.15 -15.33 4.00
N PRO B 9 -5.93 -14.06 4.29
CA PRO B 9 -6.26 -12.97 3.37
C PRO B 9 -5.36 -12.98 2.15
N GLU B 10 -5.97 -12.92 0.99
CA GLU B 10 -5.24 -12.92 -0.25
C GLU B 10 -5.27 -11.51 -0.85
N TYR B 11 -4.20 -10.78 -0.64
CA TYR B 11 -4.07 -9.45 -1.18
C TYR B 11 -3.50 -9.51 -2.58
N GLU B 12 -4.07 -8.69 -3.46
CA GLU B 12 -3.61 -8.60 -4.82
C GLU B 12 -2.96 -7.25 -5.03
N VAL B 13 -1.66 -7.27 -5.27
CA VAL B 13 -0.89 -6.05 -5.49
C VAL B 13 -0.78 -5.73 -6.98
N LYS B 14 -1.21 -4.54 -7.35
CA LYS B 14 -1.11 -4.08 -8.72
C LYS B 14 -0.23 -2.85 -8.76
N MET B 15 0.73 -2.82 -9.67
CA MET B 15 1.67 -1.73 -9.73
C MET B 15 1.57 -1.03 -11.07
N LYS B 16 1.57 0.29 -11.05
CA LYS B 16 1.33 1.06 -12.28
C LYS B 16 2.21 2.30 -12.31
N ARG B 17 2.87 2.52 -13.44
CA ARG B 17 3.76 3.67 -13.61
C ARG B 17 2.99 4.86 -14.19
N PHE B 18 3.17 6.01 -13.58
CA PHE B 18 2.54 7.25 -14.05
C PHE B 18 3.60 8.25 -14.49
N LYS B 19 3.23 9.07 -15.47
CA LYS B 19 4.10 10.11 -15.97
C LYS B 19 3.33 11.42 -16.07
N GLY B 20 3.81 12.44 -15.39
CA GLY B 20 3.16 13.73 -15.43
C GLY B 20 1.97 13.81 -14.50
N ALA B 21 1.98 12.97 -13.47
CA ALA B 21 0.92 12.96 -12.49
C ALA B 21 1.45 13.43 -11.14
N ALA B 22 0.53 13.64 -10.19
CA ALA B 22 0.91 14.03 -8.84
C ALA B 22 1.58 12.86 -8.12
N TYR B 23 1.49 11.70 -8.74
CA TYR B 23 2.11 10.49 -8.25
C TYR B 23 2.76 9.76 -9.41
N LYS B 24 3.91 9.17 -9.18
CA LYS B 24 4.68 8.54 -10.24
C LYS B 24 4.40 7.05 -10.24
N LEU B 25 3.91 6.56 -9.11
CA LEU B 25 3.58 5.16 -8.98
C LEU B 25 2.23 4.98 -8.29
N ARG B 26 1.40 4.13 -8.88
CA ARG B 26 0.12 3.77 -8.29
C ARG B 26 0.13 2.28 -7.94
N ILE B 27 -0.11 1.97 -6.68
CA ILE B 27 -0.12 0.58 -6.25
C ILE B 27 -1.47 0.27 -5.62
N LEU B 28 -2.09 -0.81 -6.08
CA LEU B 28 -3.40 -1.19 -5.59
C LEU B 28 -3.30 -2.51 -4.87
N ILE B 29 -3.69 -2.51 -3.59
CA ILE B 29 -3.66 -3.73 -2.81
C ILE B 29 -5.06 -4.01 -2.27
N GLU B 30 -5.75 -4.95 -2.88
CA GLU B 30 -7.09 -5.29 -2.44
C GLU B 30 -7.11 -6.70 -1.86
N ASN B 31 -8.06 -6.92 -0.98
CA ASN B 31 -8.18 -8.20 -0.28
C ASN B 31 -9.24 -9.05 -0.95
N LYS B 32 -8.82 -10.13 -1.58
CA LYS B 32 -9.74 -11.02 -2.26
C LYS B 32 -9.42 -12.47 -1.94
N ALA B 33 -10.05 -13.00 -0.91
CA ALA B 33 -9.88 -14.40 -0.56
C ALA B 33 -11.23 -15.01 -0.20
N PRO B 34 -11.35 -16.36 -0.21
CA PRO B 34 -12.62 -17.06 0.05
C PRO B 34 -13.32 -16.56 1.29
N ASN B 35 -12.55 -16.38 2.33
CA ASN B 35 -13.07 -15.92 3.62
C ASN B 35 -12.24 -14.77 4.13
N SER B 36 -11.00 -15.08 4.48
CA SER B 36 -9.97 -14.12 4.89
C SER B 36 -10.36 -13.26 6.10
N LYS B 37 -9.43 -13.20 7.05
CA LYS B 37 -9.62 -12.39 8.24
C LYS B 37 -8.51 -11.33 8.35
N PRO B 38 -8.67 -10.19 7.65
CA PRO B 38 -7.71 -9.08 7.73
C PRO B 38 -7.58 -8.54 9.15
N ASP B 39 -6.36 -8.22 9.51
CA ASP B 39 -6.03 -7.78 10.87
C ASP B 39 -6.16 -6.26 10.98
N ARG B 40 -5.17 -5.58 10.44
CA ARG B 40 -5.10 -4.14 10.50
C ARG B 40 -4.18 -3.63 9.41
N PHE B 41 -4.07 -2.32 9.29
CA PHE B 41 -3.19 -1.72 8.31
C PHE B 41 -2.25 -0.73 8.97
N SER B 42 -0.99 -1.10 9.06
CA SER B 42 0.02 -0.25 9.63
C SER B 42 1.24 -0.25 8.73
N PRO B 43 1.19 0.53 7.64
CA PRO B 43 2.28 0.62 6.68
C PRO B 43 3.35 1.61 7.11
N SER B 44 4.53 1.45 6.58
CA SER B 44 5.64 2.32 6.91
C SER B 44 6.70 2.27 5.82
N TYR B 45 7.33 3.40 5.57
CA TYR B 45 8.34 3.51 4.54
C TYR B 45 9.72 3.53 5.16
N ASN B 46 10.59 2.68 4.66
CA ASN B 46 11.95 2.64 5.13
C ASN B 46 12.87 3.17 4.05
N PHE B 47 13.68 4.16 4.42
CA PHE B 47 14.56 4.83 3.47
C PHE B 47 15.77 3.96 3.14
N ALA B 48 16.12 3.07 4.06
CA ALA B 48 17.32 2.26 3.89
C ALA B 48 17.24 1.37 2.66
N GLU B 49 16.07 0.77 2.44
CA GLU B 49 15.86 -0.07 1.27
C GLU B 49 14.87 0.57 0.33
N ASN B 50 14.25 1.67 0.81
CA ASN B 50 13.24 2.45 0.06
C ASN B 50 12.03 1.56 -0.25
N ILE B 51 11.66 0.78 0.75
CA ILE B 51 10.50 -0.11 0.65
C ILE B 51 9.35 0.44 1.50
N LEU B 52 8.15 0.37 0.95
CA LEU B 52 6.94 0.74 1.68
C LEU B 52 6.18 -0.53 2.05
N TYR B 53 6.33 -0.97 3.29
CA TYR B 53 5.71 -2.21 3.72
C TYR B 53 4.28 -1.94 4.19
N ILE B 54 3.38 -2.89 3.92
CA ILE B 54 1.98 -2.72 4.25
C ILE B 54 1.60 -3.55 5.47
N ASN B 55 1.97 -4.83 5.44
CA ASN B 55 1.60 -5.75 6.49
C ASN B 55 2.72 -6.76 6.68
N GLY B 56 2.59 -7.62 7.68
CA GLY B 56 3.55 -8.69 7.86
C GLY B 56 3.35 -9.78 6.81
N LYS B 57 2.44 -9.53 5.90
CA LYS B 57 2.07 -10.46 4.87
C LYS B 57 2.73 -10.08 3.54
N LEU B 58 2.88 -8.78 3.31
CA LEU B 58 3.44 -8.29 2.07
C LEU B 58 4.01 -6.87 2.23
N SER B 59 5.00 -6.56 1.40
CA SER B 59 5.62 -5.26 1.41
C SER B 59 5.74 -4.75 -0.02
N ILE B 60 5.58 -3.45 -0.21
CA ILE B 60 5.62 -2.84 -1.53
C ILE B 60 6.96 -2.17 -1.76
N PRO B 61 7.82 -2.76 -2.60
CA PRO B 61 9.13 -2.21 -2.89
C PRO B 61 9.08 -1.12 -3.96
N LEU B 62 9.77 -0.03 -3.72
CA LEU B 62 9.77 1.08 -4.66
C LEU B 62 11.03 1.05 -5.52
N PRO B 63 10.93 1.53 -6.77
CA PRO B 63 12.09 1.65 -7.65
C PRO B 63 13.05 2.73 -7.15
N ARG B 64 14.34 2.46 -7.29
CA ARG B 64 15.37 3.36 -6.75
C ARG B 64 15.56 4.56 -7.67
N ASP B 65 14.78 4.59 -8.74
CA ASP B 65 14.82 5.71 -9.68
C ASP B 65 13.96 6.85 -9.16
N ILE B 66 13.11 6.53 -8.19
CA ILE B 66 12.17 7.50 -7.65
C ILE B 66 12.55 7.92 -6.24
N VAL B 67 12.51 9.21 -5.99
CA VAL B 67 12.75 9.74 -4.65
C VAL B 67 11.45 9.71 -3.85
N VAL B 68 11.41 8.90 -2.80
CA VAL B 68 10.19 8.68 -2.05
C VAL B 68 10.36 9.07 -0.59
N ASN B 69 9.36 9.77 -0.08
CA ASN B 69 9.33 10.20 1.32
C ASN B 69 7.92 10.08 1.85
N ALA B 70 7.79 10.05 3.17
CA ALA B 70 6.50 9.87 3.84
C ALA B 70 5.54 11.00 3.52
N ALA B 71 6.10 12.12 3.10
CA ALA B 71 5.29 13.29 2.77
C ALA B 71 4.73 13.20 1.35
N ASP B 72 5.29 12.29 0.57
CA ASP B 72 4.90 12.12 -0.82
C ASP B 72 4.04 10.86 -0.96
N ILE B 73 4.19 9.98 0.01
CA ILE B 73 3.42 8.74 0.08
C ILE B 73 1.98 9.01 0.50
N LYS B 74 1.05 8.65 -0.37
CA LYS B 74 -0.37 8.82 -0.10
C LYS B 74 -1.04 7.46 0.03
N ILE B 75 -1.43 7.10 1.25
CA ILE B 75 -2.06 5.80 1.50
C ILE B 75 -3.52 5.97 1.92
N PHE B 76 -4.43 5.40 1.14
CA PHE B 76 -5.85 5.50 1.41
C PHE B 76 -6.51 4.12 1.38
N HIS B 77 -7.06 3.71 2.52
CA HIS B 77 -7.76 2.44 2.59
C HIS B 77 -9.26 2.64 2.51
N ILE B 78 -9.87 2.03 1.51
CA ILE B 78 -11.32 2.02 1.41
C ILE B 78 -11.84 0.66 1.86
N ARG B 79 -12.41 0.62 3.05
CA ARG B 79 -12.89 -0.64 3.62
C ARG B 79 -14.23 -1.04 3.01
N LYS B 80 -14.91 -0.09 2.41
CA LYS B 80 -16.16 -0.37 1.70
C LYS B 80 -15.88 -1.24 0.48
N GLU B 81 -14.83 -0.88 -0.25
CA GLU B 81 -14.45 -1.60 -1.45
C GLU B 81 -13.39 -2.66 -1.12
N ARG B 82 -12.97 -2.66 0.15
CA ARG B 82 -11.95 -3.57 0.65
C ARG B 82 -10.65 -3.43 -0.15
N THR B 83 -10.36 -2.20 -0.58
CA THR B 83 -9.23 -1.96 -1.44
C THR B 83 -8.33 -0.86 -0.85
N LEU B 84 -7.02 -1.09 -0.92
CA LEU B 84 -6.05 -0.11 -0.45
C LEU B 84 -5.36 0.57 -1.62
N TYR B 85 -5.41 1.89 -1.65
CA TYR B 85 -4.84 2.67 -2.74
C TYR B 85 -3.54 3.34 -2.29
N ILE B 86 -2.48 3.12 -3.04
CA ILE B 86 -1.18 3.73 -2.77
C ILE B 86 -0.79 4.64 -3.93
N TYR B 87 -0.50 5.89 -3.62
CA TYR B 87 -0.04 6.84 -4.63
C TYR B 87 1.26 7.49 -4.17
N ILE B 88 2.28 7.43 -5.00
CA ILE B 88 3.57 8.03 -4.68
C ILE B 88 4.08 8.83 -5.86
N GLY A 1 24.37 0.45 7.87
CA GLY A 1 23.54 1.33 8.74
C GLY A 1 22.19 1.63 8.11
N PRO A 2 21.10 1.12 8.69
CA PRO A 2 19.74 1.38 8.20
C PRO A 2 19.37 2.86 8.31
N HIS A 3 18.99 3.46 7.19
CA HIS A 3 18.65 4.88 7.15
C HIS A 3 17.24 5.13 7.69
N MET A 4 16.95 4.56 8.86
CA MET A 4 15.68 4.77 9.56
C MET A 4 14.48 4.22 8.79
N SER A 5 13.32 4.30 9.43
CA SER A 5 12.07 3.87 8.85
C SER A 5 10.94 4.68 9.46
N VAL A 6 10.09 5.25 8.62
CA VAL A 6 9.03 6.12 9.08
C VAL A 6 7.66 5.48 8.83
N GLN A 7 6.75 5.68 9.76
CA GLN A 7 5.43 5.08 9.65
C GLN A 7 4.52 6.00 8.85
N ILE A 8 3.73 5.42 7.97
CA ILE A 8 2.85 6.22 7.12
C ILE A 8 1.39 6.02 7.55
N PRO A 9 0.71 7.11 7.91
CA PRO A 9 -0.70 7.06 8.28
C PRO A 9 -1.61 6.77 7.09
N VAL A 10 -2.45 5.77 7.23
CA VAL A 10 -3.39 5.39 6.17
C VAL A 10 -4.78 5.92 6.48
N VAL A 11 -5.38 6.57 5.48
CA VAL A 11 -6.73 7.10 5.63
C VAL A 11 -7.75 6.13 5.04
N GLU A 12 -8.68 5.68 5.86
CA GLU A 12 -9.70 4.75 5.40
C GLU A 12 -10.96 5.48 5.00
N VAL A 13 -11.18 5.56 3.69
CA VAL A 13 -12.32 6.28 3.14
C VAL A 13 -13.09 5.40 2.15
N ASP A 14 -14.09 5.97 1.49
CA ASP A 14 -14.87 5.23 0.50
C ASP A 14 -14.39 5.57 -0.91
N GLU A 15 -13.76 6.74 -1.01
CA GLU A 15 -13.23 7.22 -2.28
C GLU A 15 -12.08 8.19 -2.02
N LEU A 16 -11.21 8.34 -2.99
CA LEU A 16 -10.11 9.28 -2.90
C LEU A 16 -10.59 10.67 -3.32
N PRO A 17 -10.06 11.72 -2.68
CA PRO A 17 -10.43 13.10 -3.00
C PRO A 17 -9.94 13.52 -4.38
N GLU A 18 -10.34 14.72 -4.80
CA GLU A 18 -10.00 15.24 -6.12
C GLU A 18 -8.50 15.18 -6.39
N GLY A 19 -8.16 14.82 -7.61
CA GLY A 19 -6.76 14.73 -8.01
C GLY A 19 -6.28 13.30 -8.07
N TYR A 20 -7.00 12.41 -7.39
CA TYR A 20 -6.64 11.00 -7.36
C TYR A 20 -7.30 10.23 -8.49
N ASP A 21 -6.61 9.22 -8.96
CA ASP A 21 -7.06 8.44 -10.10
C ASP A 21 -7.52 7.05 -9.65
N ARG A 22 -8.82 6.85 -9.63
CA ARG A 22 -9.39 5.56 -9.27
C ARG A 22 -10.16 4.99 -10.46
N SER A 23 -10.23 3.66 -10.52
CA SER A 23 -10.87 2.96 -11.63
C SER A 23 -10.05 3.15 -12.91
N PRO B 1 2.88 -27.18 9.28
CA PRO B 1 3.71 -26.02 8.93
C PRO B 1 3.49 -25.62 7.47
N HIS B 2 3.48 -24.32 7.20
CA HIS B 2 3.22 -23.80 5.86
C HIS B 2 1.87 -24.27 5.34
N GLU B 3 0.83 -23.98 6.12
CA GLU B 3 -0.54 -24.30 5.75
C GLU B 3 -1.38 -23.03 5.78
N GLN B 4 -2.38 -22.97 4.93
CA GLN B 4 -3.21 -21.77 4.85
C GLN B 4 -4.47 -21.91 5.67
N GLN B 5 -5.23 -20.82 5.73
CA GLN B 5 -6.49 -20.79 6.46
C GLN B 5 -7.46 -19.89 5.70
N GLU B 6 -8.74 -20.13 5.91
CA GLU B 6 -9.78 -19.45 5.16
C GLU B 6 -9.95 -18.00 5.61
N ASP B 7 -9.48 -17.70 6.82
CA ASP B 7 -9.62 -16.38 7.41
C ASP B 7 -8.43 -15.49 7.05
N VAL B 8 -7.46 -16.07 6.37
CA VAL B 8 -6.25 -15.35 5.98
C VAL B 8 -6.53 -14.49 4.75
N PRO B 9 -6.42 -13.17 4.90
CA PRO B 9 -6.64 -12.24 3.79
C PRO B 9 -5.58 -12.41 2.71
N GLU B 10 -6.03 -12.57 1.47
CA GLU B 10 -5.14 -12.73 0.35
C GLU B 10 -5.18 -11.47 -0.49
N TYR B 11 -4.15 -10.65 -0.33
CA TYR B 11 -4.06 -9.40 -1.06
C TYR B 11 -3.51 -9.62 -2.46
N GLU B 12 -3.96 -8.77 -3.38
CA GLU B 12 -3.48 -8.80 -4.75
C GLU B 12 -2.96 -7.42 -5.10
N VAL B 13 -1.67 -7.33 -5.35
CA VAL B 13 -0.99 -6.06 -5.57
C VAL B 13 -0.72 -5.81 -7.05
N LYS B 14 -1.01 -4.59 -7.49
CA LYS B 14 -0.78 -4.17 -8.87
C LYS B 14 0.05 -2.90 -8.86
N MET B 15 0.90 -2.74 -9.86
CA MET B 15 1.77 -1.56 -9.92
C MET B 15 1.53 -0.79 -11.21
N LYS B 16 1.45 0.54 -11.10
CA LYS B 16 1.09 1.38 -12.24
C LYS B 16 1.99 2.61 -12.28
N ARG B 17 2.54 2.91 -13.46
CA ARG B 17 3.42 4.06 -13.63
C ARG B 17 2.66 5.28 -14.13
N PHE B 18 2.96 6.43 -13.57
CA PHE B 18 2.36 7.69 -14.01
C PHE B 18 3.44 8.65 -14.48
N LYS B 19 3.04 9.64 -15.25
CA LYS B 19 3.95 10.66 -15.74
C LYS B 19 3.23 12.00 -15.78
N GLY B 20 3.76 12.98 -15.07
CA GLY B 20 3.15 14.30 -15.04
C GLY B 20 1.93 14.35 -14.16
N ALA B 21 1.91 13.52 -13.13
CA ALA B 21 0.79 13.48 -12.20
C ALA B 21 1.27 13.81 -10.80
N ALA B 22 0.33 13.98 -9.87
CA ALA B 22 0.66 14.25 -8.47
C ALA B 22 1.37 13.04 -7.86
N TYR B 23 1.33 11.93 -8.55
CA TYR B 23 1.98 10.71 -8.15
C TYR B 23 2.64 10.08 -9.36
N LYS B 24 3.78 9.43 -9.15
CA LYS B 24 4.52 8.81 -10.24
C LYS B 24 4.24 7.32 -10.26
N LEU B 25 3.80 6.80 -9.14
CA LEU B 25 3.51 5.38 -9.02
C LEU B 25 2.19 5.17 -8.27
N ARG B 26 1.39 4.25 -8.76
CA ARG B 26 0.15 3.87 -8.08
C ARG B 26 0.15 2.37 -7.84
N ILE B 27 0.04 1.98 -6.59
CA ILE B 27 0.05 0.57 -6.22
C ILE B 27 -1.32 0.20 -5.67
N LEU B 28 -1.88 -0.88 -6.20
CA LEU B 28 -3.22 -1.33 -5.80
C LEU B 28 -3.12 -2.64 -5.05
N ILE B 29 -3.48 -2.62 -3.79
CA ILE B 29 -3.47 -3.83 -2.99
C ILE B 29 -4.88 -4.11 -2.47
N GLU B 30 -5.56 -5.07 -3.07
CA GLU B 30 -6.92 -5.37 -2.68
C GLU B 30 -6.98 -6.72 -1.98
N ASN B 31 -7.96 -6.86 -1.13
CA ASN B 31 -8.15 -8.08 -0.34
C ASN B 31 -9.12 -9.01 -1.05
N LYS B 32 -8.63 -10.15 -1.49
CA LYS B 32 -9.48 -11.15 -2.12
C LYS B 32 -9.12 -12.55 -1.63
N ALA B 33 -9.80 -12.99 -0.59
CA ALA B 33 -9.65 -14.35 -0.09
C ALA B 33 -11.02 -14.92 0.22
N PRO B 34 -11.13 -16.25 0.46
CA PRO B 34 -12.41 -16.92 0.76
C PRO B 34 -13.23 -16.15 1.79
N ASN B 35 -12.55 -15.69 2.81
CA ASN B 35 -13.21 -15.00 3.91
C ASN B 35 -12.52 -13.68 4.22
N SER B 36 -11.30 -13.79 4.72
CA SER B 36 -10.50 -12.64 5.11
C SER B 36 -11.07 -11.94 6.32
N LYS B 37 -10.29 -11.86 7.37
CA LYS B 37 -10.68 -11.14 8.56
C LYS B 37 -9.68 -10.00 8.82
N PRO B 38 -9.86 -8.87 8.12
CA PRO B 38 -8.97 -7.72 8.22
C PRO B 38 -8.76 -7.27 9.65
N ASP B 39 -7.51 -7.23 10.02
CA ASP B 39 -7.11 -6.88 11.36
C ASP B 39 -6.84 -5.39 11.46
N ARG B 40 -5.73 -4.96 10.88
CA ARG B 40 -5.42 -3.56 10.80
C ARG B 40 -4.38 -3.32 9.71
N PHE B 41 -4.07 -2.07 9.47
CA PHE B 41 -3.08 -1.70 8.49
C PHE B 41 -2.05 -0.79 9.11
N SER B 42 -0.80 -1.23 9.09
CA SER B 42 0.29 -0.43 9.62
C SER B 42 1.41 -0.32 8.59
N PRO B 43 1.22 0.55 7.59
CA PRO B 43 2.22 0.77 6.56
C PRO B 43 3.33 1.71 7.01
N SER B 44 4.53 1.45 6.55
CA SER B 44 5.68 2.25 6.92
C SER B 44 6.75 2.16 5.86
N TYR B 45 7.45 3.26 5.64
CA TYR B 45 8.47 3.34 4.61
C TYR B 45 9.85 3.32 5.24
N ASN B 46 10.64 2.33 4.85
CA ASN B 46 12.02 2.23 5.31
C ASN B 46 12.96 2.75 4.23
N PHE B 47 13.65 3.85 4.54
CA PHE B 47 14.54 4.51 3.59
C PHE B 47 15.70 3.59 3.24
N ALA B 48 16.10 2.77 4.20
CA ALA B 48 17.23 1.88 4.07
C ALA B 48 17.11 0.99 2.84
N GLU B 49 15.91 0.48 2.60
CA GLU B 49 15.67 -0.41 1.47
C GLU B 49 14.77 0.25 0.45
N ASN B 50 14.39 1.51 0.75
CA ASN B 50 13.44 2.29 -0.05
C ASN B 50 12.17 1.49 -0.37
N ILE B 51 11.65 0.82 0.66
CA ILE B 51 10.48 -0.02 0.51
C ILE B 51 9.37 0.41 1.46
N LEU B 52 8.15 0.42 0.95
CA LEU B 52 6.97 0.77 1.72
C LEU B 52 6.18 -0.51 2.02
N TYR B 53 6.22 -0.96 3.26
CA TYR B 53 5.51 -2.17 3.61
C TYR B 53 4.14 -1.83 4.18
N ILE B 54 3.17 -2.68 3.88
CA ILE B 54 1.79 -2.45 4.27
C ILE B 54 1.49 -3.11 5.61
N ASN B 55 2.03 -4.30 5.79
CA ASN B 55 1.85 -5.08 7.01
C ASN B 55 2.93 -6.13 7.05
N GLY B 56 2.89 -6.99 8.05
CA GLY B 56 3.82 -8.10 8.12
C GLY B 56 3.45 -9.22 7.17
N LYS B 57 2.44 -8.94 6.35
CA LYS B 57 1.93 -9.91 5.38
C LYS B 57 2.60 -9.71 4.04
N LEU B 58 2.82 -8.45 3.68
CA LEU B 58 3.45 -8.11 2.42
C LEU B 58 4.05 -6.72 2.44
N SER B 59 5.08 -6.52 1.62
CA SER B 59 5.75 -5.24 1.53
C SER B 59 5.85 -4.78 0.08
N ILE B 60 5.68 -3.49 -0.16
CA ILE B 60 5.71 -2.95 -1.51
C ILE B 60 7.02 -2.22 -1.77
N PRO B 61 7.92 -2.81 -2.56
CA PRO B 61 9.20 -2.21 -2.87
C PRO B 61 9.11 -1.19 -3.99
N LEU B 62 9.75 -0.05 -3.78
CA LEU B 62 9.74 1.01 -4.77
C LEU B 62 11.03 0.98 -5.58
N PRO B 63 10.96 1.29 -6.87
CA PRO B 63 12.15 1.35 -7.73
C PRO B 63 13.05 2.51 -7.32
N ARG B 64 14.35 2.27 -7.39
CA ARG B 64 15.34 3.27 -6.98
C ARG B 64 15.40 4.44 -7.96
N ASP B 65 14.65 4.32 -9.05
CA ASP B 65 14.57 5.37 -10.05
C ASP B 65 13.71 6.51 -9.54
N ILE B 66 12.91 6.21 -8.50
CA ILE B 66 11.98 7.17 -7.95
C ILE B 66 12.37 7.56 -6.54
N VAL B 67 12.27 8.84 -6.24
CA VAL B 67 12.52 9.35 -4.90
C VAL B 67 11.22 9.34 -4.10
N VAL B 68 11.15 8.52 -3.08
CA VAL B 68 9.92 8.37 -2.32
C VAL B 68 10.17 8.63 -0.83
N ASN B 69 9.28 9.41 -0.24
CA ASN B 69 9.36 9.74 1.18
C ASN B 69 7.97 9.76 1.80
N ALA B 70 7.91 9.79 3.12
CA ALA B 70 6.64 9.75 3.84
C ALA B 70 5.75 10.93 3.49
N ALA B 71 6.37 12.00 3.02
CA ALA B 71 5.66 13.23 2.69
C ALA B 71 5.09 13.16 1.28
N ASP B 72 5.49 12.13 0.54
CA ASP B 72 5.07 11.95 -0.84
C ASP B 72 4.19 10.72 -0.97
N ILE B 73 4.32 9.83 0.00
CA ILE B 73 3.52 8.61 0.07
C ILE B 73 2.09 8.91 0.53
N LYS B 74 1.14 8.62 -0.34
CA LYS B 74 -0.27 8.82 -0.03
C LYS B 74 -0.98 7.46 0.07
N ILE B 75 -1.34 7.06 1.28
CA ILE B 75 -1.97 5.76 1.49
C ILE B 75 -3.43 5.92 1.90
N PHE B 76 -4.33 5.33 1.10
CA PHE B 76 -5.76 5.38 1.35
C PHE B 76 -6.38 4.00 1.20
N HIS B 77 -6.98 3.50 2.28
CA HIS B 77 -7.62 2.19 2.24
C HIS B 77 -9.13 2.34 2.14
N ILE B 78 -9.68 1.91 1.01
CA ILE B 78 -11.12 1.90 0.83
C ILE B 78 -11.69 0.57 1.32
N ARG B 79 -12.38 0.62 2.44
CA ARG B 79 -12.90 -0.57 3.10
C ARG B 79 -14.01 -1.20 2.28
N LYS B 80 -14.86 -0.34 1.73
CA LYS B 80 -16.01 -0.77 0.92
C LYS B 80 -15.56 -1.61 -0.27
N GLU B 81 -14.56 -1.11 -0.98
CA GLU B 81 -14.08 -1.76 -2.19
C GLU B 81 -13.02 -2.81 -1.83
N ARG B 82 -12.70 -2.89 -0.54
CA ARG B 82 -11.70 -3.82 -0.04
C ARG B 82 -10.34 -3.56 -0.69
N THR B 83 -10.10 -2.32 -1.10
CA THR B 83 -8.92 -2.04 -1.91
C THR B 83 -8.07 -0.95 -1.26
N LEU B 84 -6.77 -1.18 -1.22
CA LEU B 84 -5.84 -0.21 -0.69
C LEU B 84 -5.10 0.49 -1.83
N TYR B 85 -5.20 1.81 -1.86
CA TYR B 85 -4.59 2.61 -2.91
C TYR B 85 -3.33 3.29 -2.39
N ILE B 86 -2.23 3.05 -3.07
CA ILE B 86 -0.97 3.71 -2.76
C ILE B 86 -0.60 4.66 -3.90
N TYR B 87 -0.46 5.93 -3.58
CA TYR B 87 -0.06 6.92 -4.57
C TYR B 87 1.26 7.55 -4.15
N ILE B 88 2.25 7.52 -5.03
CA ILE B 88 3.56 8.09 -4.73
C ILE B 88 4.02 8.94 -5.90
N GLY A 1 20.27 7.43 -0.46
CA GLY A 1 19.56 8.53 0.23
C GLY A 1 19.52 8.32 1.73
N PRO A 2 18.39 8.62 2.38
CA PRO A 2 18.23 8.40 3.83
C PRO A 2 18.23 6.91 4.16
N HIS A 3 18.59 6.57 5.38
CA HIS A 3 18.70 5.19 5.78
C HIS A 3 17.86 4.87 7.01
N MET A 4 17.01 5.81 7.40
CA MET A 4 16.11 5.60 8.54
C MET A 4 14.78 5.04 8.09
N SER A 5 13.88 4.85 9.03
CA SER A 5 12.57 4.28 8.75
C SER A 5 11.47 5.08 9.43
N VAL A 6 10.35 5.24 8.74
CA VAL A 6 9.21 5.96 9.25
C VAL A 6 7.95 5.17 8.98
N GLN A 7 6.86 5.51 9.65
CA GLN A 7 5.60 4.84 9.40
C GLN A 7 4.66 5.80 8.71
N ILE A 8 3.74 5.24 7.97
CA ILE A 8 2.84 6.04 7.16
C ILE A 8 1.40 5.82 7.60
N PRO A 9 0.66 6.90 7.87
CA PRO A 9 -0.75 6.81 8.24
C PRO A 9 -1.63 6.43 7.06
N VAL A 10 -2.55 5.51 7.29
CA VAL A 10 -3.47 5.08 6.24
C VAL A 10 -4.90 5.49 6.60
N VAL A 11 -5.56 6.10 5.65
CA VAL A 11 -6.93 6.56 5.83
C VAL A 11 -7.90 5.44 5.52
N GLU A 12 -9.03 5.40 6.18
CA GLU A 12 -10.08 4.48 5.77
C GLU A 12 -11.29 5.24 5.30
N VAL A 13 -11.35 5.43 3.99
CA VAL A 13 -12.43 6.17 3.37
C VAL A 13 -13.29 5.29 2.48
N ASP A 14 -14.31 5.89 1.88
CA ASP A 14 -15.20 5.19 0.98
C ASP A 14 -14.74 5.39 -0.46
N GLU A 15 -14.02 6.49 -0.68
CA GLU A 15 -13.44 6.79 -1.97
C GLU A 15 -12.46 7.94 -1.83
N LEU A 16 -11.61 8.11 -2.82
CA LEU A 16 -10.56 9.12 -2.78
C LEU A 16 -11.07 10.49 -3.20
N PRO A 17 -10.40 11.54 -2.72
CA PRO A 17 -10.73 12.91 -3.08
C PRO A 17 -10.29 13.23 -4.50
N GLU A 18 -10.79 14.34 -5.03
CA GLU A 18 -10.46 14.74 -6.39
C GLU A 18 -8.97 14.98 -6.53
N GLY A 19 -8.41 14.48 -7.62
CA GLY A 19 -6.97 14.53 -7.81
C GLY A 19 -6.36 13.14 -7.73
N TYR A 20 -7.17 12.15 -7.40
CA TYR A 20 -6.70 10.77 -7.36
C TYR A 20 -7.30 9.93 -8.47
N ASP A 21 -6.47 9.09 -9.05
CA ASP A 21 -6.88 8.20 -10.13
C ASP A 21 -7.28 6.85 -9.56
N ARG A 22 -8.57 6.68 -9.32
CA ARG A 22 -9.06 5.47 -8.68
C ARG A 22 -9.59 4.47 -9.71
N SER A 23 -9.40 3.20 -9.41
CA SER A 23 -9.90 2.12 -10.23
C SER A 23 -10.67 1.15 -9.34
N PRO B 1 -0.13 -28.73 10.36
CA PRO B 1 0.98 -27.84 9.93
C PRO B 1 1.20 -27.92 8.43
N HIS B 2 0.24 -27.38 7.69
CA HIS B 2 0.30 -27.37 6.23
C HIS B 2 -0.73 -26.39 5.70
N GLU B 3 -1.93 -26.46 6.25
CA GLU B 3 -3.03 -25.60 5.85
C GLU B 3 -3.21 -24.47 6.85
N GLN B 4 -3.02 -23.24 6.39
CA GLN B 4 -3.13 -22.09 7.26
C GLN B 4 -4.57 -21.66 7.44
N GLN B 5 -4.76 -20.59 8.18
CA GLN B 5 -6.08 -20.05 8.48
C GLN B 5 -6.85 -19.68 7.21
N GLU B 6 -8.14 -19.45 7.37
CA GLU B 6 -8.99 -19.03 6.27
C GLU B 6 -9.36 -17.57 6.44
N ASP B 7 -9.01 -17.04 7.60
CA ASP B 7 -9.24 -15.63 7.93
C ASP B 7 -8.17 -14.78 7.29
N VAL B 8 -7.06 -15.43 6.95
CA VAL B 8 -5.90 -14.77 6.39
C VAL B 8 -6.26 -14.00 5.13
N PRO B 9 -5.99 -12.69 5.13
CA PRO B 9 -6.30 -11.82 4.00
C PRO B 9 -5.47 -12.16 2.78
N GLU B 10 -6.14 -12.32 1.66
CA GLU B 10 -5.49 -12.64 0.40
C GLU B 10 -5.47 -11.42 -0.50
N TYR B 11 -4.37 -10.72 -0.48
CA TYR B 11 -4.24 -9.49 -1.24
C TYR B 11 -3.79 -9.75 -2.66
N GLU B 12 -4.07 -8.81 -3.53
CA GLU B 12 -3.57 -8.84 -4.89
C GLU B 12 -2.98 -7.46 -5.22
N VAL B 13 -1.69 -7.45 -5.52
CA VAL B 13 -0.96 -6.22 -5.77
C VAL B 13 -0.87 -5.92 -7.26
N LYS B 14 -1.09 -4.66 -7.61
CA LYS B 14 -0.96 -4.19 -8.98
C LYS B 14 -0.12 -2.94 -8.98
N MET B 15 0.66 -2.74 -10.03
CA MET B 15 1.55 -1.60 -10.10
C MET B 15 1.28 -0.81 -11.38
N LYS B 16 1.26 0.52 -11.25
CA LYS B 16 0.92 1.37 -12.38
C LYS B 16 1.87 2.56 -12.44
N ARG B 17 2.45 2.79 -13.61
CA ARG B 17 3.42 3.86 -13.79
C ARG B 17 2.76 5.11 -14.36
N PHE B 18 3.08 6.25 -13.78
CA PHE B 18 2.58 7.52 -14.26
C PHE B 18 3.71 8.38 -14.80
N LYS B 19 3.36 9.40 -15.54
CA LYS B 19 4.32 10.31 -16.12
C LYS B 19 3.76 11.73 -16.13
N GLY B 20 4.44 12.63 -15.43
CA GLY B 20 3.96 13.99 -15.31
C GLY B 20 2.66 14.07 -14.55
N ALA B 21 2.59 13.33 -13.44
CA ALA B 21 1.41 13.33 -12.60
C ALA B 21 1.77 13.70 -11.18
N ALA B 22 0.75 13.91 -10.35
CA ALA B 22 0.97 14.23 -8.94
C ALA B 22 1.63 13.08 -8.21
N TYR B 23 1.53 11.90 -8.80
CA TYR B 23 2.11 10.68 -8.25
C TYR B 23 2.79 9.92 -9.38
N LYS B 24 3.98 9.42 -9.11
CA LYS B 24 4.79 8.78 -10.13
C LYS B 24 4.45 7.31 -10.23
N LEU B 25 3.93 6.77 -9.14
CA LEU B 25 3.58 5.37 -9.09
C LEU B 25 2.28 5.16 -8.33
N ARG B 26 1.44 4.26 -8.84
CA ARG B 26 0.21 3.89 -8.18
C ARG B 26 0.18 2.39 -7.94
N ILE B 27 0.09 1.99 -6.69
CA ILE B 27 0.07 0.58 -6.34
C ILE B 27 -1.29 0.22 -5.77
N LEU B 28 -1.90 -0.82 -6.31
CA LEU B 28 -3.22 -1.26 -5.89
C LEU B 28 -3.12 -2.59 -5.17
N ILE B 29 -3.49 -2.60 -3.90
CA ILE B 29 -3.49 -3.84 -3.14
C ILE B 29 -4.88 -4.08 -2.56
N GLU B 30 -5.62 -5.00 -3.15
CA GLU B 30 -6.96 -5.24 -2.66
C GLU B 30 -7.04 -6.58 -1.95
N ASN B 31 -7.92 -6.64 -0.99
CA ASN B 31 -8.08 -7.84 -0.17
C ASN B 31 -9.23 -8.68 -0.71
N LYS B 32 -8.90 -9.85 -1.23
CA LYS B 32 -9.91 -10.75 -1.73
C LYS B 32 -9.66 -12.17 -1.23
N ALA B 33 -10.32 -12.50 -0.12
CA ALA B 33 -10.20 -13.81 0.49
C ALA B 33 -11.57 -14.32 0.89
N PRO B 34 -11.73 -15.64 1.12
CA PRO B 34 -13.03 -16.21 1.52
C PRO B 34 -13.59 -15.52 2.75
N ASN B 35 -12.73 -15.34 3.73
CA ASN B 35 -13.12 -14.74 5.00
C ASN B 35 -12.08 -13.73 5.44
N SER B 36 -11.92 -12.67 4.66
CA SER B 36 -10.90 -11.67 4.93
C SER B 36 -11.15 -10.94 6.23
N LYS B 37 -10.29 -11.20 7.20
CA LYS B 37 -10.33 -10.52 8.47
C LYS B 37 -8.92 -10.18 8.92
N PRO B 38 -8.33 -9.12 8.34
CA PRO B 38 -6.97 -8.70 8.66
C PRO B 38 -6.83 -8.25 10.11
N ASP B 39 -5.64 -8.46 10.66
CA ASP B 39 -5.36 -8.11 12.05
C ASP B 39 -5.24 -6.61 12.22
N ARG B 40 -4.63 -5.96 11.23
CA ARG B 40 -4.48 -4.51 11.25
C ARG B 40 -3.92 -4.03 9.92
N PHE B 41 -3.95 -2.72 9.72
CA PHE B 41 -3.24 -2.10 8.62
C PHE B 41 -2.26 -1.08 9.16
N SER B 42 -0.99 -1.39 9.10
CA SER B 42 0.04 -0.50 9.60
C SER B 42 1.21 -0.43 8.63
N PRO B 43 1.07 0.36 7.56
CA PRO B 43 2.10 0.51 6.55
C PRO B 43 3.21 1.45 7.02
N SER B 44 4.42 1.22 6.53
CA SER B 44 5.55 2.03 6.93
C SER B 44 6.62 2.00 5.84
N TYR B 45 7.38 3.09 5.75
CA TYR B 45 8.39 3.22 4.71
C TYR B 45 9.78 3.27 5.30
N ASN B 46 10.63 2.39 4.84
CA ASN B 46 12.03 2.39 5.23
C ASN B 46 12.89 2.92 4.10
N PHE B 47 13.50 4.08 4.34
CA PHE B 47 14.30 4.78 3.33
C PHE B 47 15.52 3.95 2.94
N ALA B 48 16.03 3.21 3.92
CA ALA B 48 17.23 2.41 3.74
C ALA B 48 17.09 1.45 2.56
N GLU B 49 15.94 0.82 2.45
CA GLU B 49 15.71 -0.14 1.39
C GLU B 49 14.71 0.41 0.39
N ASN B 50 14.31 1.67 0.63
CA ASN B 50 13.30 2.38 -0.19
C ASN B 50 12.07 1.53 -0.44
N ILE B 51 11.60 0.86 0.61
CA ILE B 51 10.47 -0.04 0.49
C ILE B 51 9.33 0.39 1.42
N LEU B 52 8.13 0.37 0.86
CA LEU B 52 6.92 0.68 1.62
C LEU B 52 6.21 -0.64 1.94
N TYR B 53 6.27 -1.05 3.18
CA TYR B 53 5.64 -2.30 3.58
C TYR B 53 4.22 -2.02 4.06
N ILE B 54 3.30 -2.91 3.70
CA ILE B 54 1.90 -2.74 4.06
C ILE B 54 1.60 -3.43 5.38
N ASN B 55 1.83 -4.73 5.41
CA ASN B 55 1.56 -5.55 6.58
C ASN B 55 2.53 -6.70 6.62
N GLY B 56 2.42 -7.55 7.64
CA GLY B 56 3.27 -8.72 7.72
C GLY B 56 2.92 -9.76 6.68
N LYS B 57 2.01 -9.42 5.78
CA LYS B 57 1.59 -10.31 4.71
C LYS B 57 2.40 -10.03 3.46
N LEU B 58 2.58 -8.76 3.16
CA LEU B 58 3.30 -8.34 1.96
C LEU B 58 3.84 -6.92 2.08
N SER B 59 4.90 -6.66 1.34
CA SER B 59 5.54 -5.36 1.35
C SER B 59 5.73 -4.89 -0.10
N ILE B 60 5.69 -3.59 -0.32
CA ILE B 60 5.74 -3.02 -1.65
C ILE B 60 7.04 -2.25 -1.88
N PRO B 61 7.97 -2.83 -2.65
CA PRO B 61 9.24 -2.16 -2.98
C PRO B 61 9.07 -1.13 -4.09
N LEU B 62 9.71 0.03 -3.91
CA LEU B 62 9.62 1.10 -4.88
C LEU B 62 10.88 1.15 -5.74
N PRO B 63 10.78 1.72 -6.95
CA PRO B 63 11.94 1.88 -7.83
C PRO B 63 12.96 2.84 -7.23
N ARG B 64 14.23 2.52 -7.40
CA ARG B 64 15.30 3.29 -6.77
C ARG B 64 15.60 4.56 -7.57
N ASP B 65 14.83 4.76 -8.63
CA ASP B 65 14.99 5.95 -9.46
C ASP B 65 14.16 7.09 -8.89
N ILE B 66 13.18 6.73 -8.08
CA ILE B 66 12.23 7.70 -7.54
C ILE B 66 12.55 8.00 -6.08
N VAL B 67 12.53 9.28 -5.75
CA VAL B 67 12.75 9.71 -4.38
C VAL B 67 11.44 9.63 -3.61
N VAL B 68 11.37 8.69 -2.69
CA VAL B 68 10.15 8.45 -1.94
C VAL B 68 10.33 8.84 -0.49
N ASN B 69 9.36 9.57 0.02
CA ASN B 69 9.35 10.01 1.41
C ASN B 69 7.95 9.96 1.96
N ALA B 70 7.84 9.95 3.29
CA ALA B 70 6.55 9.83 3.98
C ALA B 70 5.63 11.00 3.67
N ALA B 71 6.22 12.09 3.19
CA ALA B 71 5.46 13.29 2.85
C ALA B 71 4.88 13.19 1.44
N ASP B 72 5.35 12.20 0.69
CA ASP B 72 4.94 12.02 -0.69
C ASP B 72 4.09 10.76 -0.82
N ILE B 73 4.29 9.84 0.12
CA ILE B 73 3.54 8.60 0.18
C ILE B 73 2.08 8.84 0.60
N LYS B 74 1.16 8.61 -0.32
CA LYS B 74 -0.26 8.80 -0.06
C LYS B 74 -0.96 7.43 0.02
N ILE B 75 -1.31 7.01 1.23
CA ILE B 75 -1.92 5.70 1.45
C ILE B 75 -3.40 5.83 1.85
N PHE B 76 -4.27 5.21 1.05
CA PHE B 76 -5.70 5.26 1.30
C PHE B 76 -6.30 3.86 1.28
N HIS B 77 -6.86 3.44 2.40
CA HIS B 77 -7.55 2.16 2.47
C HIS B 77 -9.05 2.37 2.35
N ILE B 78 -9.58 2.01 1.19
CA ILE B 78 -11.02 2.12 0.97
C ILE B 78 -11.69 0.85 1.45
N ARG B 79 -12.53 0.99 2.46
CA ARG B 79 -13.23 -0.16 3.02
C ARG B 79 -14.38 -0.55 2.13
N LYS B 80 -14.81 0.38 1.29
CA LYS B 80 -15.88 0.14 0.34
C LYS B 80 -15.56 -1.05 -0.58
N GLU B 81 -14.35 -1.04 -1.12
CA GLU B 81 -13.91 -2.09 -2.02
C GLU B 81 -12.90 -2.99 -1.34
N ARG B 82 -12.61 -2.67 -0.08
CA ARG B 82 -11.54 -3.33 0.67
C ARG B 82 -10.24 -3.26 -0.11
N THR B 83 -9.99 -2.10 -0.72
CA THR B 83 -8.85 -1.94 -1.60
C THR B 83 -7.92 -0.84 -1.08
N LEU B 84 -6.62 -1.11 -1.13
CA LEU B 84 -5.63 -0.16 -0.69
C LEU B 84 -4.99 0.55 -1.87
N TYR B 85 -5.14 1.86 -1.92
CA TYR B 85 -4.55 2.67 -2.97
C TYR B 85 -3.28 3.36 -2.48
N ILE B 86 -2.19 3.11 -3.17
CA ILE B 86 -0.91 3.73 -2.85
C ILE B 86 -0.48 4.67 -3.97
N TYR B 87 -0.33 5.95 -3.64
CA TYR B 87 0.13 6.93 -4.61
C TYR B 87 1.44 7.54 -4.15
N ILE B 88 2.44 7.54 -5.02
CA ILE B 88 3.73 8.11 -4.71
C ILE B 88 4.23 8.91 -5.91
N GLY A 1 20.45 5.60 7.29
CA GLY A 1 20.38 4.65 8.43
C GLY A 1 20.23 3.22 7.98
N PRO A 2 20.83 2.27 8.71
CA PRO A 2 20.80 0.84 8.34
C PRO A 2 19.38 0.28 8.27
N HIS A 3 18.49 0.79 9.11
CA HIS A 3 17.11 0.34 9.13
C HIS A 3 16.18 1.54 9.26
N MET A 4 16.60 2.65 8.66
CA MET A 4 15.82 3.89 8.72
C MET A 4 14.44 3.69 8.14
N SER A 5 13.43 4.03 8.92
CA SER A 5 12.06 3.82 8.54
C SER A 5 11.12 4.81 9.22
N VAL A 6 10.08 5.20 8.49
CA VAL A 6 9.06 6.10 9.01
C VAL A 6 7.68 5.50 8.75
N GLN A 7 6.77 5.71 9.68
CA GLN A 7 5.44 5.15 9.55
C GLN A 7 4.57 6.06 8.71
N ILE A 8 3.80 5.48 7.82
CA ILE A 8 2.93 6.26 6.97
C ILE A 8 1.48 6.07 7.40
N PRO A 9 0.81 7.16 7.78
CA PRO A 9 -0.60 7.09 8.19
C PRO A 9 -1.52 6.76 7.02
N VAL A 10 -2.34 5.75 7.21
CA VAL A 10 -3.29 5.33 6.20
C VAL A 10 -4.69 5.83 6.53
N VAL A 11 -5.31 6.50 5.58
CA VAL A 11 -6.65 7.03 5.77
C VAL A 11 -7.68 6.05 5.22
N GLU A 12 -8.64 5.67 6.05
CA GLU A 12 -9.69 4.76 5.62
C GLU A 12 -10.86 5.55 5.08
N VAL A 13 -11.02 5.51 3.76
CA VAL A 13 -12.10 6.23 3.08
C VAL A 13 -12.88 5.27 2.19
N ASP A 14 -13.91 5.78 1.55
CA ASP A 14 -14.72 4.99 0.64
C ASP A 14 -14.30 5.25 -0.79
N GLU A 15 -13.57 6.35 -0.98
CA GLU A 15 -13.06 6.73 -2.29
C GLU A 15 -12.09 7.88 -2.14
N LEU A 16 -11.23 8.06 -3.12
CA LEU A 16 -10.21 9.11 -3.07
C LEU A 16 -10.83 10.47 -3.36
N PRO A 17 -10.24 11.53 -2.80
CA PRO A 17 -10.65 12.90 -3.10
C PRO A 17 -10.25 13.32 -4.51
N GLU A 18 -10.71 14.48 -4.92
CA GLU A 18 -10.42 14.97 -6.27
C GLU A 18 -8.93 15.15 -6.47
N GLY A 19 -8.46 14.78 -7.66
CA GLY A 19 -7.05 14.85 -7.96
C GLY A 19 -6.41 13.48 -8.01
N TYR A 20 -7.11 12.48 -7.50
CA TYR A 20 -6.61 11.11 -7.51
C TYR A 20 -7.16 10.34 -8.71
N ASP A 21 -6.56 9.18 -8.98
CA ASP A 21 -6.94 8.36 -10.12
C ASP A 21 -7.34 6.96 -9.66
N ARG A 22 -8.64 6.75 -9.49
CA ARG A 22 -9.15 5.45 -9.10
C ARG A 22 -9.69 4.71 -10.32
N SER A 23 -9.54 3.40 -10.33
CA SER A 23 -10.00 2.58 -11.42
C SER A 23 -10.97 1.53 -10.91
N PRO B 1 6.27 -16.46 14.12
CA PRO B 1 6.46 -17.20 12.86
C PRO B 1 5.45 -16.76 11.82
N HIS B 2 5.89 -16.65 10.58
CA HIS B 2 4.99 -16.23 9.50
C HIS B 2 4.26 -17.44 8.93
N GLU B 3 3.21 -17.87 9.62
CA GLU B 3 2.40 -18.98 9.16
C GLU B 3 1.18 -18.45 8.42
N GLN B 4 0.57 -19.29 7.62
CA GLN B 4 -0.61 -18.91 6.87
C GLN B 4 -1.80 -19.75 7.30
N GLN B 5 -2.95 -19.10 7.34
CA GLN B 5 -4.20 -19.76 7.70
C GLN B 5 -5.28 -19.38 6.72
N GLU B 6 -6.51 -19.70 7.08
CA GLU B 6 -7.65 -19.33 6.26
C GLU B 6 -8.07 -17.89 6.55
N ASP B 7 -7.84 -17.47 7.79
CA ASP B 7 -8.20 -16.13 8.24
C ASP B 7 -7.35 -15.09 7.53
N VAL B 8 -6.22 -15.54 7.01
CA VAL B 8 -5.25 -14.67 6.36
C VAL B 8 -5.79 -14.15 5.04
N PRO B 9 -5.93 -12.83 4.94
CA PRO B 9 -6.45 -12.18 3.73
C PRO B 9 -5.51 -12.30 2.53
N GLU B 10 -6.07 -12.71 1.42
CA GLU B 10 -5.34 -12.84 0.17
C GLU B 10 -5.43 -11.55 -0.61
N TYR B 11 -4.39 -10.75 -0.50
CA TYR B 11 -4.31 -9.50 -1.21
C TYR B 11 -3.79 -9.71 -2.62
N GLU B 12 -4.12 -8.76 -3.50
CA GLU B 12 -3.65 -8.78 -4.87
C GLU B 12 -3.12 -7.40 -5.24
N VAL B 13 -1.86 -7.36 -5.59
CA VAL B 13 -1.16 -6.11 -5.87
C VAL B 13 -1.14 -5.78 -7.37
N LYS B 14 -1.46 -4.53 -7.71
CA LYS B 14 -1.42 -4.07 -9.09
C LYS B 14 -0.60 -2.78 -9.15
N MET B 15 0.47 -2.79 -9.93
CA MET B 15 1.38 -1.67 -9.98
C MET B 15 1.18 -0.87 -11.26
N LYS B 16 1.35 0.46 -11.18
CA LYS B 16 1.13 1.32 -12.33
C LYS B 16 2.09 2.51 -12.29
N ARG B 17 2.72 2.80 -13.43
CA ARG B 17 3.65 3.91 -13.52
C ARG B 17 2.96 5.16 -14.07
N PHE B 18 3.24 6.29 -13.44
CA PHE B 18 2.72 7.56 -13.89
C PHE B 18 3.85 8.50 -14.30
N LYS B 19 3.50 9.58 -14.96
CA LYS B 19 4.49 10.56 -15.40
C LYS B 19 3.82 11.91 -15.58
N GLY B 20 4.12 12.85 -14.71
CA GLY B 20 3.56 14.18 -14.81
C GLY B 20 2.38 14.38 -13.90
N ALA B 21 2.17 13.44 -12.99
CA ALA B 21 1.08 13.52 -12.04
C ALA B 21 1.63 13.74 -10.64
N ALA B 22 0.74 14.00 -9.69
CA ALA B 22 1.15 14.20 -8.30
C ALA B 22 1.87 12.95 -7.77
N TYR B 23 1.56 11.82 -8.38
CA TYR B 23 2.13 10.56 -7.98
C TYR B 23 2.79 9.93 -9.18
N LYS B 24 3.91 9.28 -8.95
CA LYS B 24 4.71 8.71 -10.03
C LYS B 24 4.47 7.21 -10.10
N LEU B 25 3.96 6.65 -9.02
CA LEU B 25 3.67 5.24 -8.93
C LEU B 25 2.35 5.01 -8.22
N ARG B 26 1.50 4.17 -8.79
CA ARG B 26 0.22 3.82 -8.18
C ARG B 26 0.18 2.33 -7.90
N ILE B 27 0.01 1.95 -6.65
CA ILE B 27 -0.03 0.55 -6.28
C ILE B 27 -1.39 0.22 -5.67
N LEU B 28 -2.02 -0.82 -6.18
CA LEU B 28 -3.33 -1.23 -5.75
C LEU B 28 -3.27 -2.58 -5.05
N ILE B 29 -3.57 -2.60 -3.77
CA ILE B 29 -3.56 -3.84 -3.01
C ILE B 29 -4.95 -4.12 -2.47
N GLU B 30 -5.65 -5.04 -3.10
CA GLU B 30 -7.02 -5.31 -2.69
C GLU B 30 -7.14 -6.68 -2.03
N ASN B 31 -8.13 -6.80 -1.17
CA ASN B 31 -8.37 -8.02 -0.42
C ASN B 31 -9.40 -8.87 -1.15
N LYS B 32 -8.97 -10.01 -1.64
CA LYS B 32 -9.87 -10.94 -2.29
C LYS B 32 -9.56 -12.38 -1.85
N ALA B 33 -10.21 -12.83 -0.79
CA ALA B 33 -10.04 -14.18 -0.29
C ALA B 33 -11.38 -14.80 0.12
N PRO B 34 -11.44 -16.12 0.26
CA PRO B 34 -12.66 -16.80 0.72
C PRO B 34 -12.99 -16.49 2.18
N ASN B 35 -11.97 -16.50 3.03
CA ASN B 35 -12.19 -16.40 4.47
C ASN B 35 -11.35 -15.30 5.09
N SER B 36 -11.18 -14.22 4.36
CA SER B 36 -10.35 -13.12 4.81
C SER B 36 -11.02 -12.33 5.94
N LYS B 37 -10.30 -12.20 7.03
CA LYS B 37 -10.75 -11.40 8.16
C LYS B 37 -9.60 -10.49 8.63
N PRO B 38 -9.34 -9.42 7.87
CA PRO B 38 -8.25 -8.48 8.17
C PRO B 38 -8.51 -7.68 9.45
N ASP B 39 -7.44 -7.45 10.19
CA ASP B 39 -7.51 -6.67 11.41
C ASP B 39 -7.40 -5.19 11.09
N ARG B 40 -6.20 -4.77 10.72
CA ARG B 40 -5.94 -3.37 10.45
C ARG B 40 -4.73 -3.22 9.53
N PHE B 41 -4.30 -1.98 9.35
CA PHE B 41 -3.16 -1.69 8.50
C PHE B 41 -2.25 -0.69 9.17
N SER B 42 -0.97 -0.97 9.20
CA SER B 42 0.01 -0.01 9.68
C SER B 42 1.23 -0.01 8.77
N PRO B 43 1.11 0.68 7.62
CA PRO B 43 2.18 0.77 6.63
C PRO B 43 3.28 1.72 7.05
N SER B 44 4.48 1.48 6.56
CA SER B 44 5.63 2.31 6.87
C SER B 44 6.66 2.23 5.74
N TYR B 45 7.36 3.33 5.52
CA TYR B 45 8.36 3.39 4.48
C TYR B 45 9.76 3.31 5.08
N ASN B 46 10.51 2.30 4.68
CA ASN B 46 11.88 2.17 5.12
C ASN B 46 12.84 2.66 4.04
N PHE B 47 13.51 3.77 4.34
CA PHE B 47 14.44 4.42 3.41
C PHE B 47 15.59 3.50 3.07
N ALA B 48 15.98 2.69 4.06
CA ALA B 48 17.13 1.81 3.93
C ALA B 48 17.00 0.87 2.75
N GLU B 49 15.80 0.34 2.54
CA GLU B 49 15.56 -0.59 1.45
C GLU B 49 14.64 0.04 0.41
N ASN B 50 14.30 1.31 0.66
CA ASN B 50 13.36 2.08 -0.17
C ASN B 50 12.09 1.30 -0.48
N ILE B 51 11.54 0.65 0.54
CA ILE B 51 10.35 -0.16 0.39
C ILE B 51 9.23 0.34 1.29
N LEU B 52 8.02 0.33 0.76
CA LEU B 52 6.83 0.72 1.49
C LEU B 52 6.09 -0.55 1.91
N TYR B 53 6.22 -0.93 3.17
CA TYR B 53 5.59 -2.14 3.65
C TYR B 53 4.21 -1.83 4.19
N ILE B 54 3.27 -2.72 3.92
CA ILE B 54 1.89 -2.53 4.33
C ILE B 54 1.62 -3.23 5.66
N ASN B 55 1.94 -4.52 5.68
CA ASN B 55 1.77 -5.35 6.88
C ASN B 55 2.84 -6.43 6.86
N GLY B 56 2.86 -7.27 7.88
CA GLY B 56 3.81 -8.38 7.92
C GLY B 56 3.41 -9.48 6.96
N LYS B 57 2.39 -9.22 6.16
CA LYS B 57 1.88 -10.16 5.19
C LYS B 57 2.48 -9.87 3.82
N LEU B 58 2.65 -8.58 3.52
CA LEU B 58 3.24 -8.17 2.27
C LEU B 58 3.82 -6.76 2.34
N SER B 59 4.83 -6.52 1.53
CA SER B 59 5.45 -5.22 1.42
C SER B 59 5.52 -4.79 -0.03
N ILE B 60 5.44 -3.50 -0.28
CA ILE B 60 5.47 -2.98 -1.64
C ILE B 60 6.83 -2.33 -1.92
N PRO B 61 7.68 -3.02 -2.68
CA PRO B 61 9.01 -2.52 -3.01
C PRO B 61 8.97 -1.42 -4.07
N LEU B 62 9.66 -0.34 -3.80
CA LEU B 62 9.63 0.81 -4.69
C LEU B 62 10.88 0.85 -5.55
N PRO B 63 10.76 1.33 -6.79
CA PRO B 63 11.89 1.47 -7.69
C PRO B 63 12.87 2.53 -7.18
N ARG B 64 14.16 2.27 -7.38
CA ARG B 64 15.20 3.15 -6.86
C ARG B 64 15.36 4.37 -7.74
N ASP B 65 14.53 4.44 -8.78
CA ASP B 65 14.58 5.55 -9.73
C ASP B 65 13.61 6.65 -9.32
N ILE B 66 12.89 6.42 -8.24
CA ILE B 66 11.92 7.38 -7.74
C ILE B 66 12.32 7.89 -6.36
N VAL B 67 12.18 9.19 -6.14
CA VAL B 67 12.41 9.76 -4.83
C VAL B 67 11.14 9.68 -4.02
N VAL B 68 11.15 8.88 -2.96
CA VAL B 68 9.95 8.65 -2.19
C VAL B 68 10.17 8.96 -0.71
N ASN B 69 9.23 9.69 -0.15
CA ASN B 69 9.28 10.09 1.25
C ASN B 69 7.89 10.07 1.85
N ALA B 70 7.82 10.07 3.18
CA ALA B 70 6.56 9.98 3.91
C ALA B 70 5.64 11.15 3.59
N ALA B 71 6.22 12.24 3.10
CA ALA B 71 5.46 13.43 2.78
C ALA B 71 4.85 13.35 1.38
N ASP B 72 5.31 12.38 0.61
CA ASP B 72 4.88 12.21 -0.77
C ASP B 72 4.04 10.95 -0.93
N ILE B 73 4.21 10.04 0.03
CA ILE B 73 3.47 8.79 0.06
C ILE B 73 2.04 9.01 0.52
N LYS B 74 1.09 8.68 -0.36
CA LYS B 74 -0.33 8.83 -0.05
C LYS B 74 -0.99 7.46 0.05
N ILE B 75 -1.33 7.07 1.28
CA ILE B 75 -1.94 5.77 1.51
C ILE B 75 -3.39 5.91 1.96
N PHE B 76 -4.29 5.32 1.18
CA PHE B 76 -5.72 5.36 1.47
C PHE B 76 -6.33 3.97 1.37
N HIS B 77 -6.94 3.51 2.44
CA HIS B 77 -7.56 2.21 2.47
C HIS B 77 -9.07 2.32 2.32
N ILE B 78 -9.58 1.88 1.19
CA ILE B 78 -11.01 1.87 0.94
C ILE B 78 -11.61 0.54 1.37
N ARG B 79 -12.45 0.57 2.39
CA ARG B 79 -13.10 -0.63 2.88
C ARG B 79 -14.30 -0.97 2.00
N LYS B 80 -14.86 0.05 1.38
CA LYS B 80 -15.99 -0.11 0.46
C LYS B 80 -15.63 -1.05 -0.70
N GLU B 81 -14.43 -0.89 -1.23
CA GLU B 81 -13.97 -1.68 -2.36
C GLU B 81 -12.97 -2.73 -1.89
N ARG B 82 -12.73 -2.75 -0.58
CA ARG B 82 -11.75 -3.65 0.05
C ARG B 82 -10.38 -3.49 -0.58
N THR B 83 -10.07 -2.28 -1.04
CA THR B 83 -8.86 -2.05 -1.78
C THR B 83 -8.00 -0.97 -1.12
N LEU B 84 -6.71 -1.19 -1.11
CA LEU B 84 -5.78 -0.23 -0.54
C LEU B 84 -5.02 0.49 -1.65
N TYR B 85 -5.15 1.80 -1.69
CA TYR B 85 -4.54 2.62 -2.73
C TYR B 85 -3.26 3.27 -2.25
N ILE B 86 -2.19 3.05 -3.01
CA ILE B 86 -0.90 3.67 -2.72
C ILE B 86 -0.52 4.60 -3.86
N TYR B 87 -0.39 5.88 -3.55
CA TYR B 87 0.05 6.85 -4.55
C TYR B 87 1.35 7.49 -4.09
N ILE B 88 2.37 7.40 -4.91
CA ILE B 88 3.66 7.98 -4.59
C ILE B 88 4.17 8.80 -5.77
N GLY A 1 18.11 11.40 3.14
CA GLY A 1 19.14 10.35 2.93
C GLY A 1 18.56 8.95 3.03
N PRO A 2 19.21 7.95 2.43
CA PRO A 2 18.75 6.56 2.48
C PRO A 2 18.98 5.91 3.85
N HIS A 3 18.34 6.46 4.87
CA HIS A 3 18.48 5.97 6.22
C HIS A 3 17.19 6.22 7.00
N MET A 4 16.95 5.40 8.03
CA MET A 4 15.77 5.53 8.90
C MET A 4 14.51 5.00 8.23
N SER A 5 13.51 4.73 9.05
CA SER A 5 12.22 4.28 8.58
C SER A 5 11.12 5.13 9.21
N VAL A 6 10.13 5.50 8.42
CA VAL A 6 9.04 6.32 8.88
C VAL A 6 7.71 5.61 8.69
N GLN A 7 6.82 5.74 9.67
CA GLN A 7 5.52 5.09 9.61
C GLN A 7 4.53 5.98 8.87
N ILE A 8 3.70 5.39 8.03
CA ILE A 8 2.76 6.16 7.25
C ILE A 8 1.33 5.87 7.72
N PRO A 9 0.62 6.91 8.19
CA PRO A 9 -0.77 6.77 8.61
C PRO A 9 -1.70 6.53 7.43
N VAL A 10 -2.53 5.50 7.53
CA VAL A 10 -3.49 5.18 6.49
C VAL A 10 -4.75 6.02 6.67
N VAL A 11 -5.25 6.56 5.58
CA VAL A 11 -6.50 7.30 5.63
C VAL A 11 -7.64 6.41 5.14
N GLU A 12 -8.53 6.04 6.06
CA GLU A 12 -9.66 5.19 5.73
C GLU A 12 -10.82 6.02 5.22
N VAL A 13 -11.01 6.03 3.92
CA VAL A 13 -12.05 6.81 3.28
C VAL A 13 -12.96 5.91 2.44
N ASP A 14 -13.92 6.53 1.76
CA ASP A 14 -14.84 5.80 0.89
C ASP A 14 -14.30 5.81 -0.53
N GLU A 15 -13.58 6.88 -0.85
CA GLU A 15 -13.01 7.07 -2.17
C GLU A 15 -11.91 8.12 -2.10
N LEU A 16 -11.06 8.17 -3.13
CA LEU A 16 -9.97 9.12 -3.15
C LEU A 16 -10.46 10.49 -3.62
N PRO A 17 -9.90 11.55 -3.03
CA PRO A 17 -10.16 12.95 -3.43
C PRO A 17 -9.97 13.20 -4.93
N GLU A 18 -10.37 14.38 -5.38
CA GLU A 18 -10.18 14.78 -6.76
C GLU A 18 -8.68 14.90 -7.04
N GLY A 19 -8.27 14.49 -8.22
CA GLY A 19 -6.87 14.50 -8.55
C GLY A 19 -6.25 13.14 -8.36
N TYR A 20 -7.05 12.21 -7.84
CA TYR A 20 -6.63 10.82 -7.71
C TYR A 20 -7.22 9.99 -8.84
N ASP A 21 -6.69 8.80 -9.04
CA ASP A 21 -7.14 7.96 -10.12
C ASP A 21 -7.57 6.59 -9.62
N ARG A 22 -8.86 6.44 -9.35
CA ARG A 22 -9.43 5.15 -9.01
C ARG A 22 -10.13 4.60 -10.24
N SER A 23 -10.13 3.27 -10.38
CA SER A 23 -10.67 2.62 -11.55
C SER A 23 -9.91 3.03 -12.81
N PRO B 1 2.08 -26.16 3.11
CA PRO B 1 1.44 -25.74 4.37
C PRO B 1 0.37 -26.75 4.78
N HIS B 2 -0.15 -26.60 5.99
CA HIS B 2 -1.20 -27.48 6.48
C HIS B 2 -1.94 -26.82 7.64
N GLU B 3 -3.23 -27.11 7.74
CA GLU B 3 -4.07 -26.55 8.80
C GLU B 3 -4.10 -25.02 8.71
N GLN B 4 -4.78 -24.52 7.69
CA GLN B 4 -4.83 -23.09 7.42
C GLN B 4 -6.25 -22.58 7.49
N GLN B 5 -6.40 -21.32 7.88
CA GLN B 5 -7.70 -20.69 8.00
C GLN B 5 -8.17 -20.17 6.65
N GLU B 6 -9.47 -20.02 6.52
CA GLU B 6 -10.07 -19.56 5.26
C GLU B 6 -10.36 -18.06 5.33
N ASP B 7 -10.15 -17.48 6.50
CA ASP B 7 -10.35 -16.05 6.71
C ASP B 7 -9.05 -15.29 6.47
N VAL B 8 -8.03 -16.03 6.07
CA VAL B 8 -6.72 -15.45 5.77
C VAL B 8 -6.83 -14.55 4.54
N PRO B 9 -6.58 -13.25 4.71
CA PRO B 9 -6.69 -12.27 3.64
C PRO B 9 -5.71 -12.53 2.51
N GLU B 10 -6.23 -12.53 1.29
CA GLU B 10 -5.42 -12.72 0.10
C GLU B 10 -5.40 -11.41 -0.69
N TYR B 11 -4.29 -10.70 -0.59
CA TYR B 11 -4.14 -9.44 -1.30
C TYR B 11 -3.63 -9.66 -2.71
N GLU B 12 -3.90 -8.69 -3.57
CA GLU B 12 -3.38 -8.70 -4.92
C GLU B 12 -2.73 -7.35 -5.21
N VAL B 13 -1.45 -7.38 -5.50
CA VAL B 13 -0.67 -6.17 -5.75
C VAL B 13 -0.60 -5.85 -7.24
N LYS B 14 -0.82 -4.58 -7.57
CA LYS B 14 -0.71 -4.10 -8.94
C LYS B 14 0.18 -2.88 -8.94
N MET B 15 0.96 -2.70 -10.00
CA MET B 15 1.86 -1.55 -10.06
C MET B 15 1.63 -0.76 -11.35
N LYS B 16 1.63 0.55 -11.24
CA LYS B 16 1.29 1.42 -12.37
C LYS B 16 2.19 2.65 -12.38
N ARG B 17 2.69 3.00 -13.56
CA ARG B 17 3.58 4.15 -13.71
C ARG B 17 2.80 5.36 -14.23
N PHE B 18 3.02 6.50 -13.59
CA PHE B 18 2.39 7.75 -14.01
C PHE B 18 3.44 8.77 -14.41
N LYS B 19 3.07 9.65 -15.32
CA LYS B 19 3.96 10.72 -15.77
C LYS B 19 3.19 12.04 -15.82
N GLY B 20 3.66 13.02 -15.06
CA GLY B 20 3.00 14.32 -15.05
C GLY B 20 1.80 14.34 -14.14
N ALA B 21 1.80 13.50 -13.13
CA ALA B 21 0.72 13.46 -12.17
C ALA B 21 1.24 13.76 -10.77
N ALA B 22 0.34 13.93 -9.82
CA ALA B 22 0.72 14.15 -8.43
C ALA B 22 1.47 12.94 -7.89
N TYR B 23 1.29 11.81 -8.55
CA TYR B 23 1.94 10.58 -8.19
C TYR B 23 2.64 10.02 -9.41
N LYS B 24 3.81 9.45 -9.19
CA LYS B 24 4.62 8.94 -10.28
C LYS B 24 4.47 7.43 -10.34
N LEU B 25 4.07 6.87 -9.23
CA LEU B 25 3.88 5.43 -9.13
C LEU B 25 2.62 5.14 -8.32
N ARG B 26 1.78 4.27 -8.85
CA ARG B 26 0.58 3.85 -8.16
C ARG B 26 0.67 2.35 -7.87
N ILE B 27 0.42 1.98 -6.63
CA ILE B 27 0.44 0.58 -6.26
C ILE B 27 -0.92 0.23 -5.66
N LEU B 28 -1.51 -0.84 -6.14
CA LEU B 28 -2.83 -1.23 -5.69
C LEU B 28 -2.78 -2.56 -4.97
N ILE B 29 -3.26 -2.57 -3.74
CA ILE B 29 -3.31 -3.79 -2.97
C ILE B 29 -4.74 -4.01 -2.48
N GLU B 30 -5.45 -4.92 -3.12
CA GLU B 30 -6.82 -5.19 -2.75
C GLU B 30 -6.93 -6.54 -2.05
N ASN B 31 -7.94 -6.68 -1.22
CA ASN B 31 -8.17 -7.92 -0.49
C ASN B 31 -9.22 -8.75 -1.21
N LYS B 32 -8.81 -9.88 -1.73
CA LYS B 32 -9.71 -10.79 -2.41
C LYS B 32 -9.44 -12.24 -1.97
N ALA B 33 -10.18 -12.66 -0.97
CA ALA B 33 -10.05 -13.99 -0.40
C ALA B 33 -11.44 -14.58 -0.14
N PRO B 34 -11.57 -15.89 0.15
CA PRO B 34 -12.87 -16.51 0.42
C PRO B 34 -13.60 -15.79 1.54
N ASN B 35 -12.85 -15.44 2.57
CA ASN B 35 -13.39 -14.72 3.72
C ASN B 35 -12.42 -13.63 4.14
N SER B 36 -12.43 -12.54 3.39
CA SER B 36 -11.49 -11.46 3.63
C SER B 36 -11.90 -10.66 4.85
N LYS B 37 -11.09 -10.76 5.89
CA LYS B 37 -11.36 -10.08 7.15
C LYS B 37 -10.11 -9.35 7.65
N PRO B 38 -9.71 -8.25 6.98
CA PRO B 38 -8.60 -7.43 7.45
C PRO B 38 -9.00 -6.63 8.68
N ASP B 39 -8.06 -6.46 9.60
CA ASP B 39 -8.37 -5.79 10.86
C ASP B 39 -7.65 -4.46 10.96
N ARG B 40 -6.33 -4.48 11.07
CA ARG B 40 -5.56 -3.26 11.11
C ARG B 40 -4.51 -3.24 10.01
N PHE B 41 -3.99 -2.05 9.76
CA PHE B 41 -2.92 -1.87 8.78
C PHE B 41 -1.83 -1.01 9.40
N SER B 42 -0.59 -1.48 9.34
CA SER B 42 0.51 -0.72 9.88
C SER B 42 1.63 -0.64 8.87
N PRO B 43 1.49 0.25 7.87
CA PRO B 43 2.51 0.46 6.86
C PRO B 43 3.59 1.44 7.31
N SER B 44 4.75 1.32 6.70
CA SER B 44 5.87 2.20 7.01
C SER B 44 6.90 2.14 5.90
N TYR B 45 7.44 3.29 5.57
CA TYR B 45 8.42 3.38 4.50
C TYR B 45 9.81 3.55 5.07
N ASN B 46 10.72 2.71 4.63
CA ASN B 46 12.10 2.81 5.05
C ASN B 46 12.93 3.39 3.92
N PHE B 47 13.76 4.38 4.26
CA PHE B 47 14.58 5.05 3.25
C PHE B 47 15.82 4.22 2.90
N ALA B 48 16.24 3.39 3.84
CA ALA B 48 17.48 2.63 3.65
C ALA B 48 17.35 1.66 2.48
N GLU B 49 16.28 0.89 2.48
CA GLU B 49 16.02 -0.07 1.42
C GLU B 49 14.92 0.46 0.52
N ASN B 50 14.35 1.61 0.89
CA ASN B 50 13.35 2.36 0.09
C ASN B 50 12.15 1.49 -0.21
N ILE B 51 11.70 0.80 0.83
CA ILE B 51 10.59 -0.12 0.71
C ILE B 51 9.44 0.29 1.63
N LEU B 52 8.23 0.27 1.09
CA LEU B 52 7.03 0.61 1.83
C LEU B 52 6.26 -0.68 2.13
N TYR B 53 6.35 -1.15 3.36
CA TYR B 53 5.66 -2.38 3.73
C TYR B 53 4.28 -2.04 4.27
N ILE B 54 3.32 -2.92 4.01
CA ILE B 54 1.92 -2.65 4.35
C ILE B 54 1.52 -3.33 5.66
N ASN B 55 1.80 -4.61 5.74
CA ASN B 55 1.47 -5.40 6.92
C ASN B 55 2.40 -6.60 6.97
N GLY B 56 2.25 -7.43 7.99
CA GLY B 56 3.09 -8.61 8.12
C GLY B 56 2.69 -9.72 7.16
N LYS B 57 2.23 -9.31 5.97
CA LYS B 57 1.77 -10.25 4.96
C LYS B 57 2.54 -10.01 3.67
N LEU B 58 2.73 -8.73 3.34
CA LEU B 58 3.42 -8.33 2.12
C LEU B 58 4.03 -6.94 2.23
N SER B 59 5.08 -6.71 1.47
CA SER B 59 5.77 -5.43 1.46
C SER B 59 5.89 -4.92 0.03
N ILE B 60 5.73 -3.61 -0.15
CA ILE B 60 5.79 -3.02 -1.47
C ILE B 60 7.12 -2.28 -1.67
N PRO B 61 8.05 -2.87 -2.44
CA PRO B 61 9.32 -2.24 -2.73
C PRO B 61 9.21 -1.22 -3.85
N LEU B 62 9.78 -0.05 -3.63
CA LEU B 62 9.72 1.02 -4.60
C LEU B 62 10.98 1.00 -5.46
N PRO B 63 10.85 1.40 -6.73
CA PRO B 63 11.99 1.50 -7.63
C PRO B 63 12.96 2.59 -7.19
N ARG B 64 14.25 2.30 -7.29
CA ARG B 64 15.27 3.22 -6.82
C ARG B 64 15.43 4.39 -7.78
N ASP B 65 14.70 4.32 -8.88
CA ASP B 65 14.68 5.39 -9.87
C ASP B 65 13.84 6.56 -9.37
N ILE B 66 12.98 6.25 -8.41
CA ILE B 66 12.05 7.23 -7.87
C ILE B 66 12.41 7.57 -6.43
N VAL B 67 12.35 8.86 -6.10
CA VAL B 67 12.58 9.29 -4.75
C VAL B 67 11.26 9.28 -3.97
N VAL B 68 11.23 8.54 -2.89
CA VAL B 68 10.01 8.37 -2.12
C VAL B 68 10.21 8.81 -0.67
N ASN B 69 9.24 9.54 -0.17
CA ASN B 69 9.24 9.99 1.23
C ASN B 69 7.84 9.91 1.79
N ALA B 70 7.73 9.97 3.11
CA ALA B 70 6.44 9.84 3.80
C ALA B 70 5.50 10.97 3.42
N ALA B 71 6.08 12.07 2.96
CA ALA B 71 5.32 13.25 2.56
C ALA B 71 4.80 13.11 1.13
N ASP B 72 5.32 12.11 0.43
CA ASP B 72 4.96 11.86 -0.95
C ASP B 72 4.02 10.67 -1.03
N ILE B 73 4.14 9.81 -0.03
CA ILE B 73 3.35 8.60 0.07
C ILE B 73 1.92 8.90 0.49
N LYS B 74 0.98 8.54 -0.36
CA LYS B 74 -0.44 8.73 -0.09
C LYS B 74 -1.13 7.38 0.07
N ILE B 75 -1.35 6.96 1.32
CA ILE B 75 -1.98 5.67 1.57
C ILE B 75 -3.44 5.83 2.00
N PHE B 76 -4.35 5.29 1.20
CA PHE B 76 -5.78 5.38 1.46
C PHE B 76 -6.44 4.01 1.41
N HIS B 77 -7.01 3.59 2.52
CA HIS B 77 -7.69 2.31 2.59
C HIS B 77 -9.21 2.48 2.48
N ILE B 78 -9.78 1.85 1.47
CA ILE B 78 -11.23 1.83 1.32
C ILE B 78 -11.76 0.49 1.80
N ARG B 79 -12.58 0.50 2.84
CA ARG B 79 -13.05 -0.72 3.47
C ARG B 79 -14.24 -1.32 2.71
N LYS B 80 -15.13 -0.45 2.25
CA LYS B 80 -16.31 -0.86 1.50
C LYS B 80 -15.91 -1.59 0.22
N GLU B 81 -14.79 -1.19 -0.34
CA GLU B 81 -14.29 -1.75 -1.58
C GLU B 81 -13.17 -2.76 -1.29
N ARG B 82 -12.80 -2.83 0.00
CA ARG B 82 -11.74 -3.71 0.49
C ARG B 82 -10.45 -3.56 -0.30
N THR B 83 -10.15 -2.33 -0.70
CA THR B 83 -9.00 -2.07 -1.55
C THR B 83 -8.13 -0.97 -0.95
N LEU B 84 -6.82 -1.16 -1.04
CA LEU B 84 -5.87 -0.19 -0.52
C LEU B 84 -5.13 0.49 -1.67
N TYR B 85 -5.31 1.79 -1.79
CA TYR B 85 -4.70 2.56 -2.86
C TYR B 85 -3.42 3.27 -2.38
N ILE B 86 -2.33 3.00 -3.09
CA ILE B 86 -1.04 3.61 -2.78
C ILE B 86 -0.63 4.55 -3.92
N TYR B 87 -0.51 5.84 -3.63
CA TYR B 87 -0.07 6.80 -4.62
C TYR B 87 1.23 7.46 -4.15
N ILE B 88 2.23 7.45 -5.01
CA ILE B 88 3.51 8.08 -4.71
C ILE B 88 3.94 8.96 -5.86
N GLY A 1 20.76 7.66 4.59
CA GLY A 1 21.20 7.36 5.97
C GLY A 1 21.50 5.89 6.17
N PRO A 2 21.71 5.45 7.43
CA PRO A 2 21.96 4.05 7.73
C PRO A 2 20.76 3.17 7.38
N HIS A 3 19.66 3.37 8.08
CA HIS A 3 18.42 2.67 7.78
C HIS A 3 17.27 3.67 7.65
N MET A 4 16.75 4.09 8.81
CA MET A 4 15.65 5.06 8.88
C MET A 4 14.35 4.52 8.29
N SER A 5 13.32 4.53 9.10
CA SER A 5 12.02 4.05 8.69
C SER A 5 10.93 4.97 9.24
N VAL A 6 10.04 5.40 8.36
CA VAL A 6 8.97 6.30 8.76
C VAL A 6 7.62 5.63 8.56
N GLN A 7 6.74 5.79 9.53
CA GLN A 7 5.44 5.14 9.48
C GLN A 7 4.46 5.99 8.71
N ILE A 8 3.66 5.37 7.87
CA ILE A 8 2.69 6.10 7.08
C ILE A 8 1.27 5.81 7.57
N PRO A 9 0.53 6.84 7.98
CA PRO A 9 -0.86 6.70 8.44
C PRO A 9 -1.83 6.42 7.29
N VAL A 10 -2.73 5.47 7.48
CA VAL A 10 -3.71 5.13 6.48
C VAL A 10 -5.05 5.79 6.77
N VAL A 11 -5.66 6.36 5.75
CA VAL A 11 -6.99 6.90 5.86
C VAL A 11 -7.99 5.81 5.51
N GLU A 12 -9.16 5.83 6.12
CA GLU A 12 -10.22 4.93 5.67
C GLU A 12 -11.38 5.73 5.12
N VAL A 13 -11.35 5.92 3.81
CA VAL A 13 -12.36 6.70 3.11
C VAL A 13 -13.18 5.85 2.16
N ASP A 14 -14.01 6.48 1.34
CA ASP A 14 -14.82 5.77 0.38
C ASP A 14 -14.16 5.84 -0.98
N GLU A 15 -13.45 6.94 -1.22
CA GLU A 15 -12.69 7.12 -2.46
C GLU A 15 -11.53 8.07 -2.22
N LEU A 16 -10.75 8.27 -3.27
CA LEU A 16 -9.68 9.24 -3.23
C LEU A 16 -10.24 10.61 -3.56
N PRO A 17 -9.64 11.67 -3.00
CA PRO A 17 -10.04 13.04 -3.29
C PRO A 17 -9.69 13.43 -4.73
N GLU A 18 -10.28 14.52 -5.20
CA GLU A 18 -10.06 14.99 -6.56
C GLU A 18 -8.57 15.24 -6.80
N GLY A 19 -8.09 14.78 -7.95
CA GLY A 19 -6.68 14.85 -8.25
C GLY A 19 -6.03 13.48 -8.26
N TYR A 20 -6.80 12.47 -7.89
CA TYR A 20 -6.31 11.10 -7.89
C TYR A 20 -6.92 10.30 -9.04
N ASP A 21 -6.48 9.05 -9.18
CA ASP A 21 -6.94 8.19 -10.25
C ASP A 21 -7.36 6.83 -9.71
N ARG A 22 -8.65 6.66 -9.48
CA ARG A 22 -9.16 5.40 -8.98
C ARG A 22 -9.61 4.51 -10.14
N SER A 23 -9.43 3.22 -9.97
CA SER A 23 -9.83 2.25 -10.97
C SER A 23 -10.64 1.15 -10.31
N PRO B 1 -6.22 -30.93 4.24
CA PRO B 1 -6.40 -31.28 5.67
C PRO B 1 -6.31 -30.04 6.56
N HIS B 2 -5.10 -29.68 6.98
CA HIS B 2 -4.89 -28.52 7.83
C HIS B 2 -4.61 -27.30 6.95
N GLU B 3 -3.52 -27.38 6.20
CA GLU B 3 -3.16 -26.34 5.23
C GLU B 3 -3.02 -24.98 5.90
N GLN B 4 -3.14 -23.92 5.13
CA GLN B 4 -3.10 -22.57 5.66
C GLN B 4 -4.49 -22.21 6.18
N GLN B 5 -4.57 -21.15 6.98
CA GLN B 5 -5.84 -20.72 7.54
C GLN B 5 -6.77 -20.18 6.46
N GLU B 6 -8.05 -20.28 6.70
CA GLU B 6 -9.07 -19.86 5.75
C GLU B 6 -9.34 -18.36 5.89
N ASP B 7 -8.98 -17.84 7.04
CA ASP B 7 -9.21 -16.43 7.36
C ASP B 7 -8.06 -15.57 6.88
N VAL B 8 -7.05 -16.20 6.30
CA VAL B 8 -5.90 -15.50 5.77
C VAL B 8 -6.33 -14.62 4.59
N PRO B 9 -6.13 -13.31 4.72
CA PRO B 9 -6.46 -12.36 3.67
C PRO B 9 -5.52 -12.50 2.48
N GLU B 10 -6.11 -12.62 1.30
CA GLU B 10 -5.34 -12.73 0.09
C GLU B 10 -5.33 -11.41 -0.64
N TYR B 11 -4.27 -10.65 -0.44
CA TYR B 11 -4.14 -9.35 -1.06
C TYR B 11 -3.62 -9.48 -2.49
N GLU B 12 -4.05 -8.57 -3.34
CA GLU B 12 -3.62 -8.54 -4.71
C GLU B 12 -2.94 -7.22 -5.01
N VAL B 13 -1.64 -7.29 -5.31
CA VAL B 13 -0.85 -6.11 -5.58
C VAL B 13 -0.77 -5.81 -7.07
N LYS B 14 -1.15 -4.59 -7.43
CA LYS B 14 -1.07 -4.14 -8.82
C LYS B 14 -0.22 -2.89 -8.86
N MET B 15 0.58 -2.75 -9.91
CA MET B 15 1.52 -1.65 -10.00
C MET B 15 1.36 -0.90 -11.31
N LYS B 16 1.40 0.42 -11.26
CA LYS B 16 1.16 1.23 -12.45
C LYS B 16 2.03 2.49 -12.43
N ARG B 17 2.67 2.77 -13.55
CA ARG B 17 3.58 3.92 -13.66
C ARG B 17 2.85 5.15 -14.19
N PHE B 18 3.18 6.30 -13.62
CA PHE B 18 2.62 7.57 -14.06
C PHE B 18 3.73 8.51 -14.48
N LYS B 19 3.36 9.60 -15.13
CA LYS B 19 4.32 10.63 -15.51
C LYS B 19 3.61 11.96 -15.71
N GLY B 20 3.88 12.91 -14.83
CA GLY B 20 3.27 14.21 -14.92
C GLY B 20 2.07 14.34 -13.99
N ALA B 21 1.98 13.43 -13.04
CA ALA B 21 0.89 13.44 -12.08
C ALA B 21 1.43 13.71 -10.68
N ALA B 22 0.53 13.91 -9.72
CA ALA B 22 0.93 14.14 -8.34
C ALA B 22 1.67 12.93 -7.77
N TYR B 23 1.49 11.80 -8.42
CA TYR B 23 2.12 10.55 -8.05
C TYR B 23 2.76 9.93 -9.27
N LYS B 24 3.86 9.22 -9.07
CA LYS B 24 4.60 8.61 -10.16
C LYS B 24 4.32 7.13 -10.21
N LEU B 25 3.85 6.60 -9.11
CA LEU B 25 3.53 5.19 -9.03
C LEU B 25 2.19 4.97 -8.32
N ARG B 26 1.36 4.13 -8.91
CA ARG B 26 0.09 3.77 -8.32
C ARG B 26 0.09 2.28 -7.99
N ILE B 27 0.00 1.96 -6.72
CA ILE B 27 0.00 0.57 -6.28
C ILE B 27 -1.35 0.23 -5.67
N LEU B 28 -1.92 -0.89 -6.09
CA LEU B 28 -3.22 -1.30 -5.61
C LEU B 28 -3.10 -2.59 -4.84
N ILE B 29 -3.54 -2.57 -3.60
CA ILE B 29 -3.55 -3.76 -2.78
C ILE B 29 -4.95 -3.99 -2.22
N GLU B 30 -5.67 -4.93 -2.79
CA GLU B 30 -7.02 -5.21 -2.34
C GLU B 30 -7.10 -6.59 -1.71
N ASN B 31 -8.05 -6.75 -0.81
CA ASN B 31 -8.22 -8.01 -0.09
C ASN B 31 -9.28 -8.85 -0.77
N LYS B 32 -8.87 -9.93 -1.38
CA LYS B 32 -9.80 -10.82 -2.06
C LYS B 32 -9.48 -12.28 -1.73
N ALA B 33 -10.14 -12.79 -0.71
CA ALA B 33 -9.95 -14.17 -0.27
C ALA B 33 -11.29 -14.83 0.03
N PRO B 34 -11.36 -16.17 0.13
CA PRO B 34 -12.63 -16.87 0.42
C PRO B 34 -13.25 -16.40 1.72
N ASN B 35 -12.42 -16.25 2.73
CA ASN B 35 -12.86 -15.83 4.06
C ASN B 35 -11.92 -14.78 4.63
N SER B 36 -11.94 -13.61 4.03
CA SER B 36 -11.02 -12.54 4.40
C SER B 36 -11.37 -11.97 5.75
N LYS B 37 -10.41 -12.03 6.66
CA LYS B 37 -10.57 -11.47 7.99
C LYS B 37 -9.34 -10.65 8.36
N PRO B 38 -9.18 -9.46 7.75
CA PRO B 38 -8.02 -8.60 7.98
C PRO B 38 -7.94 -8.13 9.43
N ASP B 39 -6.71 -7.99 9.92
CA ASP B 39 -6.46 -7.61 11.30
C ASP B 39 -6.31 -6.11 11.40
N ARG B 40 -5.33 -5.58 10.69
CA ARG B 40 -5.02 -4.17 10.75
C ARG B 40 -4.16 -3.76 9.55
N PHE B 41 -3.84 -2.48 9.49
CA PHE B 41 -2.92 -1.96 8.49
C PHE B 41 -1.93 -1.03 9.15
N SER B 42 -0.65 -1.39 9.10
CA SER B 42 0.40 -0.53 9.62
C SER B 42 1.54 -0.43 8.63
N PRO B 43 1.36 0.40 7.59
CA PRO B 43 2.39 0.59 6.56
C PRO B 43 3.45 1.58 6.99
N SER B 44 4.64 1.41 6.47
CA SER B 44 5.76 2.28 6.80
C SER B 44 6.82 2.19 5.72
N TYR B 45 7.47 3.32 5.45
CA TYR B 45 8.48 3.40 4.43
C TYR B 45 9.87 3.39 5.06
N ASN B 46 10.65 2.39 4.71
CA ASN B 46 12.03 2.31 5.18
C ASN B 46 12.98 2.75 4.08
N PHE B 47 13.69 3.84 4.34
CA PHE B 47 14.63 4.42 3.38
C PHE B 47 15.77 3.46 3.10
N ALA B 48 16.04 2.60 4.07
CA ALA B 48 17.11 1.60 3.97
C ALA B 48 16.99 0.78 2.69
N GLU B 49 15.78 0.27 2.44
CA GLU B 49 15.55 -0.56 1.27
C GLU B 49 14.65 0.14 0.28
N ASN B 50 14.30 1.39 0.63
CA ASN B 50 13.34 2.23 -0.10
C ASN B 50 12.07 1.44 -0.42
N ILE B 51 11.57 0.75 0.59
CA ILE B 51 10.41 -0.09 0.43
C ILE B 51 9.28 0.34 1.38
N LEU B 52 8.07 0.36 0.85
CA LEU B 52 6.89 0.71 1.61
C LEU B 52 6.18 -0.57 2.00
N TYR B 53 6.36 -1.01 3.23
CA TYR B 53 5.74 -2.24 3.68
C TYR B 53 4.34 -1.94 4.22
N ILE B 54 3.38 -2.78 3.87
CA ILE B 54 1.99 -2.60 4.28
C ILE B 54 1.73 -3.28 5.61
N ASN B 55 2.14 -4.54 5.69
CA ASN B 55 2.01 -5.33 6.90
C ASN B 55 3.12 -6.36 6.93
N GLY B 56 3.13 -7.21 7.94
CA GLY B 56 4.12 -8.27 7.99
C GLY B 56 3.81 -9.38 7.01
N LYS B 57 2.73 -9.21 6.24
CA LYS B 57 2.28 -10.22 5.30
C LYS B 57 2.83 -9.93 3.92
N LEU B 58 2.95 -8.65 3.60
CA LEU B 58 3.51 -8.24 2.31
C LEU B 58 4.06 -6.82 2.37
N SER B 59 5.05 -6.56 1.52
CA SER B 59 5.65 -5.24 1.43
C SER B 59 5.65 -4.77 -0.02
N ILE B 60 5.57 -3.47 -0.23
CA ILE B 60 5.57 -2.91 -1.58
C ILE B 60 6.89 -2.21 -1.87
N PRO B 61 7.80 -2.89 -2.59
CA PRO B 61 9.10 -2.33 -2.96
C PRO B 61 8.97 -1.23 -4.00
N LEU B 62 9.69 -0.16 -3.79
CA LEU B 62 9.62 0.99 -4.68
C LEU B 62 10.86 1.06 -5.55
N PRO B 63 10.72 1.56 -6.79
CA PRO B 63 11.85 1.70 -7.71
C PRO B 63 12.84 2.74 -7.21
N ARG B 64 14.11 2.43 -7.36
CA ARG B 64 15.19 3.29 -6.88
C ARG B 64 15.33 4.52 -7.75
N ASP B 65 14.59 4.54 -8.86
CA ASP B 65 14.64 5.65 -9.80
C ASP B 65 13.77 6.79 -9.30
N ILE B 66 12.94 6.51 -8.31
CA ILE B 66 11.99 7.49 -7.83
C ILE B 66 12.30 7.91 -6.41
N VAL B 67 12.28 9.21 -6.17
CA VAL B 67 12.49 9.73 -4.83
C VAL B 67 11.17 9.71 -4.07
N VAL B 68 11.18 9.09 -2.90
CA VAL B 68 9.97 8.88 -2.14
C VAL B 68 10.19 9.16 -0.66
N ASN B 69 9.23 9.84 -0.06
CA ASN B 69 9.25 10.16 1.36
C ASN B 69 7.86 10.00 1.93
N ALA B 70 7.74 9.96 3.26
CA ALA B 70 6.46 9.77 3.92
C ALA B 70 5.48 10.88 3.56
N ALA B 71 6.02 12.02 3.20
CA ALA B 71 5.22 13.20 2.86
C ALA B 71 4.71 13.10 1.42
N ASP B 72 5.28 12.17 0.67
CA ASP B 72 4.92 12.00 -0.74
C ASP B 72 4.07 10.75 -0.90
N ILE B 73 4.20 9.86 0.07
CA ILE B 73 3.45 8.61 0.09
C ILE B 73 2.01 8.84 0.52
N LYS B 74 1.08 8.54 -0.37
CA LYS B 74 -0.33 8.72 -0.11
C LYS B 74 -1.02 7.37 0.00
N ILE B 75 -1.43 7.01 1.21
CA ILE B 75 -2.07 5.72 1.47
C ILE B 75 -3.54 5.89 1.87
N PHE B 76 -4.43 5.34 1.06
CA PHE B 76 -5.86 5.47 1.30
C PHE B 76 -6.54 4.10 1.27
N HIS B 77 -7.11 3.71 2.39
CA HIS B 77 -7.80 2.44 2.48
C HIS B 77 -9.30 2.61 2.32
N ILE B 78 -9.83 2.15 1.20
CA ILE B 78 -11.28 2.06 1.04
C ILE B 78 -11.73 0.67 1.48
N ARG B 79 -12.41 0.62 2.62
CA ARG B 79 -12.80 -0.65 3.21
C ARG B 79 -14.06 -1.22 2.55
N LYS B 80 -14.80 -0.36 1.85
CA LYS B 80 -15.98 -0.80 1.13
C LYS B 80 -15.60 -1.67 -0.06
N GLU B 81 -14.63 -1.20 -0.83
CA GLU B 81 -14.12 -1.95 -1.98
C GLU B 81 -13.01 -2.90 -1.52
N ARG B 82 -12.70 -2.84 -0.23
CA ARG B 82 -11.63 -3.62 0.37
C ARG B 82 -10.32 -3.41 -0.38
N THR B 83 -10.09 -2.18 -0.81
CA THR B 83 -8.95 -1.89 -1.66
C THR B 83 -8.10 -0.77 -1.06
N LEU B 84 -6.81 -1.02 -0.94
CA LEU B 84 -5.88 -0.04 -0.44
C LEU B 84 -5.16 0.63 -1.60
N TYR B 85 -5.43 1.91 -1.80
CA TYR B 85 -4.84 2.68 -2.86
C TYR B 85 -3.55 3.36 -2.40
N ILE B 86 -2.46 3.07 -3.10
CA ILE B 86 -1.17 3.69 -2.81
C ILE B 86 -0.77 4.61 -3.96
N TYR B 87 -0.50 5.86 -3.64
CA TYR B 87 -0.04 6.81 -4.64
C TYR B 87 1.25 7.46 -4.18
N ILE B 88 2.29 7.35 -4.99
CA ILE B 88 3.58 7.92 -4.66
C ILE B 88 4.12 8.72 -5.84
N GLY A 1 19.09 -3.23 11.56
CA GLY A 1 17.85 -2.47 11.29
C GLY A 1 18.08 -1.35 10.30
N PRO A 2 17.00 -0.72 9.82
CA PRO A 2 17.09 0.37 8.84
C PRO A 2 17.58 1.67 9.48
N HIS A 3 18.58 2.27 8.84
CA HIS A 3 19.16 3.52 9.31
C HIS A 3 18.12 4.61 9.44
N MET A 4 17.10 4.57 8.58
CA MET A 4 15.98 5.47 8.70
C MET A 4 14.72 4.81 8.18
N SER A 5 13.66 4.90 8.98
CA SER A 5 12.38 4.33 8.63
C SER A 5 11.27 5.12 9.32
N VAL A 6 10.19 5.38 8.59
CA VAL A 6 9.08 6.15 9.11
C VAL A 6 7.76 5.43 8.86
N GLN A 7 6.82 5.60 9.77
CA GLN A 7 5.52 4.96 9.64
C GLN A 7 4.55 5.90 8.92
N ILE A 8 3.75 5.35 8.02
CA ILE A 8 2.84 6.17 7.24
C ILE A 8 1.41 5.96 7.70
N PRO A 9 0.73 7.05 8.09
CA PRO A 9 -0.68 6.99 8.49
C PRO A 9 -1.60 6.74 7.31
N VAL A 10 -2.47 5.75 7.46
CA VAL A 10 -3.41 5.40 6.40
C VAL A 10 -4.80 5.89 6.74
N VAL A 11 -5.46 6.49 5.74
CA VAL A 11 -6.81 6.99 5.89
C VAL A 11 -7.81 5.88 5.62
N GLU A 12 -8.96 5.91 6.28
CA GLU A 12 -10.03 5.01 5.90
C GLU A 12 -11.21 5.80 5.37
N VAL A 13 -11.24 5.95 4.06
CA VAL A 13 -12.31 6.67 3.38
C VAL A 13 -13.10 5.75 2.47
N ASP A 14 -14.01 6.32 1.70
CA ASP A 14 -14.82 5.55 0.77
C ASP A 14 -14.22 5.61 -0.63
N GLU A 15 -13.43 6.65 -0.89
CA GLU A 15 -12.69 6.75 -2.14
C GLU A 15 -11.69 7.90 -2.07
N LEU A 16 -10.86 8.02 -3.09
CA LEU A 16 -9.84 9.06 -3.12
C LEU A 16 -10.45 10.40 -3.45
N PRO A 17 -9.87 11.48 -2.94
CA PRO A 17 -10.32 12.84 -3.26
C PRO A 17 -10.00 13.22 -4.69
N GLU A 18 -10.50 14.37 -5.12
CA GLU A 18 -10.28 14.88 -6.46
C GLU A 18 -8.79 14.94 -6.79
N GLY A 19 -8.46 14.54 -8.01
CA GLY A 19 -7.08 14.57 -8.44
C GLY A 19 -6.45 13.19 -8.46
N TYR A 20 -7.14 12.22 -7.89
CA TYR A 20 -6.63 10.85 -7.83
C TYR A 20 -7.23 9.97 -8.91
N ASP A 21 -6.38 9.09 -9.44
CA ASP A 21 -6.79 8.15 -10.48
C ASP A 21 -7.16 6.81 -9.85
N ARG A 22 -8.45 6.63 -9.60
CA ARG A 22 -8.92 5.44 -8.91
C ARG A 22 -9.29 4.33 -9.89
N SER A 23 -9.12 3.10 -9.43
CA SER A 23 -9.54 1.92 -10.15
C SER A 23 -9.97 0.84 -9.16
N PRO B 1 -1.45 -28.05 0.03
CA PRO B 1 -1.75 -26.64 -0.27
C PRO B 1 -0.57 -25.75 0.09
N HIS B 2 -0.16 -24.91 -0.86
CA HIS B 2 0.96 -24.00 -0.63
C HIS B 2 0.52 -22.82 0.23
N GLU B 3 -0.78 -22.57 0.25
CA GLU B 3 -1.33 -21.50 1.07
C GLU B 3 -1.83 -22.07 2.38
N GLN B 4 -1.39 -21.48 3.48
CA GLN B 4 -1.77 -21.97 4.80
C GLN B 4 -2.86 -21.11 5.41
N GLN B 5 -3.74 -21.77 6.16
CA GLN B 5 -4.83 -21.12 6.88
C GLN B 5 -5.88 -20.50 5.97
N GLU B 6 -7.08 -20.33 6.51
CA GLU B 6 -8.17 -19.70 5.79
C GLU B 6 -8.45 -18.32 6.37
N ASP B 7 -7.65 -17.94 7.35
CA ASP B 7 -7.75 -16.61 7.96
C ASP B 7 -6.97 -15.62 7.12
N VAL B 8 -6.15 -16.16 6.24
CA VAL B 8 -5.19 -15.38 5.49
C VAL B 8 -5.84 -14.61 4.36
N PRO B 9 -5.78 -13.29 4.41
CA PRO B 9 -6.31 -12.42 3.36
C PRO B 9 -5.49 -12.50 2.08
N GLU B 10 -6.18 -12.71 0.96
CA GLU B 10 -5.55 -12.75 -0.33
C GLU B 10 -5.54 -11.36 -0.94
N TYR B 11 -4.43 -10.66 -0.80
CA TYR B 11 -4.27 -9.36 -1.40
C TYR B 11 -3.76 -9.47 -2.82
N GLU B 12 -4.07 -8.48 -3.64
CA GLU B 12 -3.57 -8.44 -4.99
C GLU B 12 -2.87 -7.10 -5.23
N VAL B 13 -1.60 -7.17 -5.53
CA VAL B 13 -0.79 -5.98 -5.77
C VAL B 13 -0.71 -5.66 -7.26
N LYS B 14 -1.05 -4.43 -7.62
CA LYS B 14 -0.97 -3.99 -9.00
C LYS B 14 -0.15 -2.72 -9.09
N MET B 15 0.95 -2.76 -9.82
CA MET B 15 1.83 -1.61 -9.92
C MET B 15 1.60 -0.90 -11.26
N LYS B 16 1.61 0.43 -11.25
CA LYS B 16 1.30 1.20 -12.45
C LYS B 16 2.14 2.47 -12.50
N ARG B 17 2.75 2.73 -13.65
CA ARG B 17 3.59 3.89 -13.85
C ARG B 17 2.80 5.10 -14.33
N PHE B 18 3.21 6.26 -13.84
CA PHE B 18 2.63 7.53 -14.24
C PHE B 18 3.73 8.53 -14.60
N LYS B 19 3.42 9.47 -15.48
CA LYS B 19 4.37 10.49 -15.89
C LYS B 19 3.69 11.83 -16.05
N GLY B 20 4.10 12.79 -15.23
CA GLY B 20 3.51 14.11 -15.27
C GLY B 20 2.29 14.22 -14.37
N ALA B 21 2.15 13.27 -13.46
CA ALA B 21 1.00 13.22 -12.57
C ALA B 21 1.39 13.63 -11.16
N ALA B 22 0.40 13.78 -10.29
CA ALA B 22 0.63 14.11 -8.89
C ALA B 22 1.26 12.93 -8.15
N TYR B 23 1.41 11.83 -8.86
CA TYR B 23 2.05 10.63 -8.36
C TYR B 23 2.75 9.94 -9.52
N LYS B 24 3.93 9.42 -9.27
CA LYS B 24 4.75 8.82 -10.33
C LYS B 24 4.49 7.33 -10.38
N LEU B 25 4.03 6.79 -9.27
CA LEU B 25 3.73 5.38 -9.17
C LEU B 25 2.41 5.16 -8.46
N ARG B 26 1.58 4.30 -9.03
CA ARG B 26 0.33 3.92 -8.40
C ARG B 26 0.35 2.43 -8.08
N ILE B 27 0.16 2.10 -6.82
CA ILE B 27 0.15 0.70 -6.40
C ILE B 27 -1.20 0.37 -5.80
N LEU B 28 -1.82 -0.68 -6.28
CA LEU B 28 -3.14 -1.07 -5.83
C LEU B 28 -3.06 -2.39 -5.08
N ILE B 29 -3.42 -2.38 -3.81
CA ILE B 29 -3.44 -3.59 -3.03
C ILE B 29 -4.84 -3.81 -2.48
N GLU B 30 -5.57 -4.72 -3.10
CA GLU B 30 -6.93 -4.99 -2.69
C GLU B 30 -7.02 -6.35 -2.01
N ASN B 31 -8.00 -6.49 -1.15
CA ASN B 31 -8.25 -7.75 -0.49
C ASN B 31 -9.34 -8.49 -1.23
N LYS B 32 -9.01 -9.62 -1.80
CA LYS B 32 -9.97 -10.44 -2.48
C LYS B 32 -9.74 -11.90 -2.14
N ALA B 33 -10.41 -12.38 -1.11
CA ALA B 33 -10.39 -13.80 -0.80
C ALA B 33 -11.79 -14.28 -0.43
N PRO B 34 -12.05 -15.57 -0.63
CA PRO B 34 -13.31 -16.21 -0.19
C PRO B 34 -13.40 -16.16 1.33
N ASN B 35 -12.26 -16.35 1.97
CA ASN B 35 -12.17 -16.39 3.41
C ASN B 35 -10.97 -15.57 3.85
N SER B 36 -11.25 -14.36 4.27
CA SER B 36 -10.21 -13.43 4.69
C SER B 36 -10.75 -12.49 5.75
N LYS B 37 -10.01 -12.37 6.84
CA LYS B 37 -10.41 -11.55 7.96
C LYS B 37 -9.37 -10.48 8.28
N PRO B 38 -9.35 -9.39 7.50
CA PRO B 38 -8.43 -8.27 7.74
C PRO B 38 -8.74 -7.56 9.07
N ASP B 39 -7.68 -7.23 9.78
CA ASP B 39 -7.81 -6.63 11.10
C ASP B 39 -7.51 -5.14 11.04
N ARG B 40 -6.30 -4.80 10.62
CA ARG B 40 -5.87 -3.43 10.54
C ARG B 40 -4.67 -3.29 9.62
N PHE B 41 -4.29 -2.06 9.33
CA PHE B 41 -3.14 -1.79 8.49
C PHE B 41 -2.17 -0.87 9.21
N SER B 42 -0.90 -1.23 9.16
CA SER B 42 0.14 -0.36 9.68
C SER B 42 1.29 -0.28 8.70
N PRO B 43 1.13 0.52 7.63
CA PRO B 43 2.16 0.69 6.62
C PRO B 43 3.27 1.63 7.06
N SER B 44 4.47 1.40 6.56
CA SER B 44 5.62 2.21 6.92
C SER B 44 6.67 2.15 5.82
N TYR B 45 7.40 3.25 5.64
CA TYR B 45 8.42 3.35 4.63
C TYR B 45 9.81 3.36 5.25
N ASN B 46 10.60 2.37 4.92
CA ASN B 46 11.98 2.32 5.36
C ASN B 46 12.92 2.81 4.26
N PHE B 47 13.56 3.96 4.52
CA PHE B 47 14.41 4.62 3.53
C PHE B 47 15.61 3.74 3.18
N ALA B 48 16.05 2.97 4.15
CA ALA B 48 17.23 2.12 4.01
C ALA B 48 17.10 1.17 2.82
N GLU B 49 15.91 0.60 2.65
CA GLU B 49 15.68 -0.35 1.56
C GLU B 49 14.71 0.25 0.55
N ASN B 50 14.30 1.49 0.84
CA ASN B 50 13.31 2.23 0.03
C ASN B 50 12.07 1.37 -0.26
N ILE B 51 11.58 0.70 0.77
CA ILE B 51 10.43 -0.18 0.63
C ILE B 51 9.28 0.26 1.53
N LEU B 52 8.08 0.22 0.96
CA LEU B 52 6.87 0.58 1.68
C LEU B 52 6.14 -0.69 2.06
N TYR B 53 6.26 -1.10 3.31
CA TYR B 53 5.61 -2.32 3.76
C TYR B 53 4.21 -2.01 4.25
N ILE B 54 3.27 -2.92 3.99
CA ILE B 54 1.89 -2.74 4.38
C ILE B 54 1.62 -3.44 5.70
N ASN B 55 1.80 -4.75 5.71
CA ASN B 55 1.64 -5.57 6.91
C ASN B 55 2.60 -6.74 6.85
N GLY B 56 2.48 -7.67 7.78
CA GLY B 56 3.32 -8.87 7.75
C GLY B 56 2.91 -9.82 6.65
N LYS B 57 1.91 -9.42 5.87
CA LYS B 57 1.40 -10.24 4.78
C LYS B 57 2.23 -9.99 3.55
N LEU B 58 2.48 -8.73 3.29
CA LEU B 58 3.19 -8.31 2.09
C LEU B 58 3.80 -6.92 2.23
N SER B 59 4.86 -6.70 1.49
CA SER B 59 5.51 -5.40 1.45
C SER B 59 5.59 -4.90 0.00
N ILE B 60 5.53 -3.60 -0.18
CA ILE B 60 5.59 -3.02 -1.52
C ILE B 60 6.96 -2.38 -1.76
N PRO B 61 7.83 -3.06 -2.50
CA PRO B 61 9.16 -2.52 -2.84
C PRO B 61 9.07 -1.44 -3.89
N LEU B 62 9.74 -0.33 -3.62
CA LEU B 62 9.66 0.81 -4.51
C LEU B 62 10.91 0.90 -5.37
N PRO B 63 10.77 1.39 -6.60
CA PRO B 63 11.90 1.53 -7.52
C PRO B 63 12.86 2.61 -7.07
N ARG B 64 14.15 2.34 -7.21
CA ARG B 64 15.20 3.25 -6.75
C ARG B 64 15.29 4.45 -7.67
N ASP B 65 14.48 4.44 -8.72
CA ASP B 65 14.46 5.53 -9.69
C ASP B 65 13.61 6.68 -9.17
N ILE B 66 12.85 6.41 -8.12
CA ILE B 66 11.95 7.39 -7.55
C ILE B 66 12.41 7.81 -6.17
N VAL B 67 12.39 9.11 -5.92
CA VAL B 67 12.67 9.61 -4.58
C VAL B 67 11.37 9.65 -3.81
N VAL B 68 11.25 8.77 -2.83
CA VAL B 68 9.99 8.62 -2.12
C VAL B 68 10.18 8.90 -0.63
N ASN B 69 9.24 9.65 -0.08
CA ASN B 69 9.27 10.00 1.33
C ASN B 69 7.87 9.94 1.90
N ALA B 70 7.77 9.95 3.23
CA ALA B 70 6.49 9.82 3.92
C ALA B 70 5.54 10.96 3.57
N ALA B 71 6.11 12.05 3.09
CA ALA B 71 5.32 13.22 2.73
C ALA B 71 4.78 13.11 1.31
N ASP B 72 5.33 12.17 0.56
CA ASP B 72 4.97 11.98 -0.84
C ASP B 72 4.10 10.74 -0.98
N ILE B 73 4.25 9.84 -0.01
CA ILE B 73 3.48 8.62 0.05
C ILE B 73 2.03 8.88 0.45
N LYS B 74 1.11 8.57 -0.45
CA LYS B 74 -0.32 8.75 -0.19
C LYS B 74 -1.00 7.39 -0.05
N ILE B 75 -1.40 7.05 1.17
CA ILE B 75 -2.03 5.76 1.44
C ILE B 75 -3.50 5.93 1.85
N PHE B 76 -4.40 5.34 1.08
CA PHE B 76 -5.83 5.46 1.33
C PHE B 76 -6.49 4.10 1.36
N HIS B 77 -7.04 3.74 2.51
CA HIS B 77 -7.76 2.48 2.65
C HIS B 77 -9.26 2.67 2.53
N ILE B 78 -9.85 2.12 1.47
CA ILE B 78 -11.29 2.10 1.34
C ILE B 78 -11.85 0.83 1.96
N ARG B 79 -12.78 0.99 2.87
CA ARG B 79 -13.31 -0.13 3.65
C ARG B 79 -14.36 -0.90 2.86
N LYS B 80 -15.26 -0.18 2.22
CA LYS B 80 -16.35 -0.80 1.47
C LYS B 80 -15.82 -1.62 0.30
N GLU B 81 -14.90 -1.05 -0.46
CA GLU B 81 -14.31 -1.74 -1.59
C GLU B 81 -13.20 -2.67 -1.14
N ARG B 82 -12.94 -2.68 0.17
CA ARG B 82 -11.88 -3.47 0.80
C ARG B 82 -10.57 -3.38 0.01
N THR B 83 -10.26 -2.17 -0.45
CA THR B 83 -9.11 -1.96 -1.31
C THR B 83 -8.21 -0.86 -0.76
N LEU B 84 -6.91 -1.04 -0.89
CA LEU B 84 -5.94 -0.08 -0.41
C LEU B 84 -5.19 0.57 -1.58
N TYR B 85 -5.35 1.88 -1.70
CA TYR B 85 -4.70 2.63 -2.79
C TYR B 85 -3.42 3.29 -2.31
N ILE B 86 -2.36 3.12 -3.09
CA ILE B 86 -1.08 3.74 -2.82
C ILE B 86 -0.67 4.65 -3.98
N TYR B 87 -0.44 5.92 -3.70
CA TYR B 87 0.03 6.86 -4.71
C TYR B 87 1.33 7.50 -4.27
N ILE B 88 2.32 7.50 -5.14
CA ILE B 88 3.62 8.08 -4.83
C ILE B 88 4.12 8.91 -6.00
N GLY A 1 16.29 11.26 7.02
CA GLY A 1 17.57 10.75 6.45
C GLY A 1 17.35 9.53 5.56
N PRO A 2 18.27 9.26 4.61
CA PRO A 2 18.12 8.18 3.63
C PRO A 2 18.34 6.79 4.24
N HIS A 3 18.67 6.74 5.52
CA HIS A 3 18.88 5.48 6.21
C HIS A 3 17.94 5.35 7.39
N MET A 4 16.77 5.96 7.27
CA MET A 4 15.76 5.95 8.34
C MET A 4 14.55 5.13 7.93
N SER A 5 13.62 5.01 8.86
CA SER A 5 12.34 4.36 8.60
C SER A 5 11.23 5.11 9.30
N VAL A 6 10.16 5.39 8.57
CA VAL A 6 9.04 6.15 9.09
C VAL A 6 7.74 5.42 8.85
N GLN A 7 6.76 5.66 9.71
CA GLN A 7 5.47 5.03 9.58
C GLN A 7 4.54 5.93 8.80
N ILE A 8 3.78 5.36 7.88
CA ILE A 8 2.89 6.16 7.06
C ILE A 8 1.44 5.96 7.49
N PRO A 9 0.75 7.05 7.81
CA PRO A 9 -0.65 7.00 8.21
C PRO A 9 -1.57 6.65 7.05
N VAL A 10 -2.52 5.77 7.29
CA VAL A 10 -3.46 5.36 6.26
C VAL A 10 -4.87 5.81 6.61
N VAL A 11 -5.56 6.38 5.62
CA VAL A 11 -6.90 6.89 5.79
C VAL A 11 -7.92 5.79 5.51
N GLU A 12 -9.06 5.85 6.17
CA GLU A 12 -10.18 4.99 5.82
C GLU A 12 -11.27 5.81 5.15
N VAL A 13 -11.24 5.83 3.82
CA VAL A 13 -12.20 6.61 3.04
C VAL A 13 -13.07 5.72 2.17
N ASP A 14 -13.92 6.34 1.37
CA ASP A 14 -14.77 5.64 0.42
C ASP A 14 -14.20 5.81 -0.98
N GLU A 15 -13.54 6.94 -1.18
CA GLU A 15 -12.90 7.28 -2.45
C GLU A 15 -11.71 8.18 -2.21
N LEU A 16 -10.89 8.34 -3.23
CA LEU A 16 -9.75 9.23 -3.16
C LEU A 16 -10.18 10.66 -3.48
N PRO A 17 -9.47 11.64 -2.91
CA PRO A 17 -9.69 13.06 -3.19
C PRO A 17 -9.64 13.40 -4.68
N GLU A 18 -10.09 14.61 -4.99
CA GLU A 18 -10.07 15.11 -6.36
C GLU A 18 -8.65 15.21 -6.88
N GLY A 19 -8.43 14.66 -8.06
CA GLY A 19 -7.11 14.64 -8.64
C GLY A 19 -6.50 13.26 -8.60
N TYR A 20 -7.16 12.35 -7.89
CA TYR A 20 -6.70 10.98 -7.79
C TYR A 20 -7.37 10.09 -8.83
N ASP A 21 -6.77 8.92 -9.02
CA ASP A 21 -7.31 7.90 -9.90
C ASP A 21 -7.95 6.81 -9.05
N ARG A 22 -8.91 6.10 -9.61
CA ARG A 22 -9.46 4.91 -8.96
C ARG A 22 -9.83 3.88 -9.99
N SER A 23 -9.53 2.61 -9.69
CA SER A 23 -9.74 1.51 -10.61
C SER A 23 -9.02 1.76 -11.94
N PRO B 1 -0.19 -29.22 12.78
CA PRO B 1 0.51 -29.40 11.49
C PRO B 1 0.40 -28.14 10.65
N HIS B 2 1.48 -27.77 9.98
CA HIS B 2 1.46 -26.60 9.13
C HIS B 2 0.85 -26.93 7.77
N GLU B 3 -0.21 -26.23 7.44
CA GLU B 3 -0.91 -26.43 6.18
C GLU B 3 -1.29 -25.09 5.58
N GLN B 4 -2.17 -25.09 4.59
CA GLN B 4 -2.63 -23.85 4.01
C GLN B 4 -3.79 -23.29 4.81
N GLN B 5 -3.82 -21.98 4.94
CA GLN B 5 -4.90 -21.32 5.69
C GLN B 5 -6.03 -20.95 4.76
N GLU B 6 -7.23 -20.88 5.33
CA GLU B 6 -8.42 -20.54 4.56
C GLU B 6 -8.94 -19.17 4.98
N ASP B 7 -8.48 -18.72 6.14
CA ASP B 7 -8.85 -17.43 6.67
C ASP B 7 -7.76 -16.40 6.41
N VAL B 8 -6.68 -16.86 5.78
CA VAL B 8 -5.60 -15.98 5.42
C VAL B 8 -6.02 -15.05 4.30
N PRO B 9 -5.89 -13.74 4.52
CA PRO B 9 -6.23 -12.73 3.53
C PRO B 9 -5.35 -12.85 2.28
N GLU B 10 -5.98 -12.90 1.12
CA GLU B 10 -5.27 -12.96 -0.13
C GLU B 10 -5.34 -11.63 -0.83
N TYR B 11 -4.27 -10.88 -0.71
CA TYR B 11 -4.20 -9.58 -1.35
C TYR B 11 -3.73 -9.71 -2.78
N GLU B 12 -4.25 -8.83 -3.63
CA GLU B 12 -3.83 -8.79 -5.02
C GLU B 12 -3.24 -7.43 -5.31
N VAL B 13 -1.93 -7.40 -5.49
CA VAL B 13 -1.20 -6.16 -5.67
C VAL B 13 -0.97 -5.86 -7.14
N LYS B 14 -1.16 -4.60 -7.51
CA LYS B 14 -0.94 -4.13 -8.87
C LYS B 14 -0.04 -2.92 -8.83
N MET B 15 0.80 -2.75 -9.83
CA MET B 15 1.72 -1.62 -9.87
C MET B 15 1.56 -0.87 -11.19
N LYS B 16 1.66 0.45 -11.13
CA LYS B 16 1.45 1.26 -12.32
C LYS B 16 2.36 2.48 -12.27
N ARG B 17 2.95 2.83 -13.40
CA ARG B 17 3.87 3.95 -13.47
C ARG B 17 3.18 5.19 -14.02
N PHE B 18 3.47 6.32 -13.42
CA PHE B 18 2.92 7.59 -13.86
C PHE B 18 4.03 8.59 -14.11
N LYS B 19 3.75 9.59 -14.93
CA LYS B 19 4.69 10.67 -15.18
C LYS B 19 3.94 11.91 -15.65
N GLY B 20 3.90 12.92 -14.80
CA GLY B 20 3.15 14.11 -15.11
C GLY B 20 1.98 14.28 -14.17
N ALA B 21 1.82 13.33 -13.28
CA ALA B 21 0.74 13.34 -12.32
C ALA B 21 1.25 13.67 -10.93
N ALA B 22 0.34 13.89 -9.98
CA ALA B 22 0.72 14.15 -8.61
C ALA B 22 1.44 12.96 -7.99
N TYR B 23 1.27 11.80 -8.62
CA TYR B 23 1.90 10.57 -8.18
C TYR B 23 2.66 9.98 -9.36
N LYS B 24 3.80 9.39 -9.07
CA LYS B 24 4.66 8.85 -10.11
C LYS B 24 4.54 7.33 -10.13
N LEU B 25 4.01 6.79 -9.05
CA LEU B 25 3.82 5.36 -8.94
C LEU B 25 2.50 5.06 -8.24
N ARG B 26 1.73 4.15 -8.82
CA ARG B 26 0.48 3.70 -8.23
C ARG B 26 0.57 2.24 -7.85
N ILE B 27 0.21 1.91 -6.63
CA ILE B 27 0.18 0.52 -6.19
C ILE B 27 -1.19 0.21 -5.63
N LEU B 28 -1.81 -0.84 -6.13
CA LEU B 28 -3.16 -1.21 -5.73
C LEU B 28 -3.14 -2.55 -5.01
N ILE B 29 -3.57 -2.56 -3.77
CA ILE B 29 -3.61 -3.80 -2.99
C ILE B 29 -5.02 -4.05 -2.49
N GLU B 30 -5.72 -4.98 -3.12
CA GLU B 30 -7.07 -5.31 -2.71
C GLU B 30 -7.09 -6.67 -2.03
N ASN B 31 -8.03 -6.88 -1.14
CA ASN B 31 -8.11 -8.13 -0.41
C ASN B 31 -9.22 -9.01 -0.95
N LYS B 32 -8.84 -10.16 -1.49
CA LYS B 32 -9.79 -11.09 -2.06
C LYS B 32 -9.44 -12.51 -1.67
N ALA B 33 -10.03 -12.99 -0.59
CA ALA B 33 -9.85 -14.37 -0.14
C ALA B 33 -11.19 -14.98 0.27
N PRO B 34 -11.30 -16.31 0.40
CA PRO B 34 -12.54 -16.97 0.81
C PRO B 34 -13.05 -16.46 2.15
N ASN B 35 -12.14 -16.37 3.10
CA ASN B 35 -12.48 -15.96 4.46
C ASN B 35 -11.46 -14.96 4.99
N SER B 36 -11.36 -13.83 4.31
CA SER B 36 -10.38 -12.82 4.67
C SER B 36 -10.63 -12.27 6.07
N LYS B 37 -9.62 -12.41 6.93
CA LYS B 37 -9.68 -11.84 8.26
C LYS B 37 -8.48 -10.95 8.53
N PRO B 38 -8.43 -9.77 7.90
CA PRO B 38 -7.41 -8.78 8.20
C PRO B 38 -7.69 -8.06 9.51
N ASP B 39 -6.63 -7.84 10.27
CA ASP B 39 -6.74 -7.19 11.57
C ASP B 39 -6.74 -5.69 11.38
N ARG B 40 -5.61 -5.18 10.93
CA ARG B 40 -5.44 -3.76 10.72
C ARG B 40 -4.27 -3.51 9.79
N PHE B 41 -4.17 -2.29 9.30
CA PHE B 41 -3.13 -1.91 8.37
C PHE B 41 -2.16 -0.94 9.03
N SER B 42 -0.88 -1.27 8.97
CA SER B 42 0.14 -0.39 9.49
C SER B 42 1.29 -0.28 8.49
N PRO B 43 1.12 0.54 7.45
CA PRO B 43 2.14 0.73 6.43
C PRO B 43 3.23 1.68 6.88
N SER B 44 4.44 1.41 6.43
CA SER B 44 5.60 2.20 6.84
C SER B 44 6.68 2.15 5.76
N TYR B 45 7.43 3.23 5.62
CA TYR B 45 8.44 3.35 4.59
C TYR B 45 9.83 3.39 5.19
N ASN B 46 10.70 2.52 4.70
CA ASN B 46 12.10 2.52 5.10
C ASN B 46 12.96 3.10 3.98
N PHE B 47 13.59 4.23 4.27
CA PHE B 47 14.41 4.95 3.29
C PHE B 47 15.62 4.13 2.90
N ALA B 48 16.12 3.36 3.86
CA ALA B 48 17.32 2.56 3.68
C ALA B 48 17.21 1.65 2.46
N GLU B 49 16.14 0.87 2.42
CA GLU B 49 15.95 -0.08 1.33
C GLU B 49 14.88 0.41 0.38
N ASN B 50 14.43 1.66 0.60
CA ASN B 50 13.41 2.32 -0.22
C ASN B 50 12.17 1.43 -0.43
N ILE B 51 11.77 0.77 0.64
CA ILE B 51 10.63 -0.14 0.56
C ILE B 51 9.48 0.34 1.44
N LEU B 52 8.27 0.22 0.90
CA LEU B 52 7.06 0.59 1.60
C LEU B 52 6.30 -0.68 1.96
N TYR B 53 6.32 -1.02 3.24
CA TYR B 53 5.66 -2.24 3.67
C TYR B 53 4.25 -1.91 4.14
N ILE B 54 3.31 -2.74 3.73
CA ILE B 54 1.90 -2.50 4.02
C ILE B 54 1.48 -3.14 5.32
N ASN B 55 1.86 -4.41 5.48
CA ASN B 55 1.40 -5.19 6.61
C ASN B 55 2.35 -6.37 6.81
N GLY B 56 2.13 -7.14 7.86
CA GLY B 56 2.92 -8.34 8.08
C GLY B 56 2.48 -9.45 7.13
N LYS B 57 1.64 -9.08 6.17
CA LYS B 57 1.16 -10.01 5.17
C LYS B 57 1.95 -9.83 3.88
N LEU B 58 2.28 -8.57 3.58
CA LEU B 58 3.04 -8.26 2.37
C LEU B 58 3.67 -6.86 2.44
N SER B 59 4.76 -6.69 1.72
CA SER B 59 5.44 -5.43 1.64
C SER B 59 5.69 -5.05 0.17
N ILE B 60 5.68 -3.77 -0.13
CA ILE B 60 5.78 -3.30 -1.49
C ILE B 60 7.12 -2.59 -1.73
N PRO B 61 8.05 -3.24 -2.44
CA PRO B 61 9.34 -2.64 -2.77
C PRO B 61 9.20 -1.58 -3.88
N LEU B 62 9.84 -0.44 -3.67
CA LEU B 62 9.71 0.67 -4.59
C LEU B 62 10.94 0.77 -5.50
N PRO B 63 10.78 1.36 -6.69
CA PRO B 63 11.90 1.57 -7.61
C PRO B 63 12.89 2.61 -7.07
N ARG B 64 14.17 2.35 -7.30
CA ARG B 64 15.24 3.21 -6.79
C ARG B 64 15.40 4.44 -7.68
N ASP B 65 14.62 4.47 -8.76
CA ASP B 65 14.68 5.59 -9.70
C ASP B 65 13.74 6.71 -9.25
N ILE B 66 12.93 6.41 -8.23
CA ILE B 66 11.98 7.37 -7.71
C ILE B 66 12.35 7.78 -6.29
N VAL B 67 12.31 9.07 -6.02
CA VAL B 67 12.60 9.58 -4.69
C VAL B 67 11.33 9.57 -3.86
N VAL B 68 11.28 8.71 -2.86
CA VAL B 68 10.07 8.52 -2.09
C VAL B 68 10.27 8.94 -0.64
N ASN B 69 9.32 9.68 -0.14
CA ASN B 69 9.32 10.13 1.25
C ASN B 69 7.90 10.08 1.80
N ALA B 70 7.78 10.08 3.12
CA ALA B 70 6.48 9.94 3.79
C ALA B 70 5.56 11.11 3.46
N ALA B 71 6.16 12.20 3.02
CA ALA B 71 5.41 13.41 2.67
C ALA B 71 4.84 13.32 1.26
N ASP B 72 5.32 12.36 0.51
CA ASP B 72 4.89 12.18 -0.88
C ASP B 72 4.04 10.94 -1.01
N ILE B 73 4.25 10.01 -0.08
CA ILE B 73 3.48 8.78 0.00
C ILE B 73 2.04 9.05 0.42
N LYS B 74 1.09 8.71 -0.45
CA LYS B 74 -0.32 8.89 -0.17
C LYS B 74 -1.00 7.53 -0.05
N ILE B 75 -1.35 7.15 1.18
CA ILE B 75 -1.98 5.84 1.42
C ILE B 75 -3.44 6.00 1.81
N PHE B 76 -4.32 5.37 1.04
CA PHE B 76 -5.74 5.45 1.29
C PHE B 76 -6.35 4.05 1.31
N HIS B 77 -6.92 3.67 2.44
CA HIS B 77 -7.58 2.38 2.54
C HIS B 77 -9.09 2.54 2.51
N ILE B 78 -9.68 2.14 1.40
CA ILE B 78 -11.12 2.17 1.28
C ILE B 78 -11.70 0.87 1.84
N ARG B 79 -12.16 0.93 3.08
CA ARG B 79 -12.73 -0.25 3.73
C ARG B 79 -14.11 -0.56 3.17
N LYS B 80 -14.65 0.38 2.41
CA LYS B 80 -15.92 0.20 1.73
C LYS B 80 -15.78 -0.84 0.61
N GLU B 81 -14.70 -0.74 -0.14
CA GLU B 81 -14.43 -1.66 -1.24
C GLU B 81 -13.45 -2.73 -0.81
N ARG B 82 -12.90 -2.57 0.39
CA ARG B 82 -11.86 -3.44 0.93
C ARG B 82 -10.62 -3.37 0.05
N THR B 83 -10.34 -2.18 -0.46
CA THR B 83 -9.23 -1.99 -1.37
C THR B 83 -8.27 -0.94 -0.84
N LEU B 84 -6.98 -1.15 -1.04
CA LEU B 84 -5.96 -0.22 -0.55
C LEU B 84 -5.24 0.44 -1.72
N TYR B 85 -5.31 1.76 -1.77
CA TYR B 85 -4.67 2.52 -2.84
C TYR B 85 -3.42 3.22 -2.36
N ILE B 86 -2.34 3.05 -3.11
CA ILE B 86 -1.06 3.71 -2.82
C ILE B 86 -0.67 4.64 -3.96
N TYR B 87 -0.44 5.90 -3.65
CA TYR B 87 -0.01 6.86 -4.67
C TYR B 87 1.23 7.60 -4.19
N ILE B 88 2.27 7.55 -5.00
CA ILE B 88 3.52 8.21 -4.65
C ILE B 88 3.97 9.08 -5.81
N GLY A 1 18.07 0.48 11.22
CA GLY A 1 19.17 0.60 10.23
C GLY A 1 19.72 2.02 10.17
N PRO A 2 20.82 2.24 9.45
CA PRO A 2 21.43 3.57 9.29
C PRO A 2 20.42 4.61 8.79
N HIS A 3 19.85 4.36 7.61
CA HIS A 3 18.82 5.23 7.08
C HIS A 3 17.52 5.04 7.85
N MET A 4 16.77 6.12 7.98
CA MET A 4 15.58 6.14 8.84
C MET A 4 14.44 5.32 8.25
N SER A 5 13.43 5.07 9.08
CA SER A 5 12.21 4.42 8.65
C SER A 5 11.02 5.15 9.26
N VAL A 6 10.06 5.51 8.43
CA VAL A 6 8.93 6.33 8.88
C VAL A 6 7.60 5.62 8.64
N GLN A 7 6.71 5.73 9.61
CA GLN A 7 5.40 5.11 9.51
C GLN A 7 4.45 6.02 8.75
N ILE A 8 3.64 5.44 7.88
CA ILE A 8 2.72 6.23 7.09
C ILE A 8 1.29 5.97 7.53
N PRO A 9 0.60 7.00 8.02
CA PRO A 9 -0.78 6.87 8.49
C PRO A 9 -1.76 6.57 7.35
N VAL A 10 -2.55 5.54 7.54
CA VAL A 10 -3.54 5.16 6.54
C VAL A 10 -4.87 5.82 6.82
N VAL A 11 -5.45 6.42 5.81
CA VAL A 11 -6.78 6.98 5.91
C VAL A 11 -7.80 5.89 5.60
N GLU A 12 -8.96 5.93 6.21
CA GLU A 12 -10.04 5.08 5.76
C GLU A 12 -11.18 5.93 5.23
N VAL A 13 -11.16 6.14 3.93
CA VAL A 13 -12.14 6.99 3.27
C VAL A 13 -13.08 6.20 2.39
N ASP A 14 -13.99 6.89 1.73
CA ASP A 14 -14.97 6.27 0.85
C ASP A 14 -14.36 6.11 -0.52
N GLU A 15 -13.50 7.06 -0.88
CA GLU A 15 -12.78 7.04 -2.14
C GLU A 15 -11.72 8.14 -2.14
N LEU A 16 -10.87 8.15 -3.15
CA LEU A 16 -9.80 9.13 -3.24
C LEU A 16 -10.36 10.47 -3.69
N PRO A 17 -9.81 11.58 -3.17
CA PRO A 17 -10.23 12.92 -3.55
C PRO A 17 -9.84 13.25 -4.99
N GLU A 18 -10.32 14.39 -5.48
CA GLU A 18 -10.08 14.79 -6.86
C GLU A 18 -8.59 14.86 -7.17
N GLY A 19 -8.22 14.30 -8.31
CA GLY A 19 -6.83 14.29 -8.71
C GLY A 19 -6.22 12.91 -8.65
N TYR A 20 -6.93 11.97 -8.03
CA TYR A 20 -6.44 10.60 -7.90
C TYR A 20 -7.05 9.70 -8.96
N ASP A 21 -6.38 8.58 -9.21
CA ASP A 21 -6.82 7.64 -10.24
C ASP A 21 -7.25 6.31 -9.61
N ARG A 22 -8.54 6.18 -9.36
CA ARG A 22 -9.09 4.95 -8.81
C ARG A 22 -9.43 3.97 -9.93
N SER A 23 -9.31 2.67 -9.64
CA SER A 23 -9.58 1.62 -10.60
C SER A 23 -8.75 1.80 -11.88
N PRO B 1 -0.84 -29.39 14.86
CA PRO B 1 -0.68 -29.33 13.40
C PRO B 1 -1.04 -27.95 12.87
N HIS B 2 -0.31 -27.50 11.86
CA HIS B 2 -0.56 -26.20 11.26
C HIS B 2 -0.40 -26.29 9.75
N GLU B 3 -1.46 -26.70 9.08
CA GLU B 3 -1.45 -26.78 7.63
C GLU B 3 -1.83 -25.42 7.03
N GLN B 4 -2.33 -25.42 5.80
CA GLN B 4 -2.84 -24.20 5.19
C GLN B 4 -3.98 -23.64 6.02
N GLN B 5 -4.04 -22.33 6.12
CA GLN B 5 -5.05 -21.67 6.93
C GLN B 5 -6.17 -21.15 6.04
N GLU B 6 -7.34 -20.96 6.65
CA GLU B 6 -8.52 -20.52 5.93
C GLU B 6 -8.77 -19.04 6.16
N ASP B 7 -8.16 -18.51 7.22
CA ASP B 7 -8.32 -17.09 7.55
C ASP B 7 -7.21 -16.27 6.91
N VAL B 8 -6.74 -16.73 5.77
CA VAL B 8 -5.67 -16.05 5.06
C VAL B 8 -6.24 -15.04 4.08
N PRO B 9 -6.04 -13.74 4.35
CA PRO B 9 -6.44 -12.69 3.42
C PRO B 9 -5.58 -12.69 2.17
N GLU B 10 -6.21 -12.70 1.02
CA GLU B 10 -5.48 -12.71 -0.23
C GLU B 10 -5.49 -11.32 -0.84
N TYR B 11 -4.38 -10.63 -0.69
CA TYR B 11 -4.21 -9.33 -1.29
C TYR B 11 -3.69 -9.47 -2.71
N GLU B 12 -4.23 -8.66 -3.59
CA GLU B 12 -3.81 -8.66 -4.98
C GLU B 12 -3.26 -7.29 -5.32
N VAL B 13 -1.95 -7.25 -5.52
CA VAL B 13 -1.24 -6.00 -5.75
C VAL B 13 -1.01 -5.76 -7.25
N LYS B 14 -1.33 -4.55 -7.68
CA LYS B 14 -1.13 -4.13 -9.06
C LYS B 14 -0.27 -2.89 -9.08
N MET B 15 0.75 -2.86 -9.91
CA MET B 15 1.67 -1.73 -9.94
C MET B 15 1.57 -0.98 -11.27
N LYS B 16 1.69 0.34 -11.21
CA LYS B 16 1.55 1.16 -12.41
C LYS B 16 2.41 2.42 -12.30
N ARG B 17 3.12 2.74 -13.40
CA ARG B 17 3.95 3.94 -13.44
C ARG B 17 3.19 5.13 -13.99
N PHE B 18 3.23 6.23 -13.26
CA PHE B 18 2.61 7.48 -13.69
C PHE B 18 3.68 8.52 -13.93
N LYS B 19 3.52 9.29 -15.00
CA LYS B 19 4.42 10.38 -15.29
C LYS B 19 3.63 11.59 -15.76
N GLY B 20 3.54 12.58 -14.89
CA GLY B 20 2.75 13.76 -15.20
C GLY B 20 1.67 13.99 -14.16
N ALA B 21 1.65 13.15 -13.14
CA ALA B 21 0.69 13.26 -12.07
C ALA B 21 1.39 13.59 -10.76
N ALA B 22 0.63 13.90 -9.72
CA ALA B 22 1.21 14.16 -8.41
C ALA B 22 1.93 12.93 -7.88
N TYR B 23 1.55 11.78 -8.41
CA TYR B 23 2.13 10.51 -8.03
C TYR B 23 2.78 9.89 -9.25
N LYS B 24 3.92 9.26 -9.02
CA LYS B 24 4.70 8.69 -10.11
C LYS B 24 4.55 7.18 -10.12
N LEU B 25 4.05 6.66 -9.02
CA LEU B 25 3.80 5.24 -8.89
C LEU B 25 2.46 5.00 -8.21
N ARG B 26 1.64 4.16 -8.80
CA ARG B 26 0.35 3.81 -8.22
C ARG B 26 0.30 2.31 -7.96
N ILE B 27 0.05 1.94 -6.72
CA ILE B 27 -0.02 0.53 -6.34
C ILE B 27 -1.40 0.22 -5.78
N LEU B 28 -2.04 -0.79 -6.34
CA LEU B 28 -3.37 -1.19 -5.93
C LEU B 28 -3.31 -2.53 -5.20
N ILE B 29 -3.61 -2.51 -3.92
CA ILE B 29 -3.62 -3.74 -3.13
C ILE B 29 -5.00 -3.96 -2.54
N GLU B 30 -5.76 -4.86 -3.12
CA GLU B 30 -7.10 -5.12 -2.63
C GLU B 30 -7.17 -6.47 -1.95
N ASN B 31 -8.11 -6.59 -1.02
CA ASN B 31 -8.30 -7.82 -0.29
C ASN B 31 -9.40 -8.63 -0.95
N LYS B 32 -9.00 -9.71 -1.58
CA LYS B 32 -9.95 -10.58 -2.26
C LYS B 32 -9.64 -12.04 -1.95
N ALA B 33 -10.28 -12.55 -0.92
CA ALA B 33 -10.14 -13.95 -0.55
C ALA B 33 -11.51 -14.53 -0.22
N PRO B 34 -11.67 -15.86 -0.31
CA PRO B 34 -12.96 -16.52 -0.05
C PRO B 34 -13.37 -16.42 1.41
N ASN B 35 -12.39 -16.41 2.31
CA ASN B 35 -12.67 -16.39 3.74
C ASN B 35 -11.63 -15.52 4.46
N SER B 36 -11.63 -14.24 4.12
CA SER B 36 -10.58 -13.32 4.57
C SER B 36 -10.83 -12.85 5.99
N LYS B 37 -9.74 -12.53 6.68
CA LYS B 37 -9.79 -12.01 8.03
C LYS B 37 -8.81 -10.84 8.20
N PRO B 38 -9.20 -9.62 7.80
CA PRO B 38 -8.39 -8.42 7.99
C PRO B 38 -8.19 -8.11 9.47
N ASP B 39 -7.04 -7.54 9.79
CA ASP B 39 -6.70 -7.23 11.18
C ASP B 39 -6.56 -5.73 11.37
N ARG B 40 -5.47 -5.18 10.87
CA ARG B 40 -5.24 -3.75 10.91
C ARG B 40 -4.19 -3.38 9.87
N PHE B 41 -4.00 -2.10 9.64
CA PHE B 41 -3.01 -1.64 8.68
C PHE B 41 -2.04 -0.66 9.34
N SER B 42 -0.76 -1.04 9.33
CA SER B 42 0.28 -0.18 9.87
C SER B 42 1.50 -0.22 8.96
N PRO B 43 1.46 0.53 7.85
CA PRO B 43 2.55 0.59 6.89
C PRO B 43 3.65 1.55 7.32
N SER B 44 4.81 1.39 6.72
CA SER B 44 5.95 2.24 7.03
C SER B 44 7.00 2.14 5.94
N TYR B 45 7.53 3.29 5.58
CA TYR B 45 8.53 3.38 4.54
C TYR B 45 9.92 3.45 5.14
N ASN B 46 10.72 2.44 4.88
CA ASN B 46 12.10 2.42 5.33
C ASN B 46 13.04 2.90 4.23
N PHE B 47 13.68 4.04 4.48
CA PHE B 47 14.59 4.64 3.50
C PHE B 47 15.78 3.74 3.26
N ALA B 48 16.07 2.90 4.24
CA ALA B 48 17.18 1.96 4.18
C ALA B 48 17.11 1.08 2.92
N GLU B 49 15.94 0.52 2.66
CA GLU B 49 15.75 -0.35 1.52
C GLU B 49 14.83 0.28 0.50
N ASN B 50 14.44 1.53 0.80
CA ASN B 50 13.45 2.30 0.03
C ASN B 50 12.20 1.47 -0.28
N ILE B 51 11.72 0.78 0.74
CA ILE B 51 10.56 -0.09 0.59
C ILE B 51 9.46 0.29 1.55
N LEU B 52 8.22 0.30 1.05
CA LEU B 52 7.05 0.62 1.85
C LEU B 52 6.26 -0.66 2.10
N TYR B 53 6.37 -1.18 3.31
CA TYR B 53 5.64 -2.39 3.65
C TYR B 53 4.29 -2.03 4.23
N ILE B 54 3.28 -2.81 3.88
CA ILE B 54 1.91 -2.50 4.27
C ILE B 54 1.50 -3.23 5.54
N ASN B 55 1.77 -4.52 5.56
CA ASN B 55 1.27 -5.36 6.63
C ASN B 55 2.18 -6.58 6.75
N GLY B 56 1.95 -7.39 7.78
CA GLY B 56 2.71 -8.61 7.95
C GLY B 56 2.25 -9.70 7.00
N LYS B 57 1.94 -9.27 5.78
CA LYS B 57 1.47 -10.16 4.73
C LYS B 57 2.28 -9.90 3.47
N LEU B 58 2.54 -8.62 3.20
CA LEU B 58 3.22 -8.21 1.98
C LEU B 58 3.88 -6.84 2.12
N SER B 59 4.92 -6.62 1.32
CA SER B 59 5.62 -5.35 1.30
C SER B 59 5.68 -4.81 -0.12
N ILE B 60 5.62 -3.50 -0.28
CA ILE B 60 5.62 -2.88 -1.59
C ILE B 60 6.92 -2.10 -1.81
N PRO B 61 7.88 -2.69 -2.54
CA PRO B 61 9.14 -2.04 -2.87
C PRO B 61 8.95 -0.92 -3.90
N LEU B 62 9.71 0.15 -3.73
CA LEU B 62 9.63 1.27 -4.65
C LEU B 62 10.86 1.29 -5.54
N PRO B 63 10.69 1.66 -6.82
CA PRO B 63 11.80 1.78 -7.74
C PRO B 63 12.77 2.88 -7.31
N ARG B 64 14.06 2.61 -7.44
CA ARG B 64 15.09 3.52 -6.96
C ARG B 64 15.21 4.75 -7.86
N ASP B 65 14.45 4.76 -8.94
CA ASP B 65 14.45 5.89 -9.86
C ASP B 65 13.58 7.00 -9.30
N ILE B 66 12.70 6.62 -8.38
CA ILE B 66 11.75 7.55 -7.80
C ILE B 66 12.18 7.95 -6.41
N VAL B 67 12.17 9.24 -6.16
CA VAL B 67 12.48 9.76 -4.84
C VAL B 67 11.22 9.72 -3.99
N VAL B 68 11.20 8.85 -3.01
CA VAL B 68 10.00 8.62 -2.23
C VAL B 68 10.24 8.90 -0.76
N ASN B 69 9.31 9.66 -0.18
CA ASN B 69 9.35 10.02 1.22
C ASN B 69 7.94 9.98 1.78
N ALA B 70 7.83 9.97 3.10
CA ALA B 70 6.53 9.86 3.77
C ALA B 70 5.62 11.03 3.42
N ALA B 71 6.22 12.12 2.98
CA ALA B 71 5.47 13.31 2.62
C ALA B 71 4.90 13.20 1.21
N ASP B 72 5.42 12.24 0.45
CA ASP B 72 5.02 12.06 -0.94
C ASP B 72 4.15 10.81 -1.06
N ILE B 73 4.30 9.93 -0.08
CA ILE B 73 3.54 8.70 0.00
C ILE B 73 2.10 8.96 0.45
N LYS B 74 1.16 8.62 -0.41
CA LYS B 74 -0.26 8.79 -0.12
C LYS B 74 -0.93 7.43 0.01
N ILE B 75 -1.27 7.04 1.25
CA ILE B 75 -1.89 5.75 1.51
C ILE B 75 -3.35 5.92 1.93
N PHE B 76 -4.25 5.31 1.17
CA PHE B 76 -5.67 5.42 1.42
C PHE B 76 -6.31 4.04 1.43
N HIS B 77 -6.99 3.72 2.51
CA HIS B 77 -7.69 2.46 2.60
C HIS B 77 -9.19 2.67 2.49
N ILE B 78 -9.77 2.10 1.44
CA ILE B 78 -11.22 2.09 1.29
C ILE B 78 -11.75 0.74 1.74
N ARG B 79 -12.36 0.70 2.91
CA ARG B 79 -12.79 -0.56 3.51
C ARG B 79 -14.09 -1.06 2.87
N LYS B 80 -14.84 -0.14 2.27
CA LYS B 80 -16.06 -0.51 1.56
C LYS B 80 -15.72 -1.31 0.30
N GLU B 81 -14.71 -0.85 -0.43
CA GLU B 81 -14.25 -1.54 -1.62
C GLU B 81 -13.20 -2.59 -1.26
N ARG B 82 -12.81 -2.55 0.02
CA ARG B 82 -11.81 -3.46 0.58
C ARG B 82 -10.50 -3.34 -0.20
N THR B 83 -10.19 -2.12 -0.62
CA THR B 83 -9.05 -1.88 -1.47
C THR B 83 -8.12 -0.84 -0.85
N LEU B 84 -6.83 -1.09 -0.93
CA LEU B 84 -5.84 -0.16 -0.41
C LEU B 84 -5.10 0.48 -1.56
N TYR B 85 -5.14 1.81 -1.61
CA TYR B 85 -4.52 2.56 -2.71
C TYR B 85 -3.24 3.23 -2.26
N ILE B 86 -2.18 3.02 -3.03
CA ILE B 86 -0.90 3.64 -2.77
C ILE B 86 -0.51 4.57 -3.91
N TYR B 87 -0.36 5.84 -3.61
CA TYR B 87 0.08 6.81 -4.61
C TYR B 87 1.35 7.48 -4.15
N ILE B 88 2.40 7.39 -4.95
CA ILE B 88 3.66 8.00 -4.63
C ILE B 88 4.16 8.83 -5.80
N GLY A 1 19.30 7.92 4.58
CA GLY A 1 19.47 7.22 5.88
C GLY A 1 19.44 5.71 5.72
N PRO A 2 20.60 5.04 5.86
CA PRO A 2 20.72 3.58 5.68
C PRO A 2 20.04 2.79 6.78
N HIS A 3 19.65 3.47 7.85
CA HIS A 3 18.94 2.83 8.95
C HIS A 3 17.75 3.68 9.39
N MET A 4 17.18 4.42 8.46
CA MET A 4 16.06 5.30 8.76
C MET A 4 14.77 4.77 8.17
N SER A 5 13.72 4.75 8.98
CA SER A 5 12.42 4.28 8.54
C SER A 5 11.31 5.08 9.21
N VAL A 6 10.30 5.44 8.44
CA VAL A 6 9.18 6.23 8.95
C VAL A 6 7.87 5.50 8.73
N GLN A 7 6.92 5.75 9.62
CA GLN A 7 5.60 5.14 9.52
C GLN A 7 4.68 6.06 8.73
N ILE A 8 3.85 5.47 7.87
CA ILE A 8 2.93 6.26 7.06
C ILE A 8 1.50 6.02 7.53
N PRO A 9 0.80 7.08 7.98
CA PRO A 9 -0.59 6.98 8.39
C PRO A 9 -1.52 6.70 7.23
N VAL A 10 -2.34 5.67 7.37
CA VAL A 10 -3.29 5.29 6.33
C VAL A 10 -4.70 5.71 6.71
N VAL A 11 -5.41 6.28 5.75
CA VAL A 11 -6.77 6.69 5.94
C VAL A 11 -7.71 5.53 5.65
N GLU A 12 -8.85 5.49 6.31
CA GLU A 12 -9.89 4.57 5.91
C GLU A 12 -11.11 5.34 5.45
N VAL A 13 -11.19 5.55 4.14
CA VAL A 13 -12.27 6.31 3.55
C VAL A 13 -13.15 5.45 2.64
N ASP A 14 -14.04 6.09 1.91
CA ASP A 14 -14.96 5.40 1.03
C ASP A 14 -14.49 5.55 -0.42
N GLU A 15 -13.72 6.60 -0.67
CA GLU A 15 -13.15 6.85 -1.98
C GLU A 15 -12.12 7.97 -1.91
N LEU A 16 -11.25 8.06 -2.92
CA LEU A 16 -10.24 9.11 -2.97
C LEU A 16 -10.85 10.41 -3.49
N PRO A 17 -10.32 11.55 -3.05
CA PRO A 17 -10.75 12.86 -3.53
C PRO A 17 -10.27 13.15 -4.95
N GLU A 18 -10.71 14.27 -5.52
CA GLU A 18 -10.36 14.63 -6.88
C GLU A 18 -8.85 14.76 -7.01
N GLY A 19 -8.33 14.41 -8.17
CA GLY A 19 -6.91 14.45 -8.41
C GLY A 19 -6.30 13.07 -8.33
N TYR A 20 -7.04 12.14 -7.75
CA TYR A 20 -6.59 10.77 -7.64
C TYR A 20 -7.17 9.91 -8.75
N ASP A 21 -6.46 8.85 -9.09
CA ASP A 21 -6.89 7.95 -10.15
C ASP A 21 -7.32 6.61 -9.56
N ARG A 22 -8.62 6.43 -9.44
CA ARG A 22 -9.18 5.21 -8.89
C ARG A 22 -9.67 4.31 -10.02
N SER A 23 -9.52 3.01 -9.84
CA SER A 23 -9.87 2.05 -10.87
C SER A 23 -10.75 0.94 -10.30
N PRO B 1 1.30 -25.67 10.54
CA PRO B 1 1.51 -25.36 11.97
C PRO B 1 0.41 -25.97 12.82
N HIS B 2 0.25 -27.29 12.70
CA HIS B 2 -0.78 -28.05 13.42
C HIS B 2 -2.18 -27.73 12.89
N GLU B 3 -2.58 -26.46 12.98
CA GLU B 3 -3.85 -26.04 12.45
C GLU B 3 -3.65 -25.37 11.10
N GLN B 4 -4.49 -25.75 10.14
CA GLN B 4 -4.42 -25.17 8.81
C GLN B 4 -5.26 -23.90 8.75
N GLN B 5 -4.95 -23.02 7.82
CA GLN B 5 -5.66 -21.77 7.71
C GLN B 5 -6.19 -21.55 6.30
N GLU B 6 -7.21 -20.73 6.22
CA GLU B 6 -7.84 -20.39 4.96
C GLU B 6 -8.51 -19.02 5.06
N ASP B 7 -8.57 -18.52 6.29
CA ASP B 7 -9.10 -17.18 6.57
C ASP B 7 -8.04 -16.14 6.23
N VAL B 8 -6.89 -16.65 5.83
CA VAL B 8 -5.77 -15.84 5.42
C VAL B 8 -6.19 -14.90 4.30
N PRO B 9 -6.06 -13.60 4.53
CA PRO B 9 -6.45 -12.59 3.55
C PRO B 9 -5.57 -12.64 2.31
N GLU B 10 -6.21 -12.70 1.15
CA GLU B 10 -5.49 -12.74 -0.10
C GLU B 10 -5.58 -11.38 -0.78
N TYR B 11 -4.51 -10.63 -0.66
CA TYR B 11 -4.42 -9.33 -1.29
C TYR B 11 -3.95 -9.45 -2.73
N GLU B 12 -4.28 -8.44 -3.51
CA GLU B 12 -3.92 -8.41 -4.91
C GLU B 12 -3.18 -7.11 -5.22
N VAL B 13 -1.90 -7.22 -5.52
CA VAL B 13 -1.06 -6.07 -5.80
C VAL B 13 -1.01 -5.75 -7.29
N LYS B 14 -1.28 -4.50 -7.63
CA LYS B 14 -1.19 -4.04 -9.01
C LYS B 14 -0.35 -2.77 -9.08
N MET B 15 0.74 -2.82 -9.82
CA MET B 15 1.66 -1.70 -9.89
C MET B 15 1.50 -0.96 -11.21
N LYS B 16 1.57 0.37 -11.17
CA LYS B 16 1.32 1.17 -12.37
C LYS B 16 2.14 2.45 -12.33
N ARG B 17 2.71 2.82 -13.48
CA ARG B 17 3.56 4.00 -13.57
C ARG B 17 2.79 5.19 -14.12
N PHE B 18 2.99 6.35 -13.50
CA PHE B 18 2.38 7.58 -13.96
C PHE B 18 3.45 8.56 -14.42
N LYS B 19 3.15 9.31 -15.46
CA LYS B 19 4.10 10.26 -16.02
C LYS B 19 3.46 11.63 -16.13
N GLY B 20 3.80 12.52 -15.21
CA GLY B 20 3.28 13.87 -15.24
C GLY B 20 2.10 14.07 -14.32
N ALA B 21 2.08 13.34 -13.22
CA ALA B 21 1.01 13.45 -12.24
C ALA B 21 1.59 13.71 -10.85
N ALA B 22 0.71 13.99 -9.90
CA ALA B 22 1.14 14.20 -8.51
C ALA B 22 1.88 12.97 -7.99
N TYR B 23 1.54 11.83 -8.55
CA TYR B 23 2.14 10.58 -8.17
C TYR B 23 2.81 9.97 -9.37
N LYS B 24 3.93 9.32 -9.13
CA LYS B 24 4.73 8.76 -10.20
C LYS B 24 4.49 7.26 -10.28
N LEU B 25 4.02 6.72 -9.16
CA LEU B 25 3.76 5.30 -9.06
C LEU B 25 2.47 5.07 -8.30
N ARG B 26 1.62 4.20 -8.83
CA ARG B 26 0.39 3.82 -8.16
C ARG B 26 0.40 2.32 -7.90
N ILE B 27 0.12 1.94 -6.67
CA ILE B 27 0.08 0.53 -6.31
C ILE B 27 -1.27 0.22 -5.68
N LEU B 28 -1.94 -0.79 -6.20
CA LEU B 28 -3.25 -1.16 -5.72
C LEU B 28 -3.18 -2.49 -4.99
N ILE B 29 -3.58 -2.49 -3.74
CA ILE B 29 -3.61 -3.72 -2.96
C ILE B 29 -4.98 -3.93 -2.36
N GLU B 30 -5.76 -4.81 -2.95
CA GLU B 30 -7.10 -5.08 -2.46
C GLU B 30 -7.19 -6.48 -1.89
N ASN B 31 -8.12 -6.66 -0.97
CA ASN B 31 -8.27 -7.93 -0.27
C ASN B 31 -9.38 -8.74 -0.89
N LYS B 32 -9.01 -9.83 -1.52
CA LYS B 32 -9.97 -10.72 -2.15
C LYS B 32 -9.66 -12.18 -1.82
N ALA B 33 -10.27 -12.68 -0.76
CA ALA B 33 -10.13 -14.07 -0.37
C ALA B 33 -11.50 -14.68 -0.09
N PRO B 34 -11.60 -16.03 -0.07
CA PRO B 34 -12.88 -16.72 0.19
C PRO B 34 -13.53 -16.24 1.49
N ASN B 35 -12.72 -16.13 2.51
CA ASN B 35 -13.16 -15.68 3.81
C ASN B 35 -12.06 -14.90 4.52
N SER B 36 -11.85 -13.69 4.03
CA SER B 36 -10.76 -12.85 4.50
C SER B 36 -10.96 -12.41 5.94
N LYS B 37 -9.93 -12.63 6.76
CA LYS B 37 -9.92 -12.16 8.13
C LYS B 37 -8.60 -11.47 8.46
N PRO B 38 -8.39 -10.26 7.94
CA PRO B 38 -7.15 -9.50 8.15
C PRO B 38 -7.00 -8.99 9.58
N ASP B 39 -5.77 -8.62 9.93
CA ASP B 39 -5.49 -8.07 11.25
C ASP B 39 -5.72 -6.57 11.25
N ARG B 40 -4.79 -5.84 10.66
CA ARG B 40 -4.88 -4.38 10.59
C ARG B 40 -3.99 -3.86 9.49
N PHE B 41 -3.91 -2.53 9.38
CA PHE B 41 -3.07 -1.89 8.39
C PHE B 41 -2.15 -0.86 9.05
N SER B 42 -0.87 -1.12 9.02
CA SER B 42 0.10 -0.17 9.54
C SER B 42 1.31 -0.11 8.59
N PRO B 43 1.16 0.63 7.49
CA PRO B 43 2.22 0.77 6.49
C PRO B 43 3.31 1.73 6.93
N SER B 44 4.52 1.48 6.46
CA SER B 44 5.65 2.32 6.82
C SER B 44 6.70 2.27 5.71
N TYR B 45 7.35 3.41 5.49
CA TYR B 45 8.37 3.51 4.46
C TYR B 45 9.75 3.52 5.10
N ASN B 46 10.51 2.48 4.85
CA ASN B 46 11.86 2.41 5.35
C ASN B 46 12.84 2.87 4.28
N PHE B 47 13.43 4.06 4.51
CA PHE B 47 14.39 4.66 3.58
C PHE B 47 15.58 3.74 3.40
N ALA B 48 15.85 2.97 4.44
CA ALA B 48 16.96 2.03 4.44
C ALA B 48 16.92 1.12 3.22
N GLU B 49 15.73 0.61 2.91
CA GLU B 49 15.57 -0.29 1.79
C GLU B 49 14.71 0.35 0.70
N ASN B 50 14.33 1.61 0.92
CA ASN B 50 13.41 2.37 0.05
C ASN B 50 12.17 1.55 -0.29
N ILE B 51 11.63 0.89 0.73
CA ILE B 51 10.47 0.02 0.56
C ILE B 51 9.31 0.48 1.44
N LEU B 52 8.11 0.46 0.88
CA LEU B 52 6.90 0.78 1.60
C LEU B 52 6.20 -0.52 1.99
N TYR B 53 6.35 -0.91 3.25
CA TYR B 53 5.75 -2.15 3.70
C TYR B 53 4.34 -1.87 4.21
N ILE B 54 3.43 -2.78 3.90
CA ILE B 54 2.03 -2.61 4.30
C ILE B 54 1.78 -3.30 5.64
N ASN B 55 2.15 -4.56 5.72
CA ASN B 55 1.98 -5.34 6.94
C ASN B 55 2.86 -6.59 6.89
N GLY B 56 2.61 -7.53 7.77
CA GLY B 56 3.38 -8.77 7.76
C GLY B 56 2.94 -9.73 6.67
N LYS B 57 1.95 -9.32 5.88
CA LYS B 57 1.43 -10.16 4.82
C LYS B 57 2.16 -9.86 3.53
N LEU B 58 2.38 -8.58 3.28
CA LEU B 58 3.05 -8.14 2.06
C LEU B 58 3.65 -6.75 2.21
N SER B 59 4.68 -6.50 1.44
CA SER B 59 5.35 -5.22 1.42
C SER B 59 5.57 -4.78 -0.02
N ILE B 60 5.58 -3.47 -0.25
CA ILE B 60 5.67 -2.94 -1.61
C ILE B 60 6.98 -2.17 -1.80
N PRO B 61 7.93 -2.77 -2.54
CA PRO B 61 9.22 -2.13 -2.82
C PRO B 61 9.14 -1.11 -3.94
N LEU B 62 9.78 0.03 -3.73
CA LEU B 62 9.79 1.09 -4.73
C LEU B 62 11.08 1.06 -5.51
N PRO B 63 11.03 1.42 -6.81
CA PRO B 63 12.22 1.50 -7.64
C PRO B 63 13.20 2.55 -7.14
N ARG B 64 14.48 2.24 -7.23
CA ARG B 64 15.52 3.09 -6.68
C ARG B 64 15.73 4.35 -7.52
N ASP B 65 15.07 4.41 -8.68
CA ASP B 65 15.21 5.54 -9.56
C ASP B 65 14.20 6.63 -9.22
N ILE B 66 13.33 6.34 -8.27
CA ILE B 66 12.32 7.30 -7.84
C ILE B 66 12.60 7.75 -6.41
N VAL B 67 12.49 9.04 -6.17
CA VAL B 67 12.70 9.60 -4.84
C VAL B 67 11.38 9.57 -4.06
N VAL B 68 11.37 8.80 -2.98
CA VAL B 68 10.15 8.59 -2.21
C VAL B 68 10.34 9.02 -0.75
N ASN B 69 9.36 9.76 -0.27
CA ASN B 69 9.35 10.22 1.11
C ASN B 69 7.93 10.15 1.66
N ALA B 70 7.83 10.12 3.00
CA ALA B 70 6.55 9.96 3.68
C ALA B 70 5.61 11.13 3.42
N ALA B 71 6.17 12.23 2.93
CA ALA B 71 5.38 13.41 2.61
C ALA B 71 4.79 13.31 1.21
N ASP B 72 5.29 12.36 0.43
CA ASP B 72 4.86 12.19 -0.95
C ASP B 72 4.03 10.91 -1.08
N ILE B 73 4.24 10.01 -0.13
CA ILE B 73 3.49 8.76 -0.05
C ILE B 73 2.07 9.03 0.40
N LYS B 74 1.13 8.71 -0.46
CA LYS B 74 -0.29 8.90 -0.16
C LYS B 74 -0.98 7.55 -0.02
N ILE B 75 -1.27 7.16 1.20
CA ILE B 75 -1.88 5.86 1.47
C ILE B 75 -3.34 6.00 1.91
N PHE B 76 -4.23 5.44 1.10
CA PHE B 76 -5.65 5.51 1.38
C PHE B 76 -6.27 4.12 1.35
N HIS B 77 -6.88 3.73 2.44
CA HIS B 77 -7.56 2.44 2.50
C HIS B 77 -9.06 2.65 2.43
N ILE B 78 -9.69 2.02 1.45
CA ILE B 78 -11.13 2.06 1.35
C ILE B 78 -11.73 0.77 1.93
N ARG B 79 -12.55 0.94 2.94
CA ARG B 79 -13.14 -0.18 3.66
C ARG B 79 -14.26 -0.84 2.85
N LYS B 80 -15.02 -0.04 2.12
CA LYS B 80 -16.13 -0.57 1.32
C LYS B 80 -15.59 -1.32 0.11
N GLU B 81 -14.56 -0.76 -0.51
CA GLU B 81 -13.96 -1.35 -1.69
C GLU B 81 -12.99 -2.46 -1.30
N ARG B 82 -12.70 -2.54 0.00
CA ARG B 82 -11.76 -3.52 0.55
C ARG B 82 -10.39 -3.35 -0.10
N THR B 83 -10.08 -2.13 -0.50
CA THR B 83 -8.92 -1.87 -1.34
C THR B 83 -8.02 -0.81 -0.75
N LEU B 84 -6.73 -1.02 -0.84
CA LEU B 84 -5.74 -0.07 -0.37
C LEU B 84 -5.05 0.59 -1.57
N TYR B 85 -5.16 1.91 -1.65
CA TYR B 85 -4.58 2.67 -2.74
C TYR B 85 -3.28 3.33 -2.30
N ILE B 86 -2.21 3.07 -3.05
CA ILE B 86 -0.92 3.68 -2.78
C ILE B 86 -0.55 4.61 -3.93
N TYR B 87 -0.41 5.90 -3.64
CA TYR B 87 0.02 6.87 -4.63
C TYR B 87 1.34 7.49 -4.19
N ILE B 88 2.34 7.40 -5.03
CA ILE B 88 3.64 7.99 -4.74
C ILE B 88 4.13 8.78 -5.93
N GLY A 1 22.66 9.45 3.61
CA GLY A 1 22.53 8.00 3.39
C GLY A 1 21.24 7.45 3.97
N PRO A 2 20.41 6.79 3.16
CA PRO A 2 19.14 6.24 3.61
C PRO A 2 19.31 5.02 4.52
N HIS A 3 19.09 5.21 5.81
CA HIS A 3 19.19 4.13 6.78
C HIS A 3 18.13 4.29 7.88
N MET A 4 17.08 5.04 7.56
CA MET A 4 16.03 5.32 8.53
C MET A 4 14.68 4.88 8.00
N SER A 5 13.72 4.75 8.89
CA SER A 5 12.38 4.31 8.53
C SER A 5 11.32 5.22 9.16
N VAL A 6 10.24 5.46 8.44
CA VAL A 6 9.15 6.29 8.94
C VAL A 6 7.82 5.58 8.76
N GLN A 7 6.94 5.74 9.73
CA GLN A 7 5.64 5.08 9.68
C GLN A 7 4.64 5.93 8.90
N ILE A 8 3.85 5.30 8.07
CA ILE A 8 2.85 6.01 7.29
C ILE A 8 1.45 5.66 7.79
N PRO A 9 0.69 6.66 8.24
CA PRO A 9 -0.69 6.45 8.68
C PRO A 9 -1.65 6.29 7.51
N VAL A 10 -2.54 5.31 7.59
CA VAL A 10 -3.53 5.09 6.54
C VAL A 10 -4.74 5.97 6.75
N VAL A 11 -5.17 6.62 5.68
CA VAL A 11 -6.41 7.38 5.71
C VAL A 11 -7.54 6.52 5.17
N GLU A 12 -8.48 6.14 6.04
CA GLU A 12 -9.59 5.32 5.62
C GLU A 12 -10.77 6.19 5.20
N VAL A 13 -11.03 6.18 3.92
CA VAL A 13 -12.06 7.03 3.33
C VAL A 13 -13.00 6.24 2.43
N ASP A 14 -13.91 6.94 1.79
CA ASP A 14 -14.88 6.32 0.90
C ASP A 14 -14.25 6.15 -0.48
N GLU A 15 -13.34 7.06 -0.79
CA GLU A 15 -12.60 7.03 -2.04
C GLU A 15 -11.52 8.10 -2.00
N LEU A 16 -10.77 8.23 -3.08
CA LEU A 16 -9.73 9.22 -3.17
C LEU A 16 -10.32 10.59 -3.44
N PRO A 17 -9.65 11.65 -2.97
CA PRO A 17 -10.05 13.02 -3.25
C PRO A 17 -9.93 13.35 -4.73
N GLU A 18 -10.40 14.52 -5.12
CA GLU A 18 -10.38 14.93 -6.51
C GLU A 18 -8.95 15.16 -6.97
N GLY A 19 -8.66 14.74 -8.19
CA GLY A 19 -7.32 14.86 -8.71
C GLY A 19 -6.59 13.52 -8.70
N TYR A 20 -7.12 12.57 -7.97
CA TYR A 20 -6.57 11.23 -7.94
C TYR A 20 -7.10 10.40 -9.09
N ASP A 21 -6.56 9.21 -9.27
CA ASP A 21 -6.96 8.34 -10.37
C ASP A 21 -7.36 6.97 -9.86
N ARG A 22 -8.66 6.75 -9.75
CA ARG A 22 -9.19 5.48 -9.31
C ARG A 22 -9.87 4.75 -10.46
N SER A 23 -9.79 3.43 -10.44
CA SER A 23 -10.40 2.61 -11.47
C SER A 23 -11.68 1.97 -10.93
N PRO B 1 -0.27 -26.05 11.20
CA PRO B 1 0.70 -27.11 10.83
C PRO B 1 0.83 -27.23 9.32
N HIS B 2 -0.17 -27.82 8.67
CA HIS B 2 -0.13 -27.99 7.22
C HIS B 2 -0.54 -26.70 6.52
N GLU B 3 0.42 -26.09 5.83
CA GLU B 3 0.20 -24.86 5.08
C GLU B 3 -0.05 -23.70 6.05
N GLN B 4 -0.77 -22.69 5.58
CA GLN B 4 -1.04 -21.51 6.39
C GLN B 4 -2.36 -21.66 7.13
N GLN B 5 -2.76 -20.61 7.81
CA GLN B 5 -4.04 -20.60 8.51
C GLN B 5 -5.19 -20.26 7.57
N GLU B 6 -6.34 -20.00 8.16
CA GLU B 6 -7.57 -19.75 7.42
C GLU B 6 -7.92 -18.27 7.39
N ASP B 7 -7.22 -17.49 8.20
CA ASP B 7 -7.49 -16.05 8.29
C ASP B 7 -6.73 -15.30 7.20
N VAL B 8 -5.90 -16.04 6.48
CA VAL B 8 -4.98 -15.47 5.49
C VAL B 8 -5.72 -14.75 4.37
N PRO B 9 -5.58 -13.42 4.33
CA PRO B 9 -6.15 -12.60 3.26
C PRO B 9 -5.28 -12.63 2.02
N GLU B 10 -5.90 -12.88 0.87
CA GLU B 10 -5.18 -12.89 -0.38
C GLU B 10 -5.27 -11.52 -1.01
N TYR B 11 -4.24 -10.73 -0.80
CA TYR B 11 -4.16 -9.42 -1.41
C TYR B 11 -3.61 -9.54 -2.82
N GLU B 12 -4.11 -8.71 -3.71
CA GLU B 12 -3.69 -8.71 -5.08
C GLU B 12 -3.12 -7.34 -5.43
N VAL B 13 -1.83 -7.29 -5.71
CA VAL B 13 -1.12 -6.05 -5.94
C VAL B 13 -0.99 -5.74 -7.43
N LYS B 14 -1.37 -4.52 -7.79
CA LYS B 14 -1.22 -4.05 -9.17
C LYS B 14 -0.37 -2.78 -9.16
N MET B 15 0.56 -2.68 -10.08
CA MET B 15 1.42 -1.52 -10.13
C MET B 15 1.23 -0.76 -11.44
N LYS B 16 0.97 0.53 -11.31
CA LYS B 16 0.67 1.35 -12.48
C LYS B 16 1.62 2.53 -12.51
N ARG B 17 2.42 2.62 -13.55
CA ARG B 17 3.48 3.61 -13.62
C ARG B 17 3.01 4.90 -14.25
N PHE B 18 3.24 5.99 -13.55
CA PHE B 18 2.89 7.32 -14.05
C PHE B 18 4.15 8.11 -14.39
N LYS B 19 3.96 9.22 -15.07
CA LYS B 19 5.04 10.14 -15.38
C LYS B 19 4.48 11.54 -15.55
N GLY B 20 5.05 12.48 -14.82
CA GLY B 20 4.59 13.86 -14.89
C GLY B 20 3.27 14.06 -14.16
N ALA B 21 3.07 13.32 -13.09
CA ALA B 21 1.85 13.43 -12.30
C ALA B 21 2.17 13.67 -10.84
N ALA B 22 1.16 13.95 -10.04
CA ALA B 22 1.35 14.14 -8.60
C ALA B 22 1.91 12.88 -7.96
N TYR B 23 1.68 11.75 -8.62
CA TYR B 23 2.16 10.47 -8.18
C TYR B 23 2.84 9.76 -9.35
N LYS B 24 3.91 9.06 -9.04
CA LYS B 24 4.71 8.40 -10.07
C LYS B 24 4.31 6.94 -10.17
N LEU B 25 3.68 6.44 -9.11
CA LEU B 25 3.24 5.07 -9.08
C LEU B 25 1.90 4.97 -8.36
N ARG B 26 0.98 4.21 -8.94
CA ARG B 26 -0.27 3.87 -8.29
C ARG B 26 -0.29 2.37 -8.03
N ILE B 27 -0.26 1.99 -6.76
CA ILE B 27 -0.23 0.58 -6.40
C ILE B 27 -1.57 0.20 -5.80
N LEU B 28 -2.16 -0.86 -6.33
CA LEU B 28 -3.47 -1.31 -5.92
C LEU B 28 -3.36 -2.62 -5.16
N ILE B 29 -3.76 -2.60 -3.91
CA ILE B 29 -3.74 -3.80 -3.10
C ILE B 29 -5.13 -4.07 -2.54
N GLU B 30 -5.83 -5.02 -3.13
CA GLU B 30 -7.17 -5.34 -2.69
C GLU B 30 -7.21 -6.73 -2.08
N ASN B 31 -8.17 -6.93 -1.19
CA ASN B 31 -8.32 -8.19 -0.48
C ASN B 31 -9.35 -9.06 -1.17
N LYS B 32 -8.91 -10.16 -1.75
CA LYS B 32 -9.81 -11.08 -2.40
C LYS B 32 -9.43 -12.52 -2.09
N ALA B 33 -10.00 -13.08 -1.05
CA ALA B 33 -9.83 -14.50 -0.76
C ALA B 33 -11.15 -15.13 -0.34
N PRO B 34 -11.23 -16.47 -0.40
CA PRO B 34 -12.38 -17.21 0.13
C PRO B 34 -12.57 -16.95 1.61
N ASN B 35 -11.46 -16.90 2.32
CA ASN B 35 -11.48 -16.71 3.77
C ASN B 35 -10.41 -15.71 4.18
N SER B 36 -10.82 -14.47 4.29
CA SER B 36 -9.92 -13.40 4.74
C SER B 36 -10.44 -12.75 6.00
N LYS B 37 -9.54 -12.58 6.97
CA LYS B 37 -9.90 -11.95 8.23
C LYS B 37 -8.87 -10.89 8.62
N PRO B 38 -8.87 -9.75 7.94
CA PRO B 38 -7.97 -8.64 8.23
C PRO B 38 -8.43 -7.83 9.44
N ASP B 39 -7.46 -7.31 10.18
CA ASP B 39 -7.75 -6.49 11.35
C ASP B 39 -7.55 -5.02 11.05
N ARG B 40 -6.30 -4.64 10.84
CA ARG B 40 -5.95 -3.27 10.55
C ARG B 40 -4.59 -3.21 9.86
N PHE B 41 -4.23 -2.04 9.36
CA PHE B 41 -2.96 -1.87 8.68
C PHE B 41 -2.08 -0.90 9.43
N SER B 42 -0.80 -1.17 9.35
CA SER B 42 0.19 -0.26 9.88
C SER B 42 1.40 -0.27 8.92
N PRO B 43 1.28 0.46 7.81
CA PRO B 43 2.35 0.57 6.82
C PRO B 43 3.44 1.54 7.24
N SER B 44 4.63 1.36 6.69
CA SER B 44 5.76 2.21 7.01
C SER B 44 6.79 2.14 5.90
N TYR B 45 7.45 3.25 5.65
CA TYR B 45 8.43 3.35 4.59
C TYR B 45 9.83 3.39 5.16
N ASN B 46 10.63 2.41 4.79
CA ASN B 46 12.02 2.37 5.19
C ASN B 46 12.91 2.85 4.06
N PHE B 47 13.56 3.99 4.28
CA PHE B 47 14.40 4.63 3.26
C PHE B 47 15.57 3.73 2.91
N ALA B 48 16.03 2.97 3.90
CA ALA B 48 17.18 2.08 3.73
C ALA B 48 17.00 1.16 2.54
N GLU B 49 15.85 0.51 2.46
CA GLU B 49 15.58 -0.43 1.37
C GLU B 49 14.64 0.21 0.35
N ASN B 50 14.29 1.47 0.62
CA ASN B 50 13.31 2.23 -0.18
C ASN B 50 12.05 1.41 -0.46
N ILE B 51 11.53 0.77 0.59
CA ILE B 51 10.36 -0.08 0.47
C ILE B 51 9.27 0.37 1.44
N LEU B 52 8.04 0.36 0.95
CA LEU B 52 6.87 0.69 1.75
C LEU B 52 6.12 -0.59 2.09
N TYR B 53 6.28 -1.08 3.30
CA TYR B 53 5.62 -2.31 3.70
C TYR B 53 4.24 -1.98 4.25
N ILE B 54 3.26 -2.80 3.88
CA ILE B 54 1.87 -2.56 4.27
C ILE B 54 1.53 -3.29 5.55
N ASN B 55 1.91 -4.55 5.62
CA ASN B 55 1.58 -5.39 6.75
C ASN B 55 2.69 -6.43 6.92
N GLY B 56 2.56 -7.29 7.90
CA GLY B 56 3.54 -8.34 8.08
C GLY B 56 3.36 -9.45 7.07
N LYS B 57 2.38 -9.27 6.19
CA LYS B 57 2.02 -10.28 5.21
C LYS B 57 2.60 -9.93 3.84
N LEU B 58 2.68 -8.64 3.52
CA LEU B 58 3.24 -8.21 2.25
C LEU B 58 3.80 -6.80 2.32
N SER B 59 4.78 -6.53 1.47
CA SER B 59 5.41 -5.22 1.39
C SER B 59 5.43 -4.74 -0.07
N ILE B 60 5.41 -3.43 -0.27
CA ILE B 60 5.44 -2.87 -1.61
C ILE B 60 6.75 -2.13 -1.86
N PRO B 61 7.65 -2.74 -2.65
CA PRO B 61 8.96 -2.15 -2.95
C PRO B 61 8.87 -1.10 -4.06
N LEU B 62 9.56 0.01 -3.85
CA LEU B 62 9.55 1.11 -4.81
C LEU B 62 10.84 1.12 -5.60
N PRO B 63 10.79 1.56 -6.87
CA PRO B 63 11.99 1.72 -7.69
C PRO B 63 12.88 2.82 -7.16
N ARG B 64 14.18 2.56 -7.16
CA ARG B 64 15.16 3.47 -6.60
C ARG B 64 15.31 4.72 -7.45
N ASP B 65 14.63 4.74 -8.58
CA ASP B 65 14.69 5.90 -9.47
C ASP B 65 13.72 6.98 -9.00
N ILE B 66 12.87 6.60 -8.06
CA ILE B 66 11.89 7.52 -7.52
C ILE B 66 12.27 7.95 -6.11
N VAL B 67 12.22 9.23 -5.86
CA VAL B 67 12.45 9.77 -4.53
C VAL B 67 11.16 9.68 -3.74
N VAL B 68 11.15 8.80 -2.75
CA VAL B 68 9.95 8.54 -1.99
C VAL B 68 10.13 8.96 -0.54
N ASN B 69 9.13 9.67 -0.03
CA ASN B 69 9.13 10.11 1.36
C ASN B 69 7.73 10.01 1.92
N ALA B 70 7.62 10.01 3.24
CA ALA B 70 6.36 9.83 3.94
C ALA B 70 5.37 10.94 3.63
N ALA B 71 5.88 12.05 3.12
CA ALA B 71 5.05 13.19 2.77
C ALA B 71 4.48 13.04 1.37
N ASP B 72 5.08 12.13 0.60
CA ASP B 72 4.69 11.93 -0.80
C ASP B 72 3.88 10.65 -0.92
N ILE B 73 4.06 9.78 0.05
CA ILE B 73 3.32 8.53 0.12
C ILE B 73 1.87 8.77 0.55
N LYS B 74 0.95 8.47 -0.34
CA LYS B 74 -0.47 8.64 -0.06
C LYS B 74 -1.13 7.28 0.08
N ILE B 75 -1.46 6.90 1.32
CA ILE B 75 -2.09 5.61 1.59
C ILE B 75 -3.55 5.79 1.99
N PHE B 76 -4.45 5.27 1.17
CA PHE B 76 -5.89 5.42 1.41
C PHE B 76 -6.58 4.06 1.33
N HIS B 77 -7.21 3.67 2.42
CA HIS B 77 -7.91 2.40 2.50
C HIS B 77 -9.41 2.58 2.36
N ILE B 78 -9.98 2.07 1.27
CA ILE B 78 -11.42 2.03 1.12
C ILE B 78 -11.93 0.67 1.56
N ARG B 79 -12.47 0.62 2.77
CA ARG B 79 -12.88 -0.65 3.37
C ARG B 79 -14.21 -1.12 2.81
N LYS B 80 -14.94 -0.23 2.15
CA LYS B 80 -16.19 -0.60 1.50
C LYS B 80 -15.90 -1.51 0.32
N GLU B 81 -14.87 -1.18 -0.43
CA GLU B 81 -14.48 -1.95 -1.61
C GLU B 81 -13.41 -2.96 -1.24
N ARG B 82 -12.96 -2.90 0.02
CA ARG B 82 -11.90 -3.76 0.53
C ARG B 82 -10.61 -3.55 -0.27
N THR B 83 -10.38 -2.31 -0.69
CA THR B 83 -9.27 -2.02 -1.57
C THR B 83 -8.38 -0.94 -0.98
N LEU B 84 -7.07 -1.16 -1.02
CA LEU B 84 -6.11 -0.18 -0.53
C LEU B 84 -5.37 0.46 -1.69
N TYR B 85 -5.53 1.77 -1.83
CA TYR B 85 -4.88 2.52 -2.89
C TYR B 85 -3.61 3.20 -2.38
N ILE B 86 -2.53 2.99 -3.11
CA ILE B 86 -1.26 3.62 -2.80
C ILE B 86 -0.86 4.56 -3.94
N TYR B 87 -0.64 5.83 -3.62
CA TYR B 87 -0.15 6.78 -4.61
C TYR B 87 1.16 7.37 -4.14
N ILE B 88 2.17 7.32 -4.99
CA ILE B 88 3.48 7.87 -4.65
C ILE B 88 4.02 8.64 -5.83
N GLY A 1 17.64 1.97 12.60
CA GLY A 1 17.91 0.88 11.65
C GLY A 1 19.13 1.17 10.78
N PRO A 2 19.30 0.43 9.67
CA PRO A 2 20.45 0.61 8.77
C PRO A 2 20.53 2.01 8.18
N HIS A 3 19.40 2.71 8.09
CA HIS A 3 19.38 4.05 7.53
C HIS A 3 18.32 4.90 8.21
N MET A 4 17.06 4.60 7.92
CA MET A 4 15.94 5.37 8.44
C MET A 4 14.63 4.68 8.06
N SER A 5 13.60 4.84 8.88
CA SER A 5 12.32 4.23 8.62
C SER A 5 11.19 5.05 9.27
N VAL A 6 10.16 5.31 8.49
CA VAL A 6 9.02 6.08 8.97
C VAL A 6 7.72 5.34 8.74
N GLN A 7 6.79 5.49 9.66
CA GLN A 7 5.49 4.84 9.53
C GLN A 7 4.56 5.70 8.69
N ILE A 8 3.80 5.08 7.81
CA ILE A 8 2.87 5.81 6.98
C ILE A 8 1.43 5.56 7.44
N PRO A 9 0.73 6.62 7.86
CA PRO A 9 -0.65 6.50 8.33
C PRO A 9 -1.64 6.22 7.20
N VAL A 10 -2.55 5.27 7.44
CA VAL A 10 -3.58 4.95 6.45
C VAL A 10 -4.84 5.75 6.72
N VAL A 11 -5.29 6.48 5.71
CA VAL A 11 -6.55 7.19 5.81
C VAL A 11 -7.66 6.32 5.26
N GLU A 12 -8.63 5.99 6.10
CA GLU A 12 -9.74 5.17 5.68
C GLU A 12 -10.90 6.04 5.25
N VAL A 13 -11.16 6.02 3.96
CA VAL A 13 -12.21 6.83 3.37
C VAL A 13 -13.16 5.99 2.53
N ASP A 14 -14.11 6.63 1.86
CA ASP A 14 -15.04 5.94 1.00
C ASP A 14 -14.39 5.80 -0.37
N GLU A 15 -13.55 6.77 -0.68
CA GLU A 15 -12.74 6.77 -1.88
C GLU A 15 -11.84 8.00 -1.93
N LEU A 16 -10.98 8.07 -2.92
CA LEU A 16 -9.99 9.13 -3.00
C LEU A 16 -10.64 10.46 -3.35
N PRO A 17 -10.00 11.56 -2.94
CA PRO A 17 -10.45 12.90 -3.32
C PRO A 17 -10.10 13.21 -4.77
N GLU A 18 -10.59 14.34 -5.26
CA GLU A 18 -10.33 14.75 -6.63
C GLU A 18 -8.83 14.92 -6.87
N GLY A 19 -8.38 14.47 -8.02
CA GLY A 19 -6.97 14.49 -8.33
C GLY A 19 -6.36 13.10 -8.28
N TYR A 20 -7.13 12.15 -7.76
CA TYR A 20 -6.66 10.76 -7.66
C TYR A 20 -7.29 9.88 -8.72
N ASP A 21 -6.57 8.82 -9.09
CA ASP A 21 -7.01 7.93 -10.15
C ASP A 21 -7.34 6.56 -9.58
N ARG A 22 -8.62 6.27 -9.46
CA ARG A 22 -9.08 5.03 -8.85
C ARG A 22 -9.59 4.06 -9.90
N SER A 23 -9.43 2.77 -9.63
CA SER A 23 -9.97 1.74 -10.50
C SER A 23 -11.32 1.26 -9.99
N PRO B 1 -2.67 -21.66 18.26
CA PRO B 1 -1.20 -21.74 18.33
C PRO B 1 -0.59 -21.95 16.94
N HIS B 2 -0.67 -23.18 16.43
CA HIS B 2 -0.13 -23.48 15.11
C HIS B 2 -1.07 -24.41 14.35
N GLU B 3 -2.35 -24.08 14.37
CA GLU B 3 -3.36 -24.84 13.65
C GLU B 3 -3.48 -24.32 12.23
N GLN B 4 -4.56 -24.68 11.56
CA GLN B 4 -4.83 -24.16 10.23
C GLN B 4 -5.58 -22.85 10.33
N GLN B 5 -5.26 -21.92 9.45
CA GLN B 5 -5.87 -20.61 9.47
C GLN B 5 -6.84 -20.46 8.30
N GLU B 6 -7.69 -19.46 8.39
CA GLU B 6 -8.71 -19.23 7.37
C GLU B 6 -9.02 -17.74 7.24
N ASP B 7 -8.69 -16.98 8.28
CA ASP B 7 -9.01 -15.54 8.31
C ASP B 7 -7.97 -14.74 7.55
N VAL B 8 -6.90 -15.42 7.13
CA VAL B 8 -5.79 -14.80 6.42
C VAL B 8 -6.26 -14.07 5.18
N PRO B 9 -6.00 -12.76 5.13
CA PRO B 9 -6.34 -11.94 3.98
C PRO B 9 -5.44 -12.23 2.77
N GLU B 10 -6.07 -12.47 1.62
CA GLU B 10 -5.35 -12.71 0.39
C GLU B 10 -5.37 -11.46 -0.45
N TYR B 11 -4.27 -10.73 -0.42
CA TYR B 11 -4.15 -9.49 -1.17
C TYR B 11 -3.65 -9.73 -2.59
N GLU B 12 -3.96 -8.79 -3.47
CA GLU B 12 -3.51 -8.82 -4.84
C GLU B 12 -2.90 -7.46 -5.19
N VAL B 13 -1.62 -7.46 -5.51
CA VAL B 13 -0.87 -6.23 -5.75
C VAL B 13 -0.81 -5.89 -7.25
N LYS B 14 -0.97 -4.61 -7.56
CA LYS B 14 -0.83 -4.11 -8.92
C LYS B 14 0.05 -2.88 -8.88
N MET B 15 0.76 -2.61 -9.97
CA MET B 15 1.65 -1.46 -10.02
C MET B 15 1.44 -0.68 -11.31
N LYS B 16 1.51 0.64 -11.22
CA LYS B 16 1.23 1.48 -12.39
C LYS B 16 2.13 2.72 -12.39
N ARG B 17 2.68 3.03 -13.54
CA ARG B 17 3.56 4.19 -13.69
C ARG B 17 2.81 5.38 -14.26
N PHE B 18 2.94 6.51 -13.59
CA PHE B 18 2.31 7.74 -14.05
C PHE B 18 3.36 8.71 -14.59
N LYS B 19 2.97 9.47 -15.59
CA LYS B 19 3.86 10.45 -16.20
C LYS B 19 3.18 11.80 -16.26
N GLY B 20 3.52 12.67 -15.32
CA GLY B 20 2.92 13.99 -15.28
C GLY B 20 1.71 14.03 -14.37
N ALA B 21 1.83 13.44 -13.19
CA ALA B 21 0.76 13.45 -12.22
C ALA B 21 1.31 13.81 -10.84
N ALA B 22 0.41 14.04 -9.89
CA ALA B 22 0.79 14.36 -8.52
C ALA B 22 1.50 13.17 -7.87
N TYR B 23 1.33 12.01 -8.49
CA TYR B 23 1.97 10.78 -8.05
C TYR B 23 2.63 10.14 -9.26
N LYS B 24 3.81 9.59 -9.04
CA LYS B 24 4.60 9.03 -10.12
C LYS B 24 4.36 7.54 -10.22
N LEU B 25 3.95 6.96 -9.11
CA LEU B 25 3.72 5.53 -9.04
C LEU B 25 2.44 5.23 -8.28
N ARG B 26 1.66 4.30 -8.80
CA ARG B 26 0.45 3.86 -8.14
C ARG B 26 0.54 2.36 -7.85
N ILE B 27 0.27 1.97 -6.62
CA ILE B 27 0.29 0.57 -6.24
C ILE B 27 -1.06 0.20 -5.67
N LEU B 28 -1.64 -0.88 -6.16
CA LEU B 28 -2.97 -1.30 -5.76
C LEU B 28 -2.91 -2.62 -5.02
N ILE B 29 -3.33 -2.61 -3.77
CA ILE B 29 -3.38 -3.83 -2.99
C ILE B 29 -4.79 -4.06 -2.47
N GLU B 30 -5.51 -4.98 -3.08
CA GLU B 30 -6.88 -5.25 -2.67
C GLU B 30 -6.96 -6.59 -1.95
N ASN B 31 -7.95 -6.70 -1.09
CA ASN B 31 -8.15 -7.90 -0.31
C ASN B 31 -9.22 -8.75 -0.94
N LYS B 32 -8.83 -9.91 -1.44
CA LYS B 32 -9.76 -10.82 -2.08
C LYS B 32 -9.50 -12.26 -1.65
N ALA B 33 -10.19 -12.68 -0.60
CA ALA B 33 -10.10 -14.05 -0.13
C ALA B 33 -11.49 -14.58 0.22
N PRO B 34 -11.66 -15.90 0.34
CA PRO B 34 -12.96 -16.47 0.69
C PRO B 34 -13.41 -16.09 2.09
N ASN B 35 -12.47 -16.08 3.04
CA ASN B 35 -12.80 -15.86 4.45
C ASN B 35 -11.82 -14.89 5.12
N SER B 36 -11.38 -13.89 4.38
CA SER B 36 -10.41 -12.95 4.90
C SER B 36 -11.02 -11.96 5.87
N LYS B 37 -10.37 -11.79 7.02
CA LYS B 37 -10.84 -10.86 8.03
C LYS B 37 -9.68 -10.02 8.57
N PRO B 38 -9.23 -9.01 7.81
CA PRO B 38 -8.15 -8.13 8.26
C PRO B 38 -8.57 -7.24 9.41
N ASP B 39 -7.68 -7.07 10.36
CA ASP B 39 -7.97 -6.29 11.55
C ASP B 39 -7.60 -4.84 11.36
N ARG B 40 -6.43 -4.61 10.77
CA ARG B 40 -5.89 -3.26 10.64
C ARG B 40 -4.79 -3.21 9.60
N PHE B 41 -4.32 -2.01 9.33
CA PHE B 41 -3.20 -1.81 8.42
C PHE B 41 -2.12 -1.00 9.10
N SER B 42 -0.88 -1.46 8.98
CA SER B 42 0.25 -0.73 9.55
C SER B 42 1.39 -0.70 8.54
N PRO B 43 1.32 0.19 7.55
CA PRO B 43 2.36 0.35 6.55
C PRO B 43 3.44 1.33 6.99
N SER B 44 4.64 1.15 6.45
CA SER B 44 5.76 2.02 6.78
C SER B 44 6.80 1.98 5.68
N TYR B 45 7.51 3.09 5.53
CA TYR B 45 8.53 3.22 4.50
C TYR B 45 9.92 3.22 5.12
N ASN B 46 10.77 2.32 4.65
CA ASN B 46 12.14 2.25 5.14
C ASN B 46 13.10 2.79 4.09
N PHE B 47 13.81 3.87 4.45
CA PHE B 47 14.75 4.52 3.55
C PHE B 47 15.98 3.66 3.32
N ALA B 48 16.14 2.64 4.17
CA ALA B 48 17.27 1.74 4.07
C ALA B 48 17.29 1.02 2.72
N GLU B 49 16.15 0.43 2.38
CA GLU B 49 16.04 -0.31 1.13
C GLU B 49 15.09 0.39 0.19
N ASN B 50 14.56 1.53 0.67
CA ASN B 50 13.48 2.28 0.00
C ASN B 50 12.30 1.37 -0.35
N ILE B 51 11.89 0.59 0.65
CA ILE B 51 10.75 -0.31 0.50
C ILE B 51 9.56 0.24 1.30
N LEU B 52 8.36 0.00 0.79
CA LEU B 52 7.15 0.40 1.47
C LEU B 52 6.36 -0.85 1.84
N TYR B 53 6.42 -1.24 3.10
CA TYR B 53 5.73 -2.44 3.54
C TYR B 53 4.33 -2.09 4.02
N ILE B 54 3.37 -2.94 3.68
CA ILE B 54 1.97 -2.66 3.96
C ILE B 54 1.53 -3.27 5.29
N ASN B 55 1.89 -4.51 5.49
CA ASN B 55 1.45 -5.25 6.67
C ASN B 55 2.35 -6.45 6.86
N GLY B 56 2.11 -7.22 7.91
CA GLY B 56 2.89 -8.41 8.17
C GLY B 56 2.51 -9.56 7.25
N LYS B 57 2.11 -9.21 6.03
CA LYS B 57 1.69 -10.20 5.04
C LYS B 57 2.50 -10.02 3.78
N LEU B 58 2.66 -8.76 3.37
CA LEU B 58 3.38 -8.43 2.15
C LEU B 58 4.00 -7.03 2.22
N SER B 59 5.07 -6.86 1.47
CA SER B 59 5.76 -5.59 1.39
C SER B 59 5.89 -5.16 -0.07
N ILE B 60 5.84 -3.86 -0.32
CA ILE B 60 5.91 -3.32 -1.67
C ILE B 60 7.26 -2.64 -1.90
N PRO B 61 8.12 -3.23 -2.74
CA PRO B 61 9.41 -2.65 -3.05
C PRO B 61 9.29 -1.46 -4.01
N LEU B 62 9.96 -0.37 -3.68
CA LEU B 62 9.85 0.83 -4.48
C LEU B 62 11.08 1.00 -5.37
N PRO B 63 10.91 1.60 -6.56
CA PRO B 63 12.01 1.85 -7.49
C PRO B 63 12.95 2.95 -6.99
N ARG B 64 14.22 2.77 -7.25
CA ARG B 64 15.24 3.70 -6.79
C ARG B 64 15.30 4.93 -7.69
N ASP B 65 14.55 4.90 -8.77
CA ASP B 65 14.51 6.02 -9.71
C ASP B 65 13.60 7.11 -9.17
N ILE B 66 12.75 6.72 -8.24
CA ILE B 66 11.77 7.63 -7.67
C ILE B 66 12.16 8.01 -6.24
N VAL B 67 12.13 9.30 -5.96
CA VAL B 67 12.37 9.78 -4.61
C VAL B 67 11.07 9.74 -3.83
N VAL B 68 11.03 8.92 -2.81
CA VAL B 68 9.81 8.69 -2.06
C VAL B 68 10.02 8.93 -0.58
N ASN B 69 9.07 9.65 0.02
CA ASN B 69 9.11 9.98 1.44
C ASN B 69 7.71 9.91 2.01
N ALA B 70 7.63 9.88 3.34
CA ALA B 70 6.37 9.72 4.05
C ALA B 70 5.41 10.87 3.80
N ALA B 71 5.95 11.97 3.29
CA ALA B 71 5.14 13.15 3.00
C ALA B 71 4.59 13.08 1.58
N ASP B 72 5.11 12.15 0.81
CA ASP B 72 4.73 12.00 -0.60
C ASP B 72 3.90 10.73 -0.78
N ILE B 73 4.14 9.78 0.10
CA ILE B 73 3.41 8.52 0.13
C ILE B 73 1.97 8.74 0.56
N LYS B 74 1.03 8.48 -0.33
CA LYS B 74 -0.37 8.64 -0.04
C LYS B 74 -1.05 7.28 0.07
N ILE B 75 -1.32 6.85 1.30
CA ILE B 75 -1.98 5.57 1.54
C ILE B 75 -3.42 5.79 2.00
N PHE B 76 -4.35 5.23 1.24
CA PHE B 76 -5.77 5.37 1.53
C PHE B 76 -6.47 4.02 1.41
N HIS B 77 -7.09 3.58 2.50
CA HIS B 77 -7.81 2.32 2.49
C HIS B 77 -9.29 2.56 2.24
N ILE B 78 -9.76 2.14 1.09
CA ILE B 78 -11.18 2.19 0.79
C ILE B 78 -11.83 0.88 1.19
N ARG B 79 -12.60 0.90 2.27
CA ARG B 79 -13.28 -0.29 2.74
C ARG B 79 -14.46 -0.65 1.85
N LYS B 80 -14.97 0.35 1.13
CA LYS B 80 -16.08 0.12 0.19
C LYS B 80 -15.67 -0.86 -0.90
N GLU B 81 -14.49 -0.64 -1.47
CA GLU B 81 -13.98 -1.49 -2.53
C GLU B 81 -13.09 -2.60 -1.96
N ARG B 82 -12.91 -2.55 -0.63
CA ARG B 82 -12.02 -3.48 0.08
C ARG B 82 -10.62 -3.40 -0.49
N THR B 83 -10.21 -2.21 -0.89
CA THR B 83 -8.99 -2.04 -1.64
C THR B 83 -8.12 -0.94 -1.02
N LEU B 84 -6.81 -1.18 -1.02
CA LEU B 84 -5.87 -0.20 -0.51
C LEU B 84 -5.11 0.43 -1.67
N TYR B 85 -5.22 1.75 -1.78
CA TYR B 85 -4.58 2.48 -2.85
C TYR B 85 -3.32 3.19 -2.37
N ILE B 86 -2.24 3.00 -3.11
CA ILE B 86 -0.98 3.65 -2.81
C ILE B 86 -0.61 4.60 -3.93
N TYR B 87 -0.46 5.87 -3.61
CA TYR B 87 -0.04 6.86 -4.60
C TYR B 87 1.25 7.53 -4.13
N ILE B 88 2.26 7.53 -4.99
CA ILE B 88 3.54 8.13 -4.64
C ILE B 88 3.98 9.06 -5.76
N GLY A 1 15.32 0.54 11.32
CA GLY A 1 15.86 0.37 9.95
C GLY A 1 17.36 0.63 9.89
N PRO A 2 18.06 0.02 8.92
CA PRO A 2 19.52 0.15 8.79
C PRO A 2 19.97 1.47 8.13
N HIS A 3 19.18 2.52 8.31
CA HIS A 3 19.52 3.86 7.80
C HIS A 3 18.46 4.86 8.22
N MET A 4 17.28 4.75 7.63
CA MET A 4 16.19 5.67 7.90
C MET A 4 14.87 5.03 7.49
N SER A 5 13.88 5.12 8.37
CA SER A 5 12.58 4.54 8.11
C SER A 5 11.50 5.36 8.81
N VAL A 6 10.34 5.47 8.19
CA VAL A 6 9.23 6.23 8.74
C VAL A 6 7.92 5.46 8.61
N GLN A 7 6.99 5.73 9.51
CA GLN A 7 5.68 5.09 9.46
C GLN A 7 4.69 6.01 8.75
N ILE A 8 3.86 5.45 7.90
CA ILE A 8 2.92 6.24 7.13
C ILE A 8 1.49 5.96 7.58
N PRO A 9 0.77 6.99 8.04
CA PRO A 9 -0.62 6.84 8.46
C PRO A 9 -1.56 6.58 7.28
N VAL A 10 -2.38 5.55 7.40
CA VAL A 10 -3.33 5.21 6.35
C VAL A 10 -4.73 5.73 6.70
N VAL A 11 -5.31 6.46 5.77
CA VAL A 11 -6.64 7.03 5.96
C VAL A 11 -7.68 6.12 5.34
N GLU A 12 -8.64 5.68 6.13
CA GLU A 12 -9.71 4.83 5.62
C GLU A 12 -10.89 5.66 5.19
N VAL A 13 -11.08 5.71 3.88
CA VAL A 13 -12.14 6.52 3.28
C VAL A 13 -13.03 5.69 2.36
N ASP A 14 -13.97 6.35 1.70
CA ASP A 14 -14.87 5.68 0.77
C ASP A 14 -14.26 5.73 -0.62
N GLU A 15 -13.42 6.74 -0.85
CA GLU A 15 -12.69 6.90 -2.09
C GLU A 15 -11.67 8.01 -1.96
N LEU A 16 -10.81 8.14 -2.95
CA LEU A 16 -9.75 9.14 -2.92
C LEU A 16 -10.33 10.53 -3.17
N PRO A 17 -9.67 11.56 -2.63
CA PRO A 17 -10.03 12.95 -2.92
C PRO A 17 -9.92 13.26 -4.42
N GLU A 18 -10.39 14.43 -4.78
CA GLU A 18 -10.44 14.83 -6.18
C GLU A 18 -9.04 15.08 -6.73
N GLY A 19 -8.76 14.49 -7.87
CA GLY A 19 -7.45 14.61 -8.46
C GLY A 19 -6.68 13.31 -8.43
N TYR A 20 -7.23 12.30 -7.77
CA TYR A 20 -6.60 10.98 -7.72
C TYR A 20 -7.07 10.10 -8.88
N ASP A 21 -6.33 9.03 -9.12
CA ASP A 21 -6.64 8.12 -10.22
C ASP A 21 -7.02 6.75 -9.69
N ARG A 22 -8.32 6.50 -9.60
CA ARG A 22 -8.82 5.27 -9.02
C ARG A 22 -9.27 4.28 -10.11
N SER A 23 -9.07 3.00 -9.85
CA SER A 23 -9.47 1.95 -10.77
C SER A 23 -10.59 1.11 -10.17
N PRO B 1 -2.89 -27.90 11.10
CA PRO B 1 -2.79 -26.42 11.09
C PRO B 1 -1.35 -25.97 11.32
N HIS B 2 -0.44 -26.53 10.54
CA HIS B 2 0.98 -26.18 10.65
C HIS B 2 1.35 -25.13 9.62
N GLU B 3 0.64 -25.14 8.50
CA GLU B 3 0.95 -24.23 7.40
C GLU B 3 0.19 -22.91 7.57
N GLN B 4 0.12 -22.14 6.50
CA GLN B 4 -0.53 -20.84 6.55
C GLN B 4 -2.02 -20.98 6.88
N GLN B 5 -2.50 -20.04 7.67
CA GLN B 5 -3.90 -20.04 8.10
C GLN B 5 -4.83 -19.67 6.95
N GLU B 6 -6.05 -20.14 7.05
CA GLU B 6 -7.04 -19.95 5.98
C GLU B 6 -7.69 -18.58 6.11
N ASP B 7 -7.54 -17.97 7.27
CA ASP B 7 -8.10 -16.66 7.54
C ASP B 7 -7.14 -15.56 7.11
N VAL B 8 -6.02 -15.97 6.54
CA VAL B 8 -5.05 -15.03 6.00
C VAL B 8 -5.57 -14.44 4.69
N PRO B 9 -5.82 -13.12 4.68
CA PRO B 9 -6.39 -12.44 3.52
C PRO B 9 -5.48 -12.50 2.30
N GLU B 10 -6.11 -12.71 1.14
CA GLU B 10 -5.38 -12.76 -0.12
C GLU B 10 -5.40 -11.39 -0.76
N TYR B 11 -4.30 -10.68 -0.61
CA TYR B 11 -4.14 -9.40 -1.23
C TYR B 11 -3.58 -9.54 -2.63
N GLU B 12 -4.05 -8.72 -3.54
CA GLU B 12 -3.61 -8.77 -4.92
C GLU B 12 -3.04 -7.42 -5.32
N VAL B 13 -1.74 -7.40 -5.56
CA VAL B 13 -0.99 -6.17 -5.79
C VAL B 13 -0.79 -5.88 -7.27
N LYS B 14 -0.98 -4.62 -7.64
CA LYS B 14 -0.73 -4.16 -9.00
C LYS B 14 0.08 -2.88 -8.93
N MET B 15 1.15 -2.79 -9.71
CA MET B 15 2.01 -1.61 -9.67
C MET B 15 1.92 -0.85 -10.98
N LYS B 16 1.89 0.47 -10.89
CA LYS B 16 1.72 1.30 -12.08
C LYS B 16 2.55 2.58 -11.96
N ARG B 17 3.22 2.94 -13.06
CA ARG B 17 4.09 4.11 -13.11
C ARG B 17 3.39 5.29 -13.77
N PHE B 18 3.52 6.46 -13.19
CA PHE B 18 2.96 7.68 -13.77
C PHE B 18 4.08 8.61 -14.22
N LYS B 19 3.76 9.46 -15.17
CA LYS B 19 4.72 10.42 -15.70
C LYS B 19 4.13 11.83 -15.64
N GLY B 20 4.79 12.71 -14.89
CA GLY B 20 4.32 14.08 -14.75
C GLY B 20 2.98 14.15 -14.08
N ALA B 21 2.83 13.44 -12.98
CA ALA B 21 1.56 13.42 -12.24
C ALA B 21 1.80 13.76 -10.79
N ALA B 22 0.71 13.95 -10.04
CA ALA B 22 0.80 14.30 -8.63
C ALA B 22 1.27 13.11 -7.80
N TYR B 23 1.45 11.98 -8.47
CA TYR B 23 1.92 10.76 -7.87
C TYR B 23 2.70 9.99 -8.92
N LYS B 24 3.91 9.61 -8.57
CA LYS B 24 4.80 8.97 -9.52
C LYS B 24 4.54 7.48 -9.61
N LEU B 25 4.05 6.92 -8.52
CA LEU B 25 3.79 5.49 -8.46
C LEU B 25 2.41 5.23 -7.86
N ARG B 26 1.68 4.32 -8.48
CA ARG B 26 0.38 3.89 -7.98
C ARG B 26 0.41 2.39 -7.73
N ILE B 27 0.07 1.99 -6.52
CA ILE B 27 0.05 0.58 -6.17
C ILE B 27 -1.34 0.20 -5.68
N LEU B 28 -1.89 -0.86 -6.24
CA LEU B 28 -3.22 -1.31 -5.91
C LEU B 28 -3.17 -2.64 -5.17
N ILE B 29 -3.59 -2.63 -3.92
CA ILE B 29 -3.63 -3.85 -3.13
C ILE B 29 -5.04 -4.08 -2.61
N GLU B 30 -5.74 -5.02 -3.21
CA GLU B 30 -7.11 -5.30 -2.77
C GLU B 30 -7.17 -6.64 -2.06
N ASN B 31 -8.14 -6.76 -1.17
CA ASN B 31 -8.31 -7.97 -0.39
C ASN B 31 -9.37 -8.84 -1.04
N LYS B 32 -8.96 -9.95 -1.59
CA LYS B 32 -9.87 -10.88 -2.21
C LYS B 32 -9.53 -12.32 -1.84
N ALA B 33 -10.12 -12.81 -0.77
CA ALA B 33 -9.95 -14.19 -0.36
C ALA B 33 -11.27 -14.79 0.09
N PRO B 34 -11.41 -16.13 0.03
CA PRO B 34 -12.61 -16.81 0.50
C PRO B 34 -12.87 -16.53 1.97
N ASN B 35 -11.79 -16.48 2.74
CA ASN B 35 -11.89 -16.29 4.19
C ASN B 35 -10.92 -15.22 4.65
N SER B 36 -11.23 -13.98 4.33
CA SER B 36 -10.37 -12.86 4.67
C SER B 36 -10.69 -12.32 6.06
N LYS B 37 -9.68 -12.32 6.91
CA LYS B 37 -9.81 -11.74 8.24
C LYS B 37 -8.65 -10.80 8.53
N PRO B 38 -8.66 -9.61 7.91
CA PRO B 38 -7.67 -8.56 8.19
C PRO B 38 -7.97 -7.84 9.50
N ASP B 39 -6.91 -7.61 10.25
CA ASP B 39 -7.05 -6.98 11.56
C ASP B 39 -6.90 -5.47 11.45
N ARG B 40 -5.73 -5.04 11.02
CA ARG B 40 -5.46 -3.62 10.91
C ARG B 40 -4.30 -3.39 9.94
N PHE B 41 -4.05 -2.13 9.62
CA PHE B 41 -2.98 -1.79 8.71
C PHE B 41 -2.03 -0.80 9.35
N SER B 42 -0.75 -1.10 9.28
CA SER B 42 0.27 -0.19 9.76
C SER B 42 1.40 -0.13 8.75
N PRO B 43 1.20 0.63 7.66
CA PRO B 43 2.20 0.77 6.62
C PRO B 43 3.32 1.71 7.02
N SER B 44 4.51 1.45 6.51
CA SER B 44 5.67 2.26 6.82
C SER B 44 6.69 2.18 5.69
N TYR B 45 7.33 3.30 5.42
CA TYR B 45 8.30 3.37 4.35
C TYR B 45 9.70 3.43 4.92
N ASN B 46 10.46 2.39 4.68
CA ASN B 46 11.84 2.36 5.11
C ASN B 46 12.76 2.78 3.96
N PHE B 47 13.28 4.01 4.09
CA PHE B 47 14.14 4.61 3.07
C PHE B 47 15.34 3.71 2.79
N ALA B 48 15.79 3.05 3.84
CA ALA B 48 16.96 2.20 3.80
C ALA B 48 16.90 1.20 2.64
N GLU B 49 15.74 0.58 2.47
CA GLU B 49 15.56 -0.39 1.40
C GLU B 49 14.58 0.15 0.37
N ASN B 50 14.17 1.41 0.59
CA ASN B 50 13.18 2.13 -0.23
C ASN B 50 11.93 1.28 -0.46
N ILE B 51 11.48 0.61 0.60
CA ILE B 51 10.33 -0.28 0.51
C ILE B 51 9.21 0.19 1.42
N LEU B 52 7.99 0.17 0.88
CA LEU B 52 6.81 0.55 1.63
C LEU B 52 6.06 -0.71 2.02
N TYR B 53 6.17 -1.10 3.28
CA TYR B 53 5.51 -2.31 3.73
C TYR B 53 4.11 -1.98 4.24
N ILE B 54 3.17 -2.86 3.94
CA ILE B 54 1.77 -2.62 4.30
C ILE B 54 1.42 -3.35 5.59
N ASN B 55 1.83 -4.60 5.67
CA ASN B 55 1.45 -5.46 6.77
C ASN B 55 2.48 -6.57 6.92
N GLY B 56 2.31 -7.41 7.93
CA GLY B 56 3.16 -8.57 8.08
C GLY B 56 2.81 -9.64 7.06
N LYS B 57 1.85 -9.32 6.20
CA LYS B 57 1.41 -10.21 5.16
C LYS B 57 2.25 -9.99 3.92
N LEU B 58 2.46 -8.72 3.60
CA LEU B 58 3.18 -8.35 2.39
C LEU B 58 3.80 -6.96 2.47
N SER B 59 4.87 -6.77 1.72
CA SER B 59 5.53 -5.49 1.63
C SER B 59 5.60 -5.04 0.17
N ILE B 60 5.53 -3.75 -0.07
CA ILE B 60 5.54 -3.22 -1.43
C ILE B 60 6.87 -2.52 -1.73
N PRO B 61 7.77 -3.19 -2.47
CA PRO B 61 9.05 -2.61 -2.84
C PRO B 61 8.92 -1.58 -3.95
N LEU B 62 9.44 -0.41 -3.69
CA LEU B 62 9.30 0.72 -4.61
C LEU B 62 10.49 0.77 -5.56
N PRO B 63 10.30 1.36 -6.74
CA PRO B 63 11.38 1.55 -7.71
C PRO B 63 12.42 2.54 -7.24
N ARG B 64 13.69 2.23 -7.46
CA ARG B 64 14.79 3.06 -6.98
C ARG B 64 15.01 4.24 -7.91
N ASP B 65 14.20 4.32 -8.97
CA ASP B 65 14.29 5.41 -9.94
C ASP B 65 13.43 6.59 -9.48
N ILE B 66 12.62 6.35 -8.47
CA ILE B 66 11.67 7.35 -8.00
C ILE B 66 12.04 7.85 -6.61
N VAL B 67 11.92 9.16 -6.43
CA VAL B 67 12.19 9.78 -5.14
C VAL B 67 10.97 9.68 -4.24
N VAL B 68 11.08 8.88 -3.19
CA VAL B 68 9.95 8.60 -2.32
C VAL B 68 10.19 9.07 -0.91
N ASN B 69 9.22 9.80 -0.37
CA ASN B 69 9.24 10.26 1.00
C ASN B 69 7.84 10.20 1.57
N ALA B 70 7.75 10.19 2.90
CA ALA B 70 6.46 10.08 3.60
C ALA B 70 5.58 11.28 3.32
N ALA B 71 6.17 12.33 2.78
CA ALA B 71 5.44 13.54 2.42
C ALA B 71 4.68 13.33 1.11
N ASP B 72 5.17 12.42 0.28
CA ASP B 72 4.57 12.16 -1.02
C ASP B 72 3.68 10.93 -0.95
N ILE B 73 3.99 10.05 -0.02
CA ILE B 73 3.26 8.79 0.12
C ILE B 73 1.83 9.01 0.61
N LYS B 74 0.87 8.70 -0.25
CA LYS B 74 -0.53 8.82 0.06
C LYS B 74 -1.17 7.45 0.16
N ILE B 75 -1.49 7.04 1.39
CA ILE B 75 -2.10 5.73 1.62
C ILE B 75 -3.54 5.87 2.08
N PHE B 76 -4.46 5.37 1.25
CA PHE B 76 -5.88 5.42 1.57
C PHE B 76 -6.51 4.03 1.44
N HIS B 77 -7.03 3.54 2.54
CA HIS B 77 -7.66 2.24 2.56
C HIS B 77 -9.17 2.36 2.43
N ILE B 78 -9.69 1.94 1.28
CA ILE B 78 -11.12 1.93 1.07
C ILE B 78 -11.71 0.60 1.48
N ARG B 79 -12.36 0.57 2.63
CA ARG B 79 -12.92 -0.65 3.17
C ARG B 79 -14.18 -1.03 2.40
N LYS B 80 -14.86 -0.02 1.88
CA LYS B 80 -16.08 -0.21 1.10
C LYS B 80 -15.80 -1.08 -0.13
N GLU B 81 -14.68 -0.81 -0.78
CA GLU B 81 -14.31 -1.51 -2.00
C GLU B 81 -13.30 -2.63 -1.67
N ARG B 82 -12.96 -2.72 -0.39
CA ARG B 82 -11.98 -3.71 0.10
C ARG B 82 -10.63 -3.53 -0.60
N THR B 83 -10.32 -2.30 -0.99
CA THR B 83 -9.15 -2.04 -1.79
C THR B 83 -8.28 -0.95 -1.17
N LEU B 84 -6.96 -1.17 -1.22
CA LEU B 84 -6.01 -0.20 -0.70
C LEU B 84 -5.27 0.49 -1.83
N TYR B 85 -5.40 1.81 -1.90
CA TYR B 85 -4.74 2.58 -2.93
C TYR B 85 -3.50 3.29 -2.40
N ILE B 86 -2.38 3.08 -3.08
CA ILE B 86 -1.14 3.74 -2.74
C ILE B 86 -0.73 4.69 -3.86
N TYR B 87 -0.58 5.97 -3.53
CA TYR B 87 -0.13 6.96 -4.49
C TYR B 87 1.12 7.63 -3.97
N ILE B 88 2.17 7.64 -4.77
CA ILE B 88 3.43 8.22 -4.33
C ILE B 88 4.00 9.14 -5.40
#